data_4Q3U
#
_entry.id   4Q3U
#
_cell.length_a   178.318
_cell.length_b   178.318
_cell.length_c   178.318
_cell.angle_alpha   90.00
_cell.angle_beta   90.00
_cell.angle_gamma   90.00
#
_symmetry.space_group_name_H-M   'P 21 3'
#
loop_
_entity.id
_entity.type
_entity.pdbx_description
1 polymer Arginase
2 non-polymer 'MANGANESE (II) ION'
3 non-polymer GLYCEROL
4 non-polymer NOR-N-OMEGA-HYDROXY-L-ARGININE
5 water water
#
_entity_poly.entity_id   1
_entity_poly.type   'polypeptide(L)'
_entity_poly.pdbx_seq_one_letter_code
;MGSSHHHHHHSSGLVPRGSHMMLKSVATPYYPIQDEKPKLLYTSANFLGIPTNRGQPKIGTYQGPELIRKSNFFQLVAED
GIQLTDCGDIIPVELNEAEDPQRFGMKWSRSFSLTTLRIAERVEELMKQSNKHTVELSGSKSTPLVIVGGDHSMATGTIL
GHAEAKPDLCVLWIDAHGDINTPLNSASGNMHGMPLSFLVKELQDQIPWLDDFEGIKPCLNASNIAYIGLRDLDAHETHD
IRKHGIAYFTMLDVDRMGIEAVIKEALLAVNPRLEKAIHLSFDIDALDPLVAPSTGTAVPGGLTLREGLRICEEVSATGK
LSVVELAELNPLLGSQEDVLKTQSSAVHILRACLGHCRSGHLPFKVRNLTDQGIMSRAAHMQTKQ
;
_entity_poly.pdbx_strand_id   A,B,C,D
#
loop_
_chem_comp.id
_chem_comp.type
_chem_comp.name
_chem_comp.formula
GOL non-polymer GLYCEROL 'C3 H8 O3'
MN non-polymer 'MANGANESE (II) ION' 'Mn 2'
#
# COMPACT_ATOMS: atom_id res chain seq x y z
N PRO A 38 32.43 19.44 -5.38
CA PRO A 38 31.55 19.16 -4.23
C PRO A 38 30.07 19.35 -4.56
N LYS A 39 29.19 18.73 -3.76
CA LYS A 39 27.75 18.86 -3.97
C LYS A 39 27.17 19.97 -3.07
N LEU A 40 26.11 20.62 -3.54
CA LEU A 40 25.38 21.61 -2.75
C LEU A 40 23.95 21.18 -2.55
N LEU A 41 23.37 21.54 -1.40
CA LEU A 41 21.95 21.34 -1.15
C LEU A 41 21.09 22.25 -2.02
N TYR A 42 21.53 23.49 -2.16
CA TYR A 42 20.88 24.47 -3.02
C TYR A 42 21.90 25.06 -3.98
N THR A 43 21.64 24.95 -5.28
CA THR A 43 22.59 25.37 -6.29
C THR A 43 22.24 26.75 -6.81
N SER A 44 20.96 27.08 -6.78
CA SER A 44 20.59 28.46 -7.06
C SER A 44 19.70 29.02 -5.95
N ALA A 45 19.39 30.30 -6.03
CA ALA A 45 18.62 31.01 -5.02
C ALA A 45 18.18 32.36 -5.57
N ASN A 46 17.01 32.82 -5.10
CA ASN A 46 16.51 34.15 -5.42
C ASN A 46 16.66 35.13 -4.27
N PHE A 47 16.79 36.41 -4.62
CA PHE A 47 17.02 37.48 -3.65
C PHE A 47 16.00 38.59 -3.89
N LEU A 48 15.37 39.05 -2.82
CA LEU A 48 14.30 40.03 -2.92
C LEU A 48 14.41 41.02 -1.79
N GLY A 49 14.33 42.31 -2.11
CA GLY A 49 14.30 43.34 -1.09
C GLY A 49 12.88 43.80 -0.83
N ILE A 50 12.58 44.05 0.43
CA ILE A 50 11.29 44.64 0.83
C ILE A 50 11.55 45.77 1.83
N PRO A 51 11.65 47.02 1.33
CA PRO A 51 12.03 48.16 2.18
C PRO A 51 10.88 48.72 3.01
N THR A 52 10.14 47.86 3.72
CA THR A 52 9.09 48.32 4.61
C THR A 52 9.65 49.25 5.70
N ASN A 53 8.92 50.33 6.00
CA ASN A 53 9.32 51.29 7.03
C ASN A 53 8.09 51.88 7.74
N ARG A 54 6.90 51.41 7.39
CA ARG A 54 5.66 51.89 7.99
C ARG A 54 5.18 50.97 9.13
N GLY A 55 6.05 50.06 9.57
CA GLY A 55 5.68 49.12 10.60
C GLY A 55 6.23 49.55 11.94
N GLN A 56 7.00 50.63 11.93
CA GLN A 56 7.69 51.10 13.10
C GLN A 56 8.15 52.50 12.76
N PRO A 57 8.43 53.34 13.76
CA PRO A 57 8.55 54.78 13.45
C PRO A 57 9.96 55.28 13.15
N LYS A 58 10.99 54.48 13.33
CA LYS A 58 12.34 54.97 13.05
C LYS A 58 12.65 54.86 11.57
N ILE A 59 13.00 55.97 10.95
CA ILE A 59 13.28 55.95 9.54
C ILE A 59 14.63 55.22 9.30
N GLY A 60 14.69 54.42 8.24
CA GLY A 60 15.93 53.79 7.86
C GLY A 60 15.87 52.32 7.53
N THR A 61 14.88 51.59 8.04
CA THR A 61 14.78 50.17 7.70
C THR A 61 14.55 50.02 6.19
N TYR A 62 14.10 51.07 5.51
CA TYR A 62 13.93 51.01 4.05
C TYR A 62 15.30 50.91 3.34
N GLN A 63 16.38 51.22 4.04
CA GLN A 63 17.72 51.09 3.47
C GLN A 63 18.35 49.71 3.73
N GLY A 64 17.63 48.85 4.45
CA GLY A 64 18.09 47.49 4.68
C GLY A 64 18.58 46.70 3.48
N PRO A 65 17.76 46.58 2.42
CA PRO A 65 18.18 45.77 1.26
C PRO A 65 19.44 46.33 0.60
N GLU A 66 19.48 47.64 0.42
CA GLU A 66 20.67 48.29 -0.09
C GLU A 66 21.92 47.98 0.77
N LEU A 67 21.76 47.94 2.09
CA LEU A 67 22.88 47.63 2.98
C LEU A 67 23.54 46.30 2.62
N ILE A 68 22.71 45.32 2.25
CA ILE A 68 23.17 44.01 1.86
C ILE A 68 23.68 43.95 0.40
N ARG A 69 23.02 44.67 -0.51
CA ARG A 69 23.45 44.67 -1.93
C ARG A 69 24.81 45.31 -2.04
N LYS A 70 25.05 46.27 -1.15
CA LYS A 70 26.25 47.10 -1.14
C LYS A 70 27.43 46.33 -0.54
N SER A 71 27.14 45.14 0.00
CA SER A 71 28.13 44.34 0.68
C SER A 71 28.75 43.34 -0.29
N ASN A 72 29.70 42.55 0.18
CA ASN A 72 30.25 41.47 -0.66
C ASN A 72 29.40 40.18 -0.62
N PHE A 73 28.17 40.26 -0.11
CA PHE A 73 27.30 39.09 -0.03
C PHE A 73 27.17 38.31 -1.33
N PHE A 74 26.77 38.98 -2.42
CA PHE A 74 26.58 38.31 -3.71
C PHE A 74 27.86 37.62 -4.19
N GLN A 75 28.99 38.30 -3.99
CA GLN A 75 30.26 37.77 -4.44
C GLN A 75 30.60 36.49 -3.69
N LEU A 76 30.45 36.53 -2.36
CA LEU A 76 30.76 35.38 -1.51
C LEU A 76 29.90 34.17 -1.84
N VAL A 77 28.61 34.41 -2.08
CA VAL A 77 27.69 33.33 -2.45
C VAL A 77 28.09 32.72 -3.80
N ALA A 78 28.44 33.55 -4.79
CA ALA A 78 28.85 32.98 -6.07
C ALA A 78 30.14 32.19 -5.87
N GLU A 79 31.05 32.71 -5.04
CA GLU A 79 32.29 32.00 -4.78
C GLU A 79 32.04 30.60 -4.20
N ASP A 80 30.87 30.38 -3.59
CA ASP A 80 30.53 29.05 -3.07
C ASP A 80 29.84 28.15 -4.10
N GLY A 81 29.64 28.65 -5.31
CA GLY A 81 29.02 27.87 -6.37
C GLY A 81 27.50 27.97 -6.46
N ILE A 82 26.92 28.96 -5.79
CA ILE A 82 25.48 29.17 -5.87
C ILE A 82 25.12 30.26 -6.87
N GLN A 83 24.18 29.97 -7.74
CA GLN A 83 23.68 30.99 -8.66
C GLN A 83 22.58 31.80 -7.98
N LEU A 84 22.90 33.04 -7.65
CA LEU A 84 21.97 33.90 -6.95
C LEU A 84 21.37 34.96 -7.89
N THR A 85 20.04 34.94 -8.03
CA THR A 85 19.35 35.91 -8.89
C THR A 85 18.68 37.04 -8.12
N ASP A 86 19.12 38.27 -8.34
CA ASP A 86 18.48 39.42 -7.71
C ASP A 86 17.14 39.74 -8.36
N CYS A 87 16.05 39.54 -7.65
CA CYS A 87 14.75 39.76 -8.22
C CYS A 87 14.23 41.17 -7.96
N GLY A 88 15.11 42.06 -7.51
CA GLY A 88 14.73 43.45 -7.28
C GLY A 88 14.05 43.67 -5.95
N ASP A 89 13.35 44.79 -5.83
CA ASP A 89 12.64 45.17 -4.60
C ASP A 89 11.15 45.18 -4.80
N ILE A 90 10.40 44.79 -3.78
CA ILE A 90 8.98 45.08 -3.72
C ILE A 90 8.76 46.51 -3.28
N ILE A 91 7.96 47.26 -4.03
CA ILE A 91 7.63 48.63 -3.65
C ILE A 91 6.47 48.65 -2.65
N PRO A 92 6.73 49.11 -1.41
CA PRO A 92 5.63 49.13 -0.44
C PRO A 92 4.60 50.21 -0.73
N VAL A 93 3.37 49.98 -0.32
CA VAL A 93 2.35 51.03 -0.40
C VAL A 93 2.47 51.94 0.81
N GLU A 94 2.85 53.20 0.59
CA GLU A 94 2.92 54.17 1.69
C GLU A 94 1.92 55.32 1.51
N LEU A 95 0.76 55.18 2.14
CA LEU A 95 -0.31 56.18 2.07
C LEU A 95 0.04 57.40 2.92
N ASN A 96 -0.64 58.53 2.70
CA ASN A 96 -0.40 59.69 3.57
C ASN A 96 -1.29 59.66 4.83
N GLU A 97 -1.03 60.58 5.75
CA GLU A 97 -1.75 60.63 7.03
C GLU A 97 -3.26 60.66 6.85
N ALA A 98 -3.74 61.48 5.90
CA ALA A 98 -5.16 61.64 5.69
C ALA A 98 -5.82 60.35 5.24
N GLU A 99 -5.14 59.60 4.38
CA GLU A 99 -5.68 58.36 3.83
C GLU A 99 -5.59 57.19 4.81
N ASP A 100 -4.70 57.31 5.78
CA ASP A 100 -4.43 56.17 6.65
C ASP A 100 -4.46 56.63 8.11
N PRO A 101 -5.65 56.98 8.61
CA PRO A 101 -5.73 57.35 10.03
C PRO A 101 -5.58 56.11 10.91
N GLN A 102 -5.33 56.31 12.20
CA GLN A 102 -5.33 55.20 13.15
C GLN A 102 -6.62 54.46 13.10
N ARG A 103 -6.55 53.14 13.26
CA ARG A 103 -7.75 52.34 13.39
C ARG A 103 -7.45 51.24 14.41
N PHE A 104 -8.24 51.18 15.48
CA PHE A 104 -7.97 50.30 16.61
C PHE A 104 -6.54 50.49 17.14
N GLY A 105 -6.05 51.71 17.09
CA GLY A 105 -4.74 52.01 17.61
C GLY A 105 -3.61 51.75 16.63
N MET A 106 -3.89 51.04 15.53
CA MET A 106 -2.84 50.68 14.59
C MET A 106 -2.38 51.89 13.82
N LYS A 107 -1.06 52.04 13.72
CA LYS A 107 -0.49 53.07 12.86
C LYS A 107 -0.24 52.51 11.48
N TRP A 108 -0.78 53.19 10.47
CA TRP A 108 -0.51 52.87 9.07
C TRP A 108 -1.04 51.51 8.65
N SER A 109 -2.21 51.15 9.17
CA SER A 109 -2.80 49.84 8.96
C SER A 109 -3.29 49.59 7.54
N ARG A 110 -3.62 50.66 6.81
CA ARG A 110 -4.08 50.44 5.43
C ARG A 110 -2.88 50.37 4.50
N SER A 111 -1.82 51.11 4.84
CA SER A 111 -0.54 50.92 4.18
C SER A 111 -0.11 49.45 4.39
N PHE A 112 -0.24 48.99 5.65
CA PHE A 112 0.07 47.60 6.01
C PHE A 112 -0.72 46.61 5.16
N SER A 113 -2.04 46.75 5.10
CA SER A 113 -2.83 45.73 4.43
C SER A 113 -2.57 45.74 2.93
N LEU A 114 -2.44 46.93 2.36
CA LEU A 114 -2.19 47.04 0.92
C LEU A 114 -0.82 46.47 0.59
N THR A 115 0.15 46.72 1.47
CA THR A 115 1.49 46.21 1.28
C THR A 115 1.52 44.69 1.49
N THR A 116 0.77 44.21 2.48
CA THR A 116 0.69 42.79 2.75
C THR A 116 0.25 42.01 1.50
N LEU A 117 -0.72 42.53 0.79
CA LEU A 117 -1.21 41.86 -0.39
C LEU A 117 -0.25 41.98 -1.57
N ARG A 118 0.38 43.13 -1.73
CA ARG A 118 1.37 43.27 -2.79
C ARG A 118 2.55 42.30 -2.55
N ILE A 119 3.01 42.21 -1.31
CA ILE A 119 4.09 41.28 -0.95
C ILE A 119 3.70 39.84 -1.22
N ALA A 120 2.53 39.45 -0.71
CA ALA A 120 2.03 38.08 -0.84
C ALA A 120 1.96 37.66 -2.29
N GLU A 121 1.54 38.57 -3.15
CA GLU A 121 1.36 38.24 -4.54
C GLU A 121 2.72 37.99 -5.18
N ARG A 122 3.70 38.79 -4.81
CA ARG A 122 5.01 38.68 -5.45
C ARG A 122 5.75 37.43 -4.96
N VAL A 123 5.67 37.18 -3.66
CA VAL A 123 6.31 36.01 -3.11
C VAL A 123 5.67 34.73 -3.64
N GLU A 124 4.34 34.67 -3.65
CA GLU A 124 3.65 33.51 -4.21
C GLU A 124 4.10 33.20 -5.63
N GLU A 125 4.22 34.24 -6.42
CA GLU A 125 4.62 34.10 -7.80
C GLU A 125 6.07 33.53 -7.87
N LEU A 126 6.98 34.04 -7.05
CA LEU A 126 8.36 33.54 -7.07
C LEU A 126 8.46 32.10 -6.58
N MET A 127 7.75 31.78 -5.52
CA MET A 127 7.76 30.43 -4.97
C MET A 127 7.09 29.39 -5.88
N LYS A 128 6.35 29.83 -6.90
CA LYS A 128 5.66 28.87 -7.75
C LYS A 128 6.51 28.55 -8.97
N GLN A 129 7.25 29.54 -9.43
CA GLN A 129 8.23 29.30 -10.48
C GLN A 129 9.45 28.55 -9.94
N SER A 130 9.53 28.40 -8.61
CA SER A 130 10.56 27.58 -7.96
C SER A 130 10.16 26.11 -7.96
N ASN A 131 8.87 25.84 -8.15
CA ASN A 131 8.31 24.49 -8.18
C ASN A 131 8.56 23.81 -9.52
N LYS A 141 16.31 19.56 -5.84
CA LYS A 141 16.96 20.76 -5.30
C LYS A 141 16.01 21.96 -5.37
N SER A 142 15.38 22.32 -4.26
CA SER A 142 14.50 23.47 -4.26
C SER A 142 15.32 24.76 -4.40
N THR A 143 14.66 25.87 -4.74
CA THR A 143 15.35 27.14 -4.91
C THR A 143 14.91 28.13 -3.82
N PRO A 144 15.77 28.33 -2.81
CA PRO A 144 15.37 29.15 -1.67
C PRO A 144 15.21 30.61 -2.08
N LEU A 145 14.31 31.32 -1.42
CA LEU A 145 14.16 32.75 -1.62
C LEU A 145 14.69 33.50 -0.40
N VAL A 146 15.63 34.41 -0.65
CA VAL A 146 16.22 35.22 0.39
C VAL A 146 15.62 36.63 0.33
N ILE A 147 14.97 37.04 1.41
CA ILE A 147 14.33 38.32 1.50
C ILE A 147 15.03 39.19 2.54
N VAL A 148 15.43 40.36 2.11
CA VAL A 148 16.01 41.34 3.00
C VAL A 148 15.03 42.51 3.20
N GLY A 149 14.69 42.76 4.47
CA GLY A 149 13.84 43.89 4.84
C GLY A 149 14.67 45.13 5.12
N GLY A 150 14.06 46.19 5.65
CA GLY A 150 12.62 46.23 5.91
C GLY A 150 12.28 45.85 7.33
N ASP A 151 11.30 46.53 7.93
CA ASP A 151 10.88 46.17 9.29
C ASP A 151 10.04 44.88 9.25
N HIS A 152 9.81 44.28 10.41
CA HIS A 152 9.27 42.92 10.45
C HIS A 152 7.79 42.81 10.03
N SER A 153 7.13 43.93 9.84
CA SER A 153 5.72 43.91 9.45
C SER A 153 5.53 43.24 8.07
N MET A 154 6.61 43.15 7.29
CA MET A 154 6.59 42.45 6.00
C MET A 154 6.24 40.97 6.11
N ALA A 155 6.39 40.41 7.31
CA ALA A 155 6.27 38.95 7.49
C ALA A 155 4.85 38.47 7.29
N THR A 156 3.88 39.35 7.53
CA THR A 156 2.47 39.00 7.31
C THR A 156 2.31 38.70 5.83
N GLY A 157 2.87 39.57 5.00
CA GLY A 157 2.82 39.39 3.56
C GLY A 157 3.66 38.25 3.03
N THR A 158 4.86 38.07 3.57
CA THR A 158 5.76 37.07 3.00
C THR A 158 5.27 35.67 3.36
N ILE A 159 4.77 35.50 4.58
CA ILE A 159 4.29 34.19 5.00
C ILE A 159 2.99 33.87 4.26
N LEU A 160 2.13 34.87 4.12
CA LEU A 160 0.87 34.74 3.37
C LEU A 160 1.12 34.20 1.97
N GLY A 161 2.03 34.83 1.24
CA GLY A 161 2.31 34.40 -0.11
C GLY A 161 3.01 33.04 -0.17
N HIS A 162 3.92 32.83 0.78
CA HIS A 162 4.69 31.60 0.87
C HIS A 162 3.75 30.43 1.09
N ALA A 163 2.78 30.62 1.98
CA ALA A 163 1.84 29.56 2.35
C ALA A 163 0.92 29.24 1.17
N GLU A 164 0.65 30.25 0.35
CA GLU A 164 -0.11 30.02 -0.87
C GLU A 164 0.58 28.98 -1.75
N ALA A 165 1.88 29.14 -1.93
CA ALA A 165 2.66 28.23 -2.76
C ALA A 165 2.94 26.91 -2.06
N LYS A 166 3.02 26.94 -0.74
CA LYS A 166 3.38 25.75 0.02
C LYS A 166 2.59 25.75 1.31
N PRO A 167 1.32 25.35 1.23
CA PRO A 167 0.36 25.49 2.34
C PRO A 167 0.79 24.77 3.61
N ASP A 168 1.69 23.81 3.47
CA ASP A 168 2.01 22.95 4.59
C ASP A 168 3.22 23.39 5.41
N LEU A 169 3.58 24.65 5.32
CA LEU A 169 4.87 25.06 5.86
C LEU A 169 4.89 25.18 7.38
N CYS A 170 6.10 25.27 7.95
CA CYS A 170 6.24 25.65 9.35
C CYS A 170 7.03 26.95 9.38
N VAL A 171 7.03 27.63 10.52
CA VAL A 171 7.71 28.91 10.66
C VAL A 171 8.67 28.89 11.81
N LEU A 172 9.95 29.19 11.55
CA LEU A 172 10.90 29.42 12.65
C LEU A 172 11.15 30.92 12.84
N TRP A 173 10.72 31.42 13.99
CA TRP A 173 10.76 32.84 14.28
C TRP A 173 11.91 33.18 15.22
N ILE A 174 12.99 33.75 14.67
CA ILE A 174 14.18 34.06 15.44
C ILE A 174 14.15 35.53 15.78
N ASP A 175 13.99 35.86 17.06
CA ASP A 175 13.62 37.22 17.42
C ASP A 175 13.74 37.40 18.93
N ALA A 176 14.14 38.58 19.36
CA ALA A 176 14.01 38.94 20.77
C ALA A 176 12.53 39.21 21.12
N HIS A 177 11.69 39.43 20.11
CA HIS A 177 10.29 39.82 20.31
C HIS A 177 9.28 38.81 19.74
N GLY A 178 8.05 38.85 20.24
CA GLY A 178 6.99 37.93 19.84
C GLY A 178 6.31 38.26 18.52
N ASP A 179 6.14 39.56 18.28
CA ASP A 179 5.54 40.06 17.04
C ASP A 179 4.24 39.37 16.79
N ILE A 180 3.48 39.15 17.87
CA ILE A 180 2.24 38.40 17.78
C ILE A 180 1.17 39.08 18.63
N ASN A 181 1.42 40.34 18.99
CA ASN A 181 0.39 41.21 19.56
C ASN A 181 -0.84 41.32 18.64
N THR A 182 -2.01 41.06 19.20
CA THR A 182 -3.25 41.47 18.53
C THR A 182 -3.46 42.98 18.77
N PRO A 183 -4.10 43.67 17.80
CA PRO A 183 -4.16 45.13 17.76
C PRO A 183 -4.63 45.86 19.03
N LEU A 184 -5.64 45.37 19.73
CA LEU A 184 -6.10 46.09 20.92
C LEU A 184 -5.17 45.88 22.11
N ASN A 185 -4.27 44.90 22.03
CA ASN A 185 -3.29 44.70 23.09
C ASN A 185 -1.98 45.45 22.85
N SER A 186 -1.76 45.97 21.65
CA SER A 186 -0.49 46.63 21.38
C SER A 186 -0.35 47.97 22.09
N ALA A 187 0.71 48.14 22.88
CA ALA A 187 0.95 49.45 23.49
C ALA A 187 1.48 50.48 22.48
N SER A 188 2.20 50.03 21.45
CA SER A 188 2.82 50.96 20.51
C SER A 188 1.94 51.30 19.32
N GLY A 189 1.08 50.37 18.91
CA GLY A 189 0.33 50.53 17.67
C GLY A 189 1.21 50.38 16.43
N ASN A 190 2.47 49.99 16.62
CA ASN A 190 3.37 49.70 15.51
C ASN A 190 3.11 48.33 14.90
N MET A 191 2.92 48.28 13.59
CA MET A 191 2.57 47.04 12.92
C MET A 191 3.67 45.97 13.02
N HIS A 192 4.93 46.38 13.12
CA HIS A 192 6.01 45.39 13.15
C HIS A 192 5.96 44.54 14.42
N GLY A 193 5.07 44.90 15.35
CA GLY A 193 4.89 44.12 16.58
C GLY A 193 3.69 43.19 16.55
N MET A 194 3.00 43.14 15.41
CA MET A 194 1.79 42.35 15.27
C MET A 194 1.77 41.31 14.13
N PRO A 195 2.86 41.18 13.35
CA PRO A 195 2.64 40.52 12.05
C PRO A 195 2.11 39.09 12.07
N LEU A 196 2.38 38.32 13.14
CA LEU A 196 1.93 36.93 13.17
C LEU A 196 0.48 36.80 13.62
N SER A 197 -0.04 37.81 14.30
CA SER A 197 -1.37 37.66 14.91
C SER A 197 -2.44 37.53 13.85
N PHE A 198 -2.25 38.18 12.72
CA PHE A 198 -3.21 38.10 11.62
C PHE A 198 -3.18 36.75 10.92
N LEU A 199 -2.10 36.00 11.13
CA LEU A 199 -1.85 34.77 10.40
C LEU A 199 -2.25 33.53 11.21
N VAL A 200 -2.41 33.69 12.52
CA VAL A 200 -2.62 32.52 13.34
C VAL A 200 -4.13 32.31 13.58
N LYS A 201 -4.60 31.12 13.20
CA LYS A 201 -6.01 30.80 13.26
C LYS A 201 -6.57 30.92 14.67
N GLU A 202 -5.80 30.54 15.68
CA GLU A 202 -6.37 30.54 17.03
C GLU A 202 -6.53 31.95 17.61
N LEU A 203 -6.06 32.96 16.89
CA LEU A 203 -6.05 34.31 17.44
C LEU A 203 -7.17 35.16 16.86
N GLN A 204 -7.92 34.60 15.91
CA GLN A 204 -8.83 35.41 15.12
C GLN A 204 -9.99 36.05 15.90
N ASP A 205 -10.36 35.48 17.03
CA ASP A 205 -11.40 36.08 17.86
C ASP A 205 -10.88 37.33 18.61
N GLN A 206 -9.59 37.62 18.52
CA GLN A 206 -9.05 38.86 19.13
C GLN A 206 -8.54 39.87 18.11
N ILE A 207 -8.69 39.54 16.84
CA ILE A 207 -8.40 40.47 15.75
C ILE A 207 -9.67 41.24 15.36
N PRO A 208 -9.66 42.58 15.48
CA PRO A 208 -10.85 43.31 15.03
C PRO A 208 -10.98 43.24 13.52
N TRP A 209 -12.21 43.17 13.04
CA TRP A 209 -12.47 43.03 11.60
C TRP A 209 -12.27 44.35 10.86
N LEU A 210 -11.61 44.29 9.70
CA LEU A 210 -11.56 45.44 8.80
C LEU A 210 -11.67 44.93 7.37
N ASP A 211 -12.46 45.61 6.55
CA ASP A 211 -12.68 45.18 5.16
C ASP A 211 -11.39 44.99 4.41
N ASP A 212 -10.45 45.90 4.62
CA ASP A 212 -9.26 45.88 3.79
C ASP A 212 -8.29 44.77 4.23
N PHE A 213 -8.60 44.12 5.35
CA PHE A 213 -7.82 43.00 5.88
C PHE A 213 -8.41 41.65 5.48
N GLU A 214 -9.48 41.68 4.70
CA GLU A 214 -10.24 40.46 4.45
C GLU A 214 -9.39 39.44 3.70
N GLY A 215 -8.59 39.92 2.76
CA GLY A 215 -7.71 39.07 1.97
C GLY A 215 -6.47 38.57 2.69
N ILE A 216 -6.28 39.01 3.93
CA ILE A 216 -5.24 38.49 4.80
C ILE A 216 -5.80 37.28 5.54
N LYS A 217 -5.80 36.13 4.86
CA LYS A 217 -6.38 34.91 5.38
C LYS A 217 -5.39 34.20 6.31
N PRO A 218 -5.83 33.91 7.54
CA PRO A 218 -5.04 33.19 8.55
C PRO A 218 -4.63 31.83 8.03
N CYS A 219 -3.35 31.67 7.71
CA CYS A 219 -2.87 30.44 7.09
C CYS A 219 -1.98 29.61 8.02
N LEU A 220 -1.88 29.98 9.29
CA LEU A 220 -1.04 29.25 10.23
C LEU A 220 -1.80 28.71 11.42
N ASN A 221 -1.41 27.53 11.88
CA ASN A 221 -1.83 27.04 13.17
C ASN A 221 -0.76 27.32 14.20
N ALA A 222 -1.20 27.58 15.42
CA ALA A 222 -0.29 27.79 16.54
C ALA A 222 0.78 26.71 16.58
N SER A 223 0.40 25.49 16.22
CA SER A 223 1.32 24.36 16.27
C SER A 223 2.39 24.37 15.16
N ASN A 224 2.32 25.32 14.24
CA ASN A 224 3.26 25.39 13.12
C ASN A 224 4.40 26.36 13.32
N ILE A 225 4.46 27.02 14.49
CA ILE A 225 5.43 28.07 14.77
C ILE A 225 6.34 27.69 15.92
N ALA A 226 7.62 28.00 15.80
CA ALA A 226 8.53 27.87 16.92
C ALA A 226 9.37 29.13 17.01
N TYR A 227 9.49 29.66 18.23
CA TYR A 227 10.31 30.84 18.49
C TYR A 227 11.67 30.44 19.03
N ILE A 228 12.74 31.09 18.55
CA ILE A 228 14.03 31.05 19.24
C ILE A 228 14.57 32.46 19.50
N GLY A 229 15.03 32.73 20.73
CA GLY A 229 15.72 33.96 21.04
C GLY A 229 14.99 34.97 21.93
N LEU A 230 13.72 34.72 22.21
CA LEU A 230 12.89 35.66 22.96
C LEU A 230 13.50 36.16 24.27
N ARG A 231 13.28 37.44 24.57
CA ARG A 231 13.74 38.00 25.82
C ARG A 231 13.01 39.29 26.15
N ASP A 232 11.94 39.59 25.40
CA ASP A 232 11.20 40.83 25.62
C ASP A 232 9.74 40.66 25.16
N LEU A 233 9.06 39.65 25.68
CA LEU A 233 7.67 39.46 25.36
C LEU A 233 6.82 40.45 26.12
N ASP A 234 5.83 41.03 25.46
CA ASP A 234 4.77 41.74 26.17
C ASP A 234 3.86 40.70 26.86
N ALA A 235 3.29 41.07 28.00
CA ALA A 235 2.41 40.20 28.79
C ALA A 235 1.36 39.45 27.96
N HIS A 236 0.66 40.17 27.09
CA HIS A 236 -0.41 39.53 26.34
C HIS A 236 0.11 38.52 25.32
N GLU A 237 1.33 38.72 24.83
CA GLU A 237 1.99 37.73 23.97
C GLU A 237 2.28 36.46 24.74
N THR A 238 2.81 36.64 25.94
CA THR A 238 3.10 35.52 26.83
C THR A 238 1.83 34.72 27.07
N HIS A 239 0.77 35.44 27.37
CA HIS A 239 -0.52 34.80 27.54
C HIS A 239 -0.91 33.98 26.31
N ASP A 240 -0.86 34.58 25.13
CA ASP A 240 -1.26 33.86 23.90
C ASP A 240 -0.33 32.69 23.57
N ILE A 241 0.97 32.94 23.63
CA ILE A 241 1.95 31.90 23.38
C ILE A 241 1.73 30.69 24.30
N ARG A 242 1.50 30.93 25.58
CA ARG A 242 1.24 29.80 26.49
C ARG A 242 -0.13 29.16 26.29
N LYS A 243 -1.15 29.98 26.10
CA LYS A 243 -2.51 29.47 25.97
C LYS A 243 -2.65 28.50 24.81
N HIS A 244 -2.21 28.92 23.63
CA HIS A 244 -2.39 28.13 22.42
C HIS A 244 -1.25 27.16 22.15
N GLY A 245 -0.30 27.07 23.08
CA GLY A 245 0.76 26.09 23.04
C GLY A 245 1.79 26.27 21.93
N ILE A 246 2.17 27.51 21.66
CA ILE A 246 3.16 27.77 20.64
C ILE A 246 4.52 27.42 21.20
N ALA A 247 5.27 26.59 20.47
CA ALA A 247 6.64 26.25 20.89
C ALA A 247 7.51 27.50 20.98
N TYR A 248 8.17 27.71 22.11
CA TYR A 248 9.08 28.84 22.20
C TYR A 248 10.30 28.53 23.06
N PHE A 249 11.42 29.13 22.68
CA PHE A 249 12.67 28.93 23.37
C PHE A 249 13.33 30.28 23.57
N THR A 250 13.29 30.76 24.81
CA THR A 250 13.76 32.09 25.16
C THR A 250 15.27 32.03 25.42
N MET A 251 15.90 33.18 25.61
CA MET A 251 17.32 33.22 25.96
C MET A 251 17.56 32.45 27.25
N LEU A 252 16.56 32.36 28.10
CA LEU A 252 16.69 31.54 29.29
C LEU A 252 16.85 30.07 28.89
N ASP A 253 15.96 29.56 28.02
CA ASP A 253 16.12 28.20 27.49
C ASP A 253 17.49 28.00 26.84
N VAL A 254 17.91 28.99 26.06
CA VAL A 254 19.19 28.92 25.37
C VAL A 254 20.31 28.79 26.39
N ASP A 255 20.20 29.51 27.51
CA ASP A 255 21.22 29.45 28.57
C ASP A 255 21.25 28.08 29.26
N ARG A 256 20.08 27.57 29.62
CA ARG A 256 20.01 26.30 30.33
CA ARG A 256 19.97 26.29 30.32
C ARG A 256 20.22 25.08 29.41
N MET A 257 19.66 25.11 28.21
CA MET A 257 19.72 23.94 27.31
C MET A 257 20.93 23.94 26.40
N GLY A 258 21.42 25.13 26.05
CA GLY A 258 22.42 25.27 25.00
C GLY A 258 21.76 25.29 23.63
N ILE A 259 22.34 26.05 22.71
CA ILE A 259 21.72 26.28 21.40
C ILE A 259 21.56 24.99 20.59
N GLU A 260 22.51 24.07 20.72
CA GLU A 260 22.43 22.82 19.95
C GLU A 260 21.12 22.10 20.25
N ALA A 261 20.74 22.02 21.53
CA ALA A 261 19.52 21.31 21.92
C ALA A 261 18.28 22.10 21.60
N VAL A 262 18.37 23.42 21.72
CA VAL A 262 17.23 24.29 21.44
C VAL A 262 16.84 24.20 19.97
N ILE A 263 17.82 24.14 19.08
CA ILE A 263 17.54 23.99 17.66
C ILE A 263 16.85 22.67 17.40
N LYS A 264 17.40 21.61 17.97
CA LYS A 264 16.84 20.28 17.81
C LYS A 264 15.39 20.24 18.29
N GLU A 265 15.13 20.84 19.45
CA GLU A 265 13.79 20.86 20.01
C GLU A 265 12.81 21.67 19.14
N ALA A 266 13.24 22.82 18.65
CA ALA A 266 12.40 23.65 17.80
C ALA A 266 12.00 22.89 16.55
N LEU A 267 13.00 22.36 15.83
CA LEU A 267 12.73 21.56 14.63
C LEU A 267 11.86 20.35 14.92
N LEU A 268 12.02 19.74 16.10
CA LEU A 268 11.21 18.59 16.49
C LEU A 268 9.75 19.01 16.66
N ALA A 269 9.57 20.19 17.26
CA ALA A 269 8.26 20.71 17.64
C ALA A 269 7.37 21.04 16.43
N VAL A 270 7.97 21.56 15.36
CA VAL A 270 7.16 22.01 14.22
C VAL A 270 7.55 21.36 12.91
N ASN A 271 8.65 20.61 12.89
CA ASN A 271 9.00 19.88 11.67
C ASN A 271 9.63 18.52 11.95
N PRO A 272 8.91 17.64 12.68
CA PRO A 272 9.42 16.36 13.18
C PRO A 272 10.25 15.55 12.20
N ARG A 273 9.71 15.24 11.02
CA ARG A 273 10.45 14.38 10.11
C ARG A 273 10.96 15.13 8.89
N LEU A 274 11.11 16.44 9.03
CA LEU A 274 11.58 17.27 7.92
C LEU A 274 10.68 17.15 6.69
N GLU A 275 9.37 16.98 6.90
CA GLU A 275 8.43 16.90 5.78
C GLU A 275 8.02 18.29 5.25
N LYS A 276 8.03 19.30 6.11
CA LYS A 276 7.51 20.62 5.76
C LYS A 276 8.56 21.62 5.28
N ALA A 277 8.17 22.45 4.31
CA ALA A 277 8.97 23.61 3.94
C ALA A 277 9.17 24.50 5.16
N ILE A 278 10.35 25.13 5.26
CA ILE A 278 10.59 26.01 6.38
C ILE A 278 10.61 27.46 5.89
N HIS A 279 9.84 28.29 6.58
CA HIS A 279 9.92 29.73 6.48
C HIS A 279 10.69 30.24 7.70
N LEU A 280 11.94 30.62 7.49
CA LEU A 280 12.82 31.09 8.55
C LEU A 280 12.77 32.61 8.62
N SER A 281 12.13 33.17 9.65
CA SER A 281 11.97 34.62 9.78
C SER A 281 12.96 35.12 10.81
N PHE A 282 14.04 35.73 10.34
CA PHE A 282 15.14 36.10 11.22
C PHE A 282 15.19 37.60 11.50
N ASP A 283 14.83 38.00 12.72
CA ASP A 283 14.93 39.40 13.12
C ASP A 283 16.38 39.66 13.55
N ILE A 284 17.02 40.65 12.95
CA ILE A 284 18.43 40.91 13.27
C ILE A 284 18.59 41.22 14.76
N ASP A 285 17.54 41.72 15.42
CA ASP A 285 17.70 42.12 16.82
C ASP A 285 17.67 40.89 17.75
N ALA A 286 17.54 39.70 17.18
CA ALA A 286 17.73 38.47 17.95
C ALA A 286 19.18 38.40 18.38
N LEU A 287 20.09 38.78 17.48
CA LEU A 287 21.50 38.83 17.83
C LEU A 287 21.75 39.91 18.89
N ASP A 288 22.82 39.75 19.64
CA ASP A 288 23.17 40.69 20.67
C ASP A 288 23.55 42.05 20.09
N PRO A 289 23.10 43.15 20.71
CA PRO A 289 23.48 44.51 20.29
C PRO A 289 25.00 44.72 20.08
N LEU A 290 25.86 43.98 20.78
CA LEU A 290 27.30 44.05 20.55
C LEU A 290 27.68 43.65 19.12
N VAL A 291 26.83 42.85 18.47
CA VAL A 291 27.13 42.27 17.17
C VAL A 291 26.14 42.74 16.08
N ALA A 292 24.96 43.24 16.50
CA ALA A 292 23.99 43.90 15.61
C ALA A 292 23.39 45.14 16.26
N PRO A 293 24.20 46.20 16.41
CA PRO A 293 23.67 47.42 17.06
C PRO A 293 22.68 48.22 16.21
N SER A 294 22.77 48.13 14.88
CA SER A 294 21.98 49.04 14.04
C SER A 294 20.61 48.47 13.75
N THR A 295 19.74 48.61 14.74
CA THR A 295 18.40 48.07 14.63
C THR A 295 17.51 48.83 15.63
N GLY A 296 16.22 48.90 15.36
CA GLY A 296 15.36 49.83 16.04
C GLY A 296 15.09 49.56 17.50
N THR A 297 14.94 48.29 17.87
CA THR A 297 14.65 47.94 19.26
C THR A 297 15.63 46.90 19.79
N ALA A 298 16.87 47.32 20.01
CA ALA A 298 17.92 46.48 20.56
C ALA A 298 17.64 46.07 22.00
N VAL A 299 17.89 44.80 22.29
CA VAL A 299 17.72 44.26 23.64
C VAL A 299 18.95 43.50 24.08
N PRO A 300 19.54 43.89 25.21
CA PRO A 300 20.78 43.23 25.65
C PRO A 300 20.58 41.73 25.98
N GLY A 301 21.67 40.98 25.96
CA GLY A 301 21.62 39.57 26.28
C GLY A 301 21.14 38.66 25.14
N GLY A 302 21.54 38.99 23.93
CA GLY A 302 21.06 38.26 22.76
C GLY A 302 21.88 37.04 22.35
N LEU A 303 21.52 36.47 21.21
CA LEU A 303 22.27 35.37 20.67
C LEU A 303 23.65 35.90 20.30
N THR A 304 24.69 35.09 20.48
CA THR A 304 25.98 35.42 19.85
C THR A 304 25.82 35.21 18.35
N LEU A 305 26.68 35.84 17.57
CA LEU A 305 26.74 35.56 16.15
C LEU A 305 26.83 34.06 15.89
N ARG A 306 27.71 33.38 16.64
CA ARG A 306 27.88 31.93 16.48
C ARG A 306 26.59 31.17 16.73
N GLU A 307 25.85 31.53 17.78
CA GLU A 307 24.56 30.86 18.04
C GLU A 307 23.60 31.05 16.87
N GLY A 308 23.52 32.28 16.36
CA GLY A 308 22.76 32.55 15.16
C GLY A 308 23.21 31.75 13.95
N LEU A 309 24.52 31.68 13.72
CA LEU A 309 25.02 30.87 12.62
C LEU A 309 24.60 29.41 12.78
N ARG A 310 24.58 28.91 14.02
CA ARG A 310 24.21 27.51 14.25
C ARG A 310 22.75 27.25 13.88
N ILE A 311 21.88 28.18 14.25
CA ILE A 311 20.47 28.09 13.88
C ILE A 311 20.33 27.96 12.36
N CYS A 312 21.01 28.84 11.65
CA CYS A 312 20.92 28.90 10.21
C CYS A 312 21.57 27.69 9.56
N GLU A 313 22.71 27.27 10.10
CA GLU A 313 23.41 26.13 9.54
C GLU A 313 22.53 24.88 9.65
N GLU A 314 21.90 24.74 10.80
CA GLU A 314 21.04 23.58 11.03
C GLU A 314 19.82 23.65 10.12
N VAL A 315 19.19 24.81 10.07
CA VAL A 315 17.99 24.99 9.24
C VAL A 315 18.32 24.80 7.75
N SER A 316 19.44 25.35 7.30
CA SER A 316 19.88 25.12 5.93
C SER A 316 20.04 23.64 5.64
N ALA A 317 20.80 22.96 6.50
CA ALA A 317 21.14 21.55 6.30
C ALA A 317 19.95 20.59 6.26
N THR A 318 18.75 21.05 6.61
CA THR A 318 17.59 20.17 6.55
C THR A 318 17.19 19.90 5.11
N GLY A 319 17.57 20.79 4.20
CA GLY A 319 17.15 20.69 2.82
C GLY A 319 15.75 21.25 2.61
N LYS A 320 15.17 21.81 3.67
CA LYS A 320 13.81 22.34 3.62
C LYS A 320 13.69 23.86 3.73
N LEU A 321 14.82 24.56 3.66
CA LEU A 321 14.80 26.02 3.73
C LEU A 321 14.16 26.54 2.45
N SER A 322 12.95 27.06 2.59
CA SER A 322 12.16 27.49 1.45
C SER A 322 12.23 29.01 1.30
N VAL A 323 11.98 29.73 2.40
CA VAL A 323 12.17 31.18 2.45
C VAL A 323 13.02 31.52 3.68
N VAL A 324 13.99 32.42 3.53
CA VAL A 324 14.59 33.04 4.70
C VAL A 324 14.48 34.53 4.55
N GLU A 325 14.04 35.21 5.61
CA GLU A 325 13.93 36.66 5.58
C GLU A 325 14.66 37.25 6.76
N LEU A 326 15.38 38.32 6.51
CA LEU A 326 16.11 39.03 7.54
C LEU A 326 15.44 40.39 7.74
N ALA A 327 15.00 40.67 8.96
CA ALA A 327 14.24 41.89 9.22
C ALA A 327 14.95 42.83 10.19
N GLU A 328 14.56 44.10 10.10
CA GLU A 328 14.87 45.15 11.05
C GLU A 328 16.30 45.71 11.00
N LEU A 329 17.00 45.51 9.90
CA LEU A 329 18.23 46.27 9.66
C LEU A 329 17.90 47.75 9.49
N ASN A 330 18.61 48.61 10.19
CA ASN A 330 18.43 50.04 10.01
C ASN A 330 19.79 50.73 9.96
N PRO A 331 20.31 50.96 8.77
CA PRO A 331 21.64 51.55 8.64
C PRO A 331 21.66 53.03 8.97
N LEU A 332 20.52 53.57 9.39
CA LEU A 332 20.48 54.98 9.78
C LEU A 332 20.70 55.11 11.28
N LEU A 333 20.77 53.98 11.98
CA LEU A 333 20.98 53.94 13.43
C LEU A 333 22.41 53.61 13.78
N GLY A 334 22.93 54.27 14.79
CA GLY A 334 24.26 53.96 15.29
C GLY A 334 25.39 54.62 14.50
N SER A 335 26.62 54.36 14.92
CA SER A 335 27.78 54.90 14.26
C SER A 335 28.05 54.17 12.95
N GLN A 336 29.01 54.68 12.19
CA GLN A 336 29.44 54.05 10.95
C GLN A 336 29.94 52.63 11.22
N GLU A 337 30.77 52.48 12.25
CA GLU A 337 31.26 51.16 12.63
C GLU A 337 30.13 50.22 13.14
N ASP A 338 29.12 50.77 13.81
CA ASP A 338 27.93 50.00 14.17
C ASP A 338 27.24 49.40 12.95
N VAL A 339 27.08 50.22 11.92
CA VAL A 339 26.43 49.79 10.69
C VAL A 339 27.25 48.68 10.01
N LEU A 340 28.58 48.79 10.03
CA LEU A 340 29.42 47.73 9.45
C LEU A 340 29.33 46.42 10.21
N LYS A 341 29.23 46.52 11.54
CA LYS A 341 29.15 45.32 12.35
C LYS A 341 27.87 44.60 12.00
N THR A 342 26.79 45.39 11.93
CA THR A 342 25.46 44.86 11.66
C THR A 342 25.40 44.23 10.28
N GLN A 343 25.87 44.97 9.29
CA GLN A 343 25.92 44.49 7.91
C GLN A 343 26.69 43.16 7.81
N SER A 344 27.86 43.13 8.44
CA SER A 344 28.72 41.96 8.45
C SER A 344 28.00 40.75 9.06
N SER A 345 27.27 40.98 10.15
CA SER A 345 26.54 39.92 10.83
C SER A 345 25.45 39.38 9.93
N ALA A 346 24.73 40.29 9.28
CA ALA A 346 23.72 39.92 8.29
C ALA A 346 24.28 39.06 7.18
N VAL A 347 25.46 39.41 6.67
CA VAL A 347 26.04 38.68 5.56
C VAL A 347 26.45 37.27 5.99
N HIS A 348 27.11 37.15 7.13
CA HIS A 348 27.47 35.83 7.62
C HIS A 348 26.23 34.97 7.88
N ILE A 349 25.22 35.58 8.50
CA ILE A 349 23.96 34.90 8.78
C ILE A 349 23.31 34.42 7.47
N LEU A 350 23.18 35.32 6.50
CA LEU A 350 22.57 34.94 5.23
C LEU A 350 23.39 33.91 4.48
N ARG A 351 24.73 33.98 4.56
CA ARG A 351 25.53 32.99 3.85
C ARG A 351 25.30 31.61 4.45
N ALA A 352 25.13 31.55 5.78
CA ALA A 352 24.93 30.28 6.46
C ALA A 352 23.63 29.61 6.00
N CYS A 353 22.62 30.44 5.79
CA CYS A 353 21.30 30.00 5.37
C CYS A 353 21.39 29.30 4.02
N LEU A 354 22.29 29.77 3.16
CA LEU A 354 22.41 29.20 1.82
C LEU A 354 23.40 28.02 1.77
N GLY A 355 23.96 27.65 2.91
CA GLY A 355 24.75 26.45 3.02
C GLY A 355 26.23 26.70 3.24
N HIS A 356 26.61 27.95 3.48
CA HIS A 356 28.02 28.21 3.67
C HIS A 356 28.53 27.45 4.88
N CYS A 357 29.74 26.91 4.75
CA CYS A 357 30.30 26.00 5.75
C CYS A 357 31.56 26.60 6.33
N ARG A 358 31.53 26.86 7.64
CA ARG A 358 32.68 27.42 8.35
C ARG A 358 33.87 26.44 8.39
N SER A 359 33.61 25.16 8.19
CA SER A 359 34.64 24.12 8.06
C SER A 359 35.24 24.02 6.65
N GLY A 360 34.85 24.91 5.75
CA GLY A 360 35.48 24.98 4.44
C GLY A 360 34.70 24.36 3.30
N HIS A 361 35.06 24.76 2.08
CA HIS A 361 34.46 24.24 0.86
C HIS A 361 35.56 23.69 -0.03
N LEU A 362 35.30 22.56 -0.69
CA LEU A 362 36.27 22.00 -1.65
C LEU A 362 36.27 22.86 -2.87
N PRO A 363 37.40 22.88 -3.61
CA PRO A 363 37.46 23.68 -4.83
C PRO A 363 36.78 22.97 -6.00
N PHE A 364 36.38 23.71 -7.03
CA PHE A 364 35.66 23.12 -8.16
C PHE A 364 36.59 22.35 -9.07
N LYS A 365 37.78 22.92 -9.29
CA LYS A 365 38.84 22.20 -9.96
C LYS A 365 40.10 22.30 -9.11
N VAL A 366 40.77 21.18 -8.90
CA VAL A 366 42.01 21.16 -8.14
C VAL A 366 43.18 21.56 -9.05
N ARG A 367 43.87 22.63 -8.69
CA ARG A 367 45.02 23.09 -9.46
C ARG A 367 46.24 22.23 -9.21
N ASN A 368 46.97 21.95 -10.29
CA ASN A 368 48.16 21.11 -10.23
C ASN A 368 49.39 21.79 -10.86
N LEU A 369 50.53 21.66 -10.20
CA LEU A 369 51.71 22.44 -10.52
C LEU A 369 52.29 22.12 -11.91
N THR A 370 52.33 20.85 -12.28
CA THR A 370 52.91 20.46 -13.57
C THR A 370 52.20 21.03 -14.81
N ASP A 371 50.88 21.19 -14.73
CA ASP A 371 50.09 21.57 -15.90
C ASP A 371 50.51 22.91 -16.48
N GLN A 372 51.22 23.71 -15.69
CA GLN A 372 51.62 25.04 -16.12
C GLN A 372 53.07 24.99 -16.59
N GLY A 373 53.63 23.78 -16.57
CA GLY A 373 55.02 23.57 -16.97
C GLY A 373 55.97 24.03 -15.89
N ILE A 374 55.59 23.83 -14.62
CA ILE A 374 56.37 24.35 -13.50
C ILE A 374 57.02 23.26 -12.65
N MET A 375 58.30 23.45 -12.38
CA MET A 375 59.09 22.53 -11.57
C MET A 375 58.78 22.66 -10.07
N SER A 376 58.31 21.56 -9.45
CA SER A 376 58.05 21.51 -8.03
C SER A 376 59.32 21.24 -7.25
N ARG A 377 59.31 21.55 -5.95
CA ARG A 377 60.46 21.27 -5.10
C ARG A 377 60.70 19.76 -5.02
N ALA A 378 59.61 19.01 -4.89
CA ALA A 378 59.72 17.55 -4.86
C ALA A 378 60.33 17.01 -6.17
N ALA A 379 59.92 17.59 -7.29
CA ALA A 379 60.44 17.18 -8.59
C ALA A 379 61.92 17.47 -8.63
N HIS A 380 62.29 18.66 -8.18
CA HIS A 380 63.67 19.12 -8.24
C HIS A 380 64.63 18.20 -7.49
N MET A 381 64.17 17.61 -6.39
CA MET A 381 65.01 16.75 -5.59
C MET A 381 65.24 15.37 -6.22
N GLN A 382 65.70 15.36 -7.47
CA GLN A 382 66.19 14.14 -8.14
C GLN A 382 67.48 14.43 -8.91
N PRO B 38 -4.50 9.65 20.40
CA PRO B 38 -3.46 8.79 19.79
C PRO B 38 -3.32 9.02 18.27
N LYS B 39 -2.14 9.44 17.79
CA LYS B 39 -1.94 9.51 16.33
C LYS B 39 -0.68 8.70 15.94
N LEU B 40 -0.83 7.76 15.02
CA LEU B 40 0.20 6.76 14.79
C LEU B 40 1.00 6.96 13.53
N LEU B 41 2.32 6.94 13.67
CA LEU B 41 3.22 7.00 12.53
C LEU B 41 2.99 5.82 11.60
N TYR B 42 2.89 4.62 12.16
CA TYR B 42 2.58 3.43 11.37
C TYR B 42 1.30 2.81 11.93
N THR B 43 0.27 2.66 11.10
CA THR B 43 -0.99 2.13 11.60
C THR B 43 -1.10 0.64 11.32
N SER B 44 -0.32 0.15 10.37
CA SER B 44 -0.26 -1.28 10.16
C SER B 44 1.17 -1.74 9.93
N ALA B 45 1.40 -3.04 10.11
CA ALA B 45 2.71 -3.62 9.92
C ALA B 45 2.58 -5.09 9.53
N ASN B 46 3.61 -5.61 8.86
CA ASN B 46 3.67 -7.01 8.48
C ASN B 46 4.69 -7.76 9.33
N PHE B 47 4.40 -9.03 9.64
CA PHE B 47 5.30 -9.87 10.40
C PHE B 47 5.70 -11.11 9.60
N LEU B 48 6.99 -11.46 9.66
CA LEU B 48 7.55 -12.51 8.82
C LEU B 48 8.65 -13.26 9.56
N GLY B 49 8.58 -14.59 9.57
CA GLY B 49 9.56 -15.41 10.25
C GLY B 49 10.52 -16.03 9.27
N ILE B 50 11.81 -16.03 9.63
CA ILE B 50 12.84 -16.65 8.77
C ILE B 50 13.78 -17.50 9.62
N PRO B 51 13.45 -18.79 9.78
CA PRO B 51 14.19 -19.64 10.72
C PRO B 51 15.53 -20.14 10.23
N THR B 52 16.37 -19.26 9.69
CA THR B 52 17.69 -19.68 9.22
C THR B 52 18.55 -20.26 10.34
N ASN B 53 19.21 -21.38 10.07
CA ASN B 53 20.04 -22.03 11.07
C ASN B 53 21.31 -22.59 10.42
N ARG B 54 21.48 -22.34 9.13
CA ARG B 54 22.67 -22.84 8.47
C ARG B 54 23.78 -21.79 8.41
N GLY B 55 23.60 -20.69 9.14
CA GLY B 55 24.55 -19.60 9.13
C GLY B 55 25.57 -19.74 10.25
N GLN B 56 25.25 -20.64 11.18
CA GLN B 56 26.06 -20.85 12.36
C GLN B 56 25.71 -22.23 12.94
N PRO B 57 26.65 -22.85 13.67
CA PRO B 57 26.48 -24.28 14.01
C PRO B 57 25.61 -24.61 15.22
N LYS B 58 25.24 -23.62 16.03
CA LYS B 58 24.40 -23.94 17.18
C LYS B 58 22.94 -24.09 16.78
N ILE B 59 22.39 -25.28 16.98
CA ILE B 59 21.00 -25.56 16.69
C ILE B 59 20.11 -24.71 17.59
N GLY B 60 19.07 -24.12 17.02
CA GLY B 60 18.12 -23.40 17.84
C GLY B 60 17.63 -22.06 17.32
N THR B 61 18.40 -21.39 16.46
CA THR B 61 17.92 -20.12 15.94
C THR B 61 16.66 -20.33 15.08
N TYR B 62 16.41 -21.56 14.61
CA TYR B 62 15.19 -21.80 13.83
C TYR B 62 13.95 -21.66 14.71
N GLN B 63 14.14 -21.57 16.02
CA GLN B 63 13.01 -21.40 16.96
C GLN B 63 12.77 -19.94 17.28
N GLY B 64 13.56 -19.08 16.65
CA GLY B 64 13.42 -17.65 16.84
C GLY B 64 12.01 -17.12 16.58
N PRO B 65 11.49 -17.34 15.37
CA PRO B 65 10.15 -16.82 15.04
C PRO B 65 9.09 -17.32 16.00
N GLU B 66 9.13 -18.61 16.32
CA GLU B 66 8.19 -19.17 17.29
C GLU B 66 8.29 -18.49 18.66
N LEU B 67 9.50 -18.20 19.12
CA LEU B 67 9.68 -17.53 20.40
C LEU B 67 8.92 -16.21 20.50
N ILE B 68 8.88 -15.46 19.40
CA ILE B 68 8.15 -14.21 19.41
C ILE B 68 6.64 -14.44 19.22
N ARG B 69 6.28 -15.33 18.30
CA ARG B 69 4.87 -15.69 18.14
C ARG B 69 4.27 -16.20 19.47
N LYS B 70 5.01 -17.00 20.23
CA LYS B 70 4.55 -17.46 21.55
C LYS B 70 4.42 -16.36 22.59
N SER B 71 4.99 -15.19 22.34
CA SER B 71 4.97 -14.12 23.34
C SER B 71 3.69 -13.29 23.24
N ASN B 72 3.59 -12.28 24.09
CA ASN B 72 2.45 -11.37 24.03
C ASN B 72 2.66 -10.24 23.03
N PHE B 73 3.73 -10.32 22.25
CA PHE B 73 4.06 -9.30 21.25
C PHE B 73 2.86 -8.82 20.43
N PHE B 74 2.21 -9.75 19.73
CA PHE B 74 1.05 -9.43 18.91
C PHE B 74 -0.05 -8.71 19.69
N GLN B 75 -0.42 -9.26 20.83
CA GLN B 75 -1.44 -8.66 21.66
C GLN B 75 -1.04 -7.23 22.02
N LEU B 76 0.22 -7.05 22.39
CA LEU B 76 0.70 -5.73 22.81
C LEU B 76 0.66 -4.70 21.68
N VAL B 77 1.03 -5.12 20.47
CA VAL B 77 1.01 -4.23 19.32
C VAL B 77 -0.45 -3.86 18.98
N ALA B 78 -1.32 -4.88 18.99
CA ALA B 78 -2.74 -4.65 18.81
C ALA B 78 -3.27 -3.61 19.83
N GLU B 79 -2.83 -3.69 21.07
CA GLU B 79 -3.33 -2.79 22.09
C GLU B 79 -2.87 -1.35 21.88
N ASP B 80 -1.81 -1.14 21.11
CA ASP B 80 -1.40 0.22 20.77
C ASP B 80 -2.09 0.66 19.48
N GLY B 81 -2.98 -0.18 18.97
CA GLY B 81 -3.83 0.21 17.88
C GLY B 81 -3.18 0.04 16.53
N ILE B 82 -2.24 -0.89 16.44
CA ILE B 82 -1.57 -1.20 15.18
C ILE B 82 -2.07 -2.52 14.62
N GLN B 83 -2.39 -2.56 13.33
CA GLN B 83 -2.81 -3.82 12.72
C GLN B 83 -1.60 -4.62 12.23
N LEU B 84 -1.33 -5.76 12.88
CA LEU B 84 -0.21 -6.63 12.50
C LEU B 84 -0.68 -7.84 11.71
N THR B 85 -0.24 -7.93 10.47
CA THR B 85 -0.52 -9.08 9.64
C THR B 85 0.64 -10.07 9.67
N ASP B 86 0.36 -11.29 10.14
CA ASP B 86 1.29 -12.41 10.08
C ASP B 86 1.43 -12.91 8.64
N CYS B 87 2.63 -12.82 8.09
CA CYS B 87 2.82 -13.27 6.72
C CYS B 87 3.53 -14.62 6.66
N GLY B 88 3.38 -15.41 7.74
CA GLY B 88 4.03 -16.70 7.81
C GLY B 88 5.55 -16.71 7.92
N ASP B 89 6.14 -17.87 7.67
CA ASP B 89 7.58 -18.08 7.68
C ASP B 89 8.12 -18.40 6.31
N ILE B 90 9.31 -17.90 6.01
CA ILE B 90 10.05 -18.40 4.85
C ILE B 90 10.72 -19.74 5.18
N ILE B 91 10.54 -20.73 4.33
CA ILE B 91 11.19 -22.03 4.50
C ILE B 91 12.62 -21.97 3.97
N PRO B 92 13.63 -22.04 4.86
CA PRO B 92 15.00 -21.99 4.33
C PRO B 92 15.32 -23.22 3.48
N VAL B 93 16.28 -23.08 2.58
CA VAL B 93 16.80 -24.21 1.83
C VAL B 93 17.92 -24.85 2.64
N GLU B 94 17.67 -26.06 3.13
CA GLU B 94 18.67 -26.75 3.93
C GLU B 94 19.12 -28.03 3.24
N LEU B 95 20.14 -27.89 2.38
CA LEU B 95 20.72 -29.01 1.67
C LEU B 95 21.26 -30.07 2.61
N ASN B 96 21.32 -31.30 2.11
CA ASN B 96 21.95 -32.39 2.80
C ASN B 96 23.46 -32.19 2.72
N GLU B 97 24.16 -32.54 3.79
CA GLU B 97 25.62 -32.37 3.87
C GLU B 97 26.37 -32.75 2.60
N ALA B 98 26.02 -33.89 1.99
CA ALA B 98 26.77 -34.34 0.82
C ALA B 98 26.54 -33.43 -0.39
N GLU B 99 25.47 -32.65 -0.34
CA GLU B 99 25.12 -31.72 -1.42
C GLU B 99 25.75 -30.35 -1.23
N ASP B 100 26.22 -30.07 -0.02
CA ASP B 100 26.72 -28.72 0.30
C ASP B 100 28.08 -28.81 0.98
N PRO B 101 29.10 -29.27 0.24
CA PRO B 101 30.45 -29.34 0.81
C PRO B 101 31.04 -27.94 0.95
N GLN B 102 32.09 -27.80 1.77
CA GLN B 102 32.72 -26.52 2.00
C GLN B 102 33.32 -26.04 0.70
N ARG B 103 33.14 -24.75 0.40
CA ARG B 103 33.79 -24.10 -0.72
C ARG B 103 34.41 -22.81 -0.20
N PHE B 104 35.71 -22.65 -0.41
CA PHE B 104 36.44 -21.46 0.04
C PHE B 104 36.27 -21.22 1.53
N GLY B 105 36.22 -22.31 2.29
CA GLY B 105 36.09 -22.24 3.73
C GLY B 105 34.65 -22.16 4.22
N MET B 106 33.75 -21.75 3.34
CA MET B 106 32.37 -21.49 3.75
C MET B 106 31.61 -22.74 4.10
N LYS B 107 30.95 -22.72 5.26
CA LYS B 107 30.09 -23.83 5.63
C LYS B 107 28.67 -23.58 5.11
N TRP B 108 28.14 -24.54 4.37
CA TRP B 108 26.79 -24.50 3.82
C TRP B 108 26.53 -23.33 2.87
N SER B 109 27.49 -23.03 2.01
CA SER B 109 27.36 -21.86 1.13
C SER B 109 26.25 -22.00 0.09
N ARG B 110 25.97 -23.23 -0.35
CA ARG B 110 24.94 -23.42 -1.38
C ARG B 110 23.57 -23.35 -0.74
N SER B 111 23.42 -23.88 0.48
CA SER B 111 22.22 -23.62 1.26
C SER B 111 22.03 -22.10 1.38
N PHE B 112 23.12 -21.41 1.70
CA PHE B 112 23.09 -19.95 1.85
C PHE B 112 22.62 -19.24 0.58
N SER B 113 23.18 -19.61 -0.56
CA SER B 113 22.83 -18.90 -1.79
C SER B 113 21.38 -19.18 -2.18
N LEU B 114 20.95 -20.44 -2.14
CA LEU B 114 19.56 -20.75 -2.46
C LEU B 114 18.62 -20.04 -1.48
N THR B 115 19.01 -20.00 -0.22
CA THR B 115 18.16 -19.38 0.79
C THR B 115 18.05 -17.88 0.57
N THR B 116 19.19 -17.24 0.30
CA THR B 116 19.21 -15.83 -0.01
C THR B 116 18.22 -15.44 -1.14
N LEU B 117 18.32 -16.13 -2.26
CA LEU B 117 17.44 -15.85 -3.40
C LEU B 117 15.97 -16.03 -3.04
N ARG B 118 15.67 -17.08 -2.28
CA ARG B 118 14.30 -17.33 -1.88
C ARG B 118 13.80 -16.26 -0.89
N ILE B 119 14.66 -15.82 0.03
CA ILE B 119 14.31 -14.72 0.93
C ILE B 119 14.11 -13.40 0.18
N ALA B 120 15.03 -13.09 -0.74
CA ALA B 120 14.96 -11.84 -1.50
C ALA B 120 13.65 -11.73 -2.26
N GLU B 121 13.25 -12.81 -2.90
CA GLU B 121 12.00 -12.84 -3.67
C GLU B 121 10.79 -12.52 -2.81
N ARG B 122 10.70 -13.17 -1.65
CA ARG B 122 9.54 -13.00 -0.79
C ARG B 122 9.52 -11.60 -0.17
N VAL B 123 10.68 -11.07 0.18
CA VAL B 123 10.71 -9.75 0.80
C VAL B 123 10.34 -8.71 -0.24
N GLU B 124 10.90 -8.85 -1.43
CA GLU B 124 10.60 -7.93 -2.51
C GLU B 124 9.10 -7.85 -2.77
N GLU B 125 8.43 -9.01 -2.74
CA GLU B 125 7.00 -9.05 -2.96
C GLU B 125 6.24 -8.32 -1.84
N LEU B 126 6.68 -8.51 -0.62
CA LEU B 126 6.05 -7.85 0.51
C LEU B 126 6.25 -6.34 0.47
N MET B 127 7.44 -5.90 0.08
CA MET B 127 7.76 -4.48 0.06
C MET B 127 7.05 -3.76 -1.08
N LYS B 128 6.83 -4.48 -2.18
CA LYS B 128 6.20 -3.88 -3.35
C LYS B 128 4.69 -3.80 -3.18
N GLN B 129 4.11 -4.72 -2.41
CA GLN B 129 2.68 -4.71 -2.22
C GLN B 129 2.25 -3.53 -1.35
N SER B 130 3.22 -2.92 -0.66
CA SER B 130 2.94 -1.85 0.31
C SER B 130 3.78 -0.60 0.06
N SER B 142 3.34 4.24 4.96
CA SER B 142 4.40 3.25 5.14
C SER B 142 3.95 2.10 6.02
N THR B 143 4.16 0.88 5.51
CA THR B 143 3.88 -0.35 6.27
C THR B 143 5.16 -1.16 6.53
N PRO B 144 5.73 -1.02 7.74
CA PRO B 144 6.99 -1.68 8.07
C PRO B 144 6.87 -3.20 8.03
N LEU B 145 7.95 -3.86 7.62
CA LEU B 145 8.04 -5.30 7.71
C LEU B 145 8.89 -5.68 8.92
N VAL B 146 8.33 -6.50 9.79
CA VAL B 146 9.07 -6.98 10.96
C VAL B 146 9.52 -8.41 10.70
N ILE B 147 10.83 -8.63 10.69
CA ILE B 147 11.36 -9.95 10.42
C ILE B 147 12.05 -10.54 11.65
N VAL B 148 11.65 -11.73 12.05
CA VAL B 148 12.34 -12.39 13.14
C VAL B 148 13.09 -13.62 12.65
N GLY B 149 14.42 -13.60 12.82
CA GLY B 149 15.28 -14.73 12.57
C GLY B 149 15.22 -15.73 13.70
N GLY B 150 16.03 -16.78 13.62
CA GLY B 150 16.92 -16.99 12.51
C GLY B 150 18.27 -16.36 12.77
N ASP B 151 19.34 -16.98 12.28
CA ASP B 151 20.67 -16.40 12.43
C ASP B 151 20.87 -15.32 11.37
N HIS B 152 21.91 -14.50 11.56
CA HIS B 152 22.05 -13.26 10.79
C HIS B 152 22.37 -13.45 9.29
N SER B 153 22.67 -14.67 8.86
CA SER B 153 22.94 -14.92 7.44
C SER B 153 21.74 -14.55 6.56
N MET B 154 20.56 -14.47 7.18
CA MET B 154 19.36 -14.09 6.47
C MET B 154 19.46 -12.68 5.88
N ALA B 155 20.27 -11.83 6.50
CA ALA B 155 20.32 -10.41 6.15
C ALA B 155 20.74 -10.17 4.71
N THR B 156 21.50 -11.10 4.12
CA THR B 156 21.88 -10.95 2.71
C THR B 156 20.60 -11.00 1.88
N GLY B 157 19.76 -11.99 2.17
CA GLY B 157 18.51 -12.12 1.45
C GLY B 157 17.53 -10.98 1.69
N THR B 158 17.40 -10.52 2.94
CA THR B 158 16.38 -9.52 3.25
C THR B 158 16.76 -8.18 2.65
N ILE B 159 18.04 -7.84 2.70
CA ILE B 159 18.44 -6.54 2.19
C ILE B 159 18.36 -6.56 0.67
N LEU B 160 18.71 -7.68 0.07
CA LEU B 160 18.66 -7.82 -1.38
C LEU B 160 17.22 -7.60 -1.88
N GLY B 161 16.29 -8.36 -1.30
CA GLY B 161 14.88 -8.20 -1.57
C GLY B 161 14.39 -6.77 -1.31
N HIS B 162 14.64 -6.29 -0.09
CA HIS B 162 14.34 -4.91 0.28
C HIS B 162 14.91 -3.87 -0.69
N ALA B 163 16.19 -3.99 -1.04
CA ALA B 163 16.81 -3.03 -1.97
C ALA B 163 16.19 -3.08 -3.36
N GLU B 164 15.61 -4.22 -3.71
CA GLU B 164 14.99 -4.38 -5.02
C GLU B 164 13.73 -3.52 -5.09
N ALA B 165 13.10 -3.31 -3.94
CA ALA B 165 11.88 -2.52 -3.89
C ALA B 165 12.22 -1.06 -3.58
N LYS B 166 13.23 -0.85 -2.76
CA LYS B 166 13.64 0.49 -2.36
C LYS B 166 15.15 0.65 -2.55
N PRO B 167 15.59 0.90 -3.79
CA PRO B 167 17.02 0.92 -4.14
C PRO B 167 17.85 1.98 -3.41
N ASP B 168 17.22 3.01 -2.87
CA ASP B 168 17.96 4.06 -2.17
C ASP B 168 18.06 3.89 -0.65
N LEU B 169 17.80 2.69 -0.14
CA LEU B 169 17.76 2.51 1.29
C LEU B 169 19.11 2.68 1.97
N CYS B 170 19.06 2.85 3.29
CA CYS B 170 20.25 2.81 4.11
C CYS B 170 20.09 1.69 5.13
N VAL B 171 21.20 1.25 5.71
CA VAL B 171 21.18 0.14 6.65
C VAL B 171 21.79 0.53 8.00
N LEU B 172 21.03 0.28 9.06
CA LEU B 172 21.53 0.47 10.41
C LEU B 172 21.74 -0.89 11.01
N TRP B 173 23.01 -1.25 11.15
CA TRP B 173 23.41 -2.57 11.64
C TRP B 173 23.72 -2.51 13.13
N ILE B 174 22.81 -3.01 13.95
CA ILE B 174 23.04 -3.00 15.39
C ILE B 174 23.55 -4.37 15.81
N ASP B 175 24.81 -4.42 16.23
CA ASP B 175 25.47 -5.68 16.38
C ASP B 175 26.72 -5.54 17.21
N ALA B 176 27.06 -6.61 17.93
CA ALA B 176 28.37 -6.74 18.56
C ALA B 176 29.45 -7.00 17.52
N HIS B 177 29.04 -7.52 16.36
CA HIS B 177 29.97 -8.04 15.34
C HIS B 177 29.79 -7.32 14.02
N GLY B 178 30.80 -7.43 13.16
CA GLY B 178 30.78 -6.75 11.88
C GLY B 178 29.91 -7.45 10.86
N ASP B 179 29.87 -8.78 10.93
CA ASP B 179 29.15 -9.63 9.95
C ASP B 179 29.47 -9.19 8.52
N ILE B 180 30.73 -8.84 8.27
CA ILE B 180 31.14 -8.28 7.00
C ILE B 180 32.44 -8.92 6.53
N ASN B 181 32.78 -10.07 7.11
CA ASN B 181 33.92 -10.85 6.65
C ASN B 181 33.73 -11.32 5.22
N THR B 182 34.79 -11.23 4.41
CA THR B 182 34.79 -11.86 3.12
C THR B 182 35.22 -13.33 3.30
N PRO B 183 34.79 -14.23 2.39
CA PRO B 183 34.98 -15.67 2.63
C PRO B 183 36.42 -16.08 2.93
N LEU B 184 37.40 -15.59 2.18
CA LEU B 184 38.75 -16.06 2.43
C LEU B 184 39.37 -15.44 3.69
N ASN B 185 38.65 -14.55 4.39
CA ASN B 185 39.15 -14.01 5.65
C ASN B 185 38.44 -14.57 6.89
N SER B 186 37.36 -15.32 6.68
CA SER B 186 36.62 -15.85 7.81
C SER B 186 37.31 -17.03 8.45
N ALA B 187 37.71 -16.89 9.70
CA ALA B 187 38.26 -18.04 10.45
C ALA B 187 37.20 -19.09 10.78
N SER B 188 35.94 -18.67 10.90
CA SER B 188 34.89 -19.57 11.36
C SER B 188 34.26 -20.34 10.20
N GLY B 189 34.26 -19.72 9.02
CA GLY B 189 33.52 -20.26 7.89
C GLY B 189 32.01 -20.24 8.10
N ASN B 190 31.56 -19.50 9.12
CA ASN B 190 30.13 -19.38 9.38
C ASN B 190 29.52 -18.21 8.59
N MET B 191 28.48 -18.51 7.81
CA MET B 191 27.86 -17.51 6.94
C MET B 191 27.19 -16.35 7.72
N HIS B 192 26.80 -16.57 8.98
CA HIS B 192 26.16 -15.47 9.71
C HIS B 192 27.17 -14.38 10.03
N GLY B 193 28.46 -14.68 9.85
CA GLY B 193 29.51 -13.67 9.97
C GLY B 193 29.98 -13.04 8.66
N MET B 194 29.34 -13.40 7.55
CA MET B 194 29.63 -12.80 6.23
C MET B 194 28.50 -12.05 5.48
N PRO B 195 27.29 -11.87 6.09
CA PRO B 195 26.19 -11.47 5.19
C PRO B 195 26.34 -10.14 4.47
N LEU B 196 27.03 -9.15 5.05
CA LEU B 196 27.16 -7.86 4.42
C LEU B 196 28.15 -7.82 3.24
N SER B 197 29.18 -8.67 3.28
CA SER B 197 30.26 -8.54 2.29
C SER B 197 29.75 -8.84 0.88
N PHE B 198 28.81 -9.78 0.73
CA PHE B 198 28.21 -10.04 -0.59
C PHE B 198 27.37 -8.90 -1.13
N LEU B 199 26.98 -7.96 -0.27
CA LEU B 199 26.08 -6.88 -0.65
C LEU B 199 26.80 -5.57 -0.96
N VAL B 200 28.04 -5.46 -0.51
CA VAL B 200 28.74 -4.18 -0.58
C VAL B 200 29.60 -4.07 -1.82
N LYS B 201 29.28 -3.10 -2.67
CA LYS B 201 29.93 -2.99 -3.97
C LYS B 201 31.44 -2.88 -3.86
N GLU B 202 31.91 -2.10 -2.88
CA GLU B 202 33.34 -1.85 -2.78
C GLU B 202 34.13 -3.09 -2.40
N LEU B 203 33.45 -4.16 -2.00
CA LEU B 203 34.15 -5.36 -1.57
C LEU B 203 34.08 -6.51 -2.60
N GLN B 204 33.57 -6.25 -3.80
CA GLN B 204 33.32 -7.33 -4.74
C GLN B 204 34.58 -7.97 -5.33
N ASP B 205 35.71 -7.31 -5.27
CA ASP B 205 36.94 -7.96 -5.71
C ASP B 205 37.52 -8.81 -4.59
N GLN B 206 36.76 -8.95 -3.51
CA GLN B 206 37.17 -9.81 -2.40
C GLN B 206 36.21 -11.00 -2.22
N ILE B 207 35.14 -11.02 -3.01
CA ILE B 207 34.25 -12.19 -3.05
C ILE B 207 34.67 -13.16 -4.17
N PRO B 208 35.01 -14.39 -3.80
CA PRO B 208 35.32 -15.41 -4.81
C PRO B 208 34.12 -15.70 -5.69
N TRP B 209 34.34 -15.72 -7.01
CA TRP B 209 33.28 -16.08 -7.95
C TRP B 209 32.76 -17.50 -7.72
N LEU B 210 31.45 -17.63 -7.67
CA LEU B 210 30.79 -18.93 -7.54
C LEU B 210 29.49 -18.85 -8.34
N ASP B 211 29.29 -19.81 -9.23
CA ASP B 211 28.18 -19.74 -10.19
C ASP B 211 26.84 -19.60 -9.52
N ASP B 212 26.62 -20.31 -8.41
CA ASP B 212 25.31 -20.24 -7.77
C ASP B 212 25.11 -18.90 -7.09
N PHE B 213 26.19 -18.13 -6.98
CA PHE B 213 26.14 -16.82 -6.35
C PHE B 213 25.82 -15.71 -7.34
N GLU B 214 25.60 -16.04 -8.61
CA GLU B 214 25.48 -14.97 -9.57
C GLU B 214 24.30 -14.05 -9.26
N GLY B 215 23.21 -14.63 -8.73
CA GLY B 215 22.00 -13.87 -8.47
C GLY B 215 22.11 -12.92 -7.29
N ILE B 216 23.17 -13.06 -6.51
CA ILE B 216 23.36 -12.23 -5.34
C ILE B 216 24.12 -10.97 -5.75
N LYS B 217 23.36 -9.94 -6.10
CA LYS B 217 23.92 -8.71 -6.66
C LYS B 217 24.12 -7.67 -5.58
N PRO B 218 25.36 -7.21 -5.40
CA PRO B 218 25.70 -6.14 -4.47
C PRO B 218 24.78 -4.94 -4.70
N CYS B 219 24.13 -4.46 -3.64
CA CYS B 219 23.10 -3.44 -3.82
C CYS B 219 23.28 -2.31 -2.82
N LEU B 220 24.38 -2.37 -2.08
CA LEU B 220 24.72 -1.34 -1.10
C LEU B 220 25.99 -0.65 -1.49
N ASN B 221 26.09 0.63 -1.19
CA ASN B 221 27.39 1.28 -1.16
C ASN B 221 27.87 1.31 0.30
N ALA B 222 29.19 1.28 0.49
CA ALA B 222 29.76 1.39 1.84
C ALA B 222 29.18 2.60 2.58
N SER B 223 28.89 3.68 1.85
CA SER B 223 28.39 4.90 2.46
C SER B 223 26.94 4.81 2.91
N ASN B 224 26.28 3.69 2.60
CA ASN B 224 24.89 3.48 2.99
C ASN B 224 24.71 2.72 4.31
N ILE B 225 25.80 2.16 4.84
CA ILE B 225 25.76 1.38 6.08
C ILE B 225 26.23 2.17 7.31
N ALA B 226 25.57 2.00 8.45
CA ALA B 226 26.18 2.46 9.73
C ALA B 226 26.01 1.44 10.83
N TYR B 227 27.10 1.19 11.55
CA TYR B 227 27.13 0.24 12.66
C TYR B 227 26.90 0.91 14.00
N ILE B 228 26.14 0.26 14.88
CA ILE B 228 26.15 0.65 16.29
C ILE B 228 26.26 -0.58 17.20
N GLY B 229 27.19 -0.55 18.14
CA GLY B 229 27.25 -1.53 19.20
C GLY B 229 28.45 -2.44 19.14
N LEU B 230 29.33 -2.23 18.15
CA LEU B 230 30.47 -3.13 17.91
C LEU B 230 31.43 -3.26 19.10
N ARG B 231 31.88 -4.49 19.34
CA ARG B 231 32.90 -4.72 20.36
C ARG B 231 33.70 -6.01 20.09
N ASP B 232 33.54 -6.59 18.92
CA ASP B 232 34.23 -7.85 18.63
C ASP B 232 34.47 -8.03 17.14
N LEU B 233 35.04 -6.99 16.53
CA LEU B 233 35.43 -7.00 15.14
C LEU B 233 36.65 -7.87 14.92
N ASP B 234 36.59 -8.74 13.93
CA ASP B 234 37.78 -9.39 13.42
C ASP B 234 38.65 -8.35 12.72
N ALA B 235 39.96 -8.61 12.71
CA ALA B 235 40.94 -7.66 12.18
C ALA B 235 40.65 -7.24 10.76
N HIS B 236 40.37 -8.21 9.89
CA HIS B 236 40.09 -7.88 8.49
C HIS B 236 38.79 -7.11 8.32
N GLU B 237 37.86 -7.22 9.27
CA GLU B 237 36.67 -6.37 9.23
C GLU B 237 37.05 -4.94 9.56
N THR B 238 37.90 -4.77 10.56
CA THR B 238 38.40 -3.46 10.90
C THR B 238 39.06 -2.84 9.68
N HIS B 239 39.85 -3.64 8.97
CA HIS B 239 40.54 -3.11 7.80
C HIS B 239 39.58 -2.59 6.74
N ASP B 240 38.62 -3.44 6.34
CA ASP B 240 37.67 -3.05 5.30
C ASP B 240 36.75 -1.90 5.73
N ILE B 241 36.33 -1.90 6.99
CA ILE B 241 35.47 -0.84 7.49
C ILE B 241 36.18 0.51 7.46
N ARG B 242 37.45 0.53 7.87
CA ARG B 242 38.21 1.76 7.84
C ARG B 242 38.56 2.14 6.41
N LYS B 243 39.00 1.17 5.62
CA LYS B 243 39.39 1.45 4.23
C LYS B 243 38.27 2.12 3.46
N HIS B 244 37.07 1.59 3.57
CA HIS B 244 35.98 2.06 2.74
C HIS B 244 35.07 3.09 3.42
N GLY B 245 35.48 3.55 4.59
CA GLY B 245 34.82 4.66 5.25
C GLY B 245 33.41 4.36 5.69
N ILE B 246 33.17 3.13 6.13
CA ILE B 246 31.85 2.79 6.64
C ILE B 246 31.67 3.46 7.99
N ALA B 247 30.57 4.18 8.19
CA ALA B 247 30.28 4.79 9.47
C ALA B 247 30.12 3.68 10.51
N TYR B 248 30.80 3.82 11.63
CA TYR B 248 30.69 2.82 12.68
C TYR B 248 30.89 3.40 14.10
N PHE B 249 29.99 3.03 15.01
CA PHE B 249 30.06 3.47 16.39
C PHE B 249 30.14 2.28 17.32
N THR B 250 31.31 2.08 17.91
CA THR B 250 31.53 0.94 18.77
C THR B 250 31.03 1.24 20.18
N MET B 251 31.08 0.24 21.06
CA MET B 251 30.74 0.46 22.47
C MET B 251 31.66 1.50 23.10
N LEU B 252 32.89 1.63 22.60
CA LEU B 252 33.76 2.69 23.10
C LEU B 252 33.17 4.07 22.73
N ASP B 253 32.61 4.21 21.52
CA ASP B 253 31.98 5.48 21.15
C ASP B 253 30.72 5.72 21.96
N VAL B 254 29.93 4.68 22.19
CA VAL B 254 28.75 4.80 23.03
C VAL B 254 29.15 5.27 24.42
N ASP B 255 30.23 4.71 24.96
CA ASP B 255 30.77 5.18 26.24
C ASP B 255 31.20 6.66 26.20
N ARG B 256 32.00 7.07 25.22
CA ARG B 256 32.50 8.43 25.24
CA ARG B 256 32.51 8.43 25.18
C ARG B 256 31.45 9.45 24.80
N MET B 257 30.58 9.09 23.85
CA MET B 257 29.62 10.06 23.31
C MET B 257 28.23 9.99 23.90
N GLY B 258 27.87 8.83 24.45
CA GLY B 258 26.51 8.65 24.92
C GLY B 258 25.65 8.16 23.77
N ILE B 259 24.65 7.34 24.06
CA ILE B 259 23.85 6.74 22.99
C ILE B 259 23.04 7.77 22.20
N GLU B 260 22.67 8.90 22.82
CA GLU B 260 21.86 9.88 22.09
C GLU B 260 22.69 10.48 20.97
N ALA B 261 23.93 10.82 21.28
CA ALA B 261 24.81 11.42 20.28
C ALA B 261 25.16 10.39 19.19
N VAL B 262 25.37 9.13 19.58
CA VAL B 262 25.61 8.06 18.61
C VAL B 262 24.45 7.92 17.63
N ILE B 263 23.21 7.82 18.14
CA ILE B 263 22.09 7.64 17.24
C ILE B 263 22.00 8.80 16.26
N LYS B 264 22.24 10.02 16.72
CA LYS B 264 22.11 11.18 15.85
C LYS B 264 23.16 11.12 14.74
N GLU B 265 24.40 10.78 15.08
CA GLU B 265 25.50 10.74 14.13
C GLU B 265 25.34 9.60 13.14
N ALA B 266 24.83 8.44 13.59
CA ALA B 266 24.58 7.34 12.66
C ALA B 266 23.54 7.75 11.60
N LEU B 267 22.45 8.39 12.01
CA LEU B 267 21.44 8.84 11.04
C LEU B 267 22.01 9.96 10.15
N LEU B 268 22.77 10.87 10.75
CA LEU B 268 23.44 11.91 9.98
C LEU B 268 24.30 11.33 8.87
N ALA B 269 25.04 10.29 9.22
CA ALA B 269 26.03 9.70 8.34
C ALA B 269 25.44 9.00 7.14
N VAL B 270 24.28 8.33 7.30
CA VAL B 270 23.69 7.60 6.17
C VAL B 270 22.25 7.97 5.80
N ASN B 271 21.58 8.79 6.62
CA ASN B 271 20.25 9.28 6.23
C ASN B 271 20.03 10.75 6.63
N PRO B 272 20.89 11.66 6.13
CA PRO B 272 21.04 13.00 6.71
C PRO B 272 19.80 13.89 6.71
N ARG B 273 18.86 13.68 5.79
CA ARG B 273 17.65 14.50 5.78
C ARG B 273 16.42 13.60 5.77
N LEU B 274 16.56 12.38 6.26
CA LEU B 274 15.45 11.43 6.35
C LEU B 274 14.78 11.23 5.00
N GLU B 275 15.59 11.18 3.95
CA GLU B 275 15.10 10.94 2.59
C GLU B 275 15.02 9.46 2.27
N LYS B 276 15.88 8.66 2.90
CA LYS B 276 16.01 7.25 2.57
C LYS B 276 15.21 6.33 3.48
N ALA B 277 14.67 5.27 2.89
CA ALA B 277 14.07 4.19 3.66
C ALA B 277 15.14 3.52 4.52
N ILE B 278 14.77 3.10 5.73
CA ILE B 278 15.72 2.46 6.61
C ILE B 278 15.46 0.96 6.77
N HIS B 279 16.53 0.20 6.57
CA HIS B 279 16.60 -1.20 6.93
C HIS B 279 17.33 -1.32 8.27
N LEU B 280 16.60 -1.68 9.31
CA LEU B 280 17.18 -1.82 10.64
C LEU B 280 17.48 -3.29 10.96
N SER B 281 18.76 -3.65 10.93
CA SER B 281 19.18 -5.00 11.15
C SER B 281 19.71 -5.12 12.57
N PHE B 282 18.87 -5.65 13.46
CA PHE B 282 19.19 -5.72 14.88
C PHE B 282 19.60 -7.12 15.35
N ASP B 283 20.88 -7.30 15.66
CA ASP B 283 21.34 -8.56 16.26
C ASP B 283 21.08 -8.52 17.76
N ILE B 284 20.35 -9.51 18.28
CA ILE B 284 20.01 -9.49 19.69
C ILE B 284 21.31 -9.48 20.54
N ASP B 285 22.42 -9.98 20.02
CA ASP B 285 23.65 -10.00 20.81
C ASP B 285 24.35 -8.63 20.88
N ALA B 286 23.71 -7.60 20.34
CA ALA B 286 24.20 -6.25 20.50
C ALA B 286 23.96 -5.84 21.94
N LEU B 287 22.83 -6.32 22.48
CA LEU B 287 22.46 -6.07 23.86
C LEU B 287 23.38 -6.85 24.78
N ASP B 288 23.64 -6.30 25.96
CA ASP B 288 24.45 -7.01 26.94
C ASP B 288 23.89 -8.41 27.25
N PRO B 289 24.78 -9.41 27.39
CA PRO B 289 24.41 -10.78 27.76
C PRO B 289 23.51 -10.89 29.00
N LEU B 290 23.58 -9.90 29.87
CA LEU B 290 22.78 -9.87 31.07
C LEU B 290 21.28 -9.72 30.79
N VAL B 291 20.94 -9.11 29.65
CA VAL B 291 19.53 -8.96 29.27
C VAL B 291 19.17 -9.83 28.08
N ALA B 292 20.19 -10.30 27.35
CA ALA B 292 19.93 -11.20 26.23
C ALA B 292 20.92 -12.36 26.21
N PRO B 293 20.83 -13.24 27.21
CA PRO B 293 21.81 -14.33 27.28
C PRO B 293 21.60 -15.43 26.21
N SER B 294 20.38 -15.62 25.70
CA SER B 294 20.14 -16.77 24.82
C SER B 294 20.49 -16.48 23.39
N THR B 295 21.79 -16.50 23.09
CA THR B 295 22.24 -16.23 21.74
C THR B 295 23.60 -16.86 21.58
N GLY B 296 23.99 -17.09 20.34
CA GLY B 296 25.13 -17.95 20.04
C GLY B 296 26.50 -17.41 20.36
N THR B 297 26.71 -16.11 20.13
CA THR B 297 28.01 -15.50 20.40
C THR B 297 27.84 -14.24 21.27
N ALA B 298 27.66 -14.47 22.57
CA ALA B 298 27.47 -13.42 23.53
C ALA B 298 28.79 -12.73 23.80
N VAL B 299 28.75 -11.41 23.94
CA VAL B 299 29.95 -10.65 24.23
C VAL B 299 29.65 -9.65 25.33
N PRO B 300 30.37 -9.73 26.44
CA PRO B 300 30.14 -8.81 27.56
C PRO B 300 30.36 -7.36 27.18
N GLY B 301 29.75 -6.46 27.96
CA GLY B 301 29.92 -5.04 27.75
C GLY B 301 29.05 -4.47 26.66
N GLY B 302 27.83 -4.98 26.56
CA GLY B 302 26.92 -4.60 25.49
C GLY B 302 26.00 -3.44 25.80
N LEU B 303 25.16 -3.11 24.83
CA LEU B 303 24.09 -2.15 25.07
C LEU B 303 23.19 -2.60 26.22
N THR B 304 22.76 -1.62 27.02
CA THR B 304 21.68 -1.86 27.97
C THR B 304 20.39 -2.05 27.18
N LEU B 305 19.36 -2.58 27.81
CA LEU B 305 18.08 -2.69 27.13
C LEU B 305 17.64 -1.29 26.75
N ARG B 306 17.86 -0.35 27.67
CA ARG B 306 17.49 1.06 27.48
C ARG B 306 18.20 1.70 26.29
N GLU B 307 19.48 1.40 26.08
CA GLU B 307 20.15 1.97 24.91
C GLU B 307 19.58 1.39 23.62
N GLY B 308 19.23 0.11 23.65
CA GLY B 308 18.62 -0.53 22.49
C GLY B 308 17.28 0.11 22.18
N LEU B 309 16.50 0.39 23.22
CA LEU B 309 15.19 1.00 23.03
C LEU B 309 15.33 2.37 22.39
N ARG B 310 16.31 3.14 22.86
CA ARG B 310 16.55 4.47 22.30
C ARG B 310 16.87 4.39 20.81
N ILE B 311 17.75 3.47 20.44
CA ILE B 311 18.03 3.30 19.01
C ILE B 311 16.75 3.03 18.23
N CYS B 312 15.91 2.14 18.76
CA CYS B 312 14.71 1.76 18.02
C CYS B 312 13.67 2.88 18.06
N GLU B 313 13.60 3.58 19.19
CA GLU B 313 12.62 4.65 19.32
C GLU B 313 12.93 5.79 18.34
N GLU B 314 14.22 6.09 18.17
CA GLU B 314 14.62 7.21 17.34
C GLU B 314 14.44 6.86 15.87
N VAL B 315 14.91 5.68 15.50
CA VAL B 315 14.70 5.18 14.15
C VAL B 315 13.21 5.08 13.78
N SER B 316 12.40 4.54 14.68
CA SER B 316 10.97 4.46 14.42
C SER B 316 10.42 5.84 14.11
N ALA B 317 10.78 6.81 14.95
CA ALA B 317 10.26 8.17 14.89
C ALA B 317 10.68 8.97 13.65
N THR B 318 11.63 8.46 12.86
CA THR B 318 11.95 9.13 11.58
C THR B 318 10.77 9.00 10.63
N GLY B 319 9.92 8.01 10.88
CA GLY B 319 8.91 7.64 9.93
C GLY B 319 9.48 6.97 8.69
N LYS B 320 10.72 6.47 8.74
CA LYS B 320 11.35 5.84 7.56
C LYS B 320 11.74 4.40 7.82
N LEU B 321 11.27 3.83 8.93
CA LEU B 321 11.55 2.43 9.20
C LEU B 321 10.81 1.58 8.16
N SER B 322 11.57 1.00 7.24
CA SER B 322 10.97 0.22 6.19
C SER B 322 10.98 -1.26 6.56
N VAL B 323 12.12 -1.76 7.04
CA VAL B 323 12.25 -3.15 7.48
C VAL B 323 13.03 -3.24 8.78
N VAL B 324 12.49 -3.91 9.80
CA VAL B 324 13.31 -4.23 10.95
C VAL B 324 13.39 -5.72 11.06
N GLU B 325 14.62 -6.23 11.10
CA GLU B 325 14.83 -7.64 11.31
C GLU B 325 15.56 -7.83 12.62
N LEU B 326 15.17 -8.86 13.34
CA LEU B 326 15.75 -9.22 14.61
C LEU B 326 16.42 -10.60 14.54
N ALA B 327 17.74 -10.63 14.67
CA ALA B 327 18.48 -11.88 14.45
C ALA B 327 19.09 -12.51 15.71
N GLU B 328 19.31 -13.82 15.63
CA GLU B 328 20.16 -14.59 16.55
C GLU B 328 19.50 -14.98 17.88
N LEU B 329 18.17 -14.89 17.98
CA LEU B 329 17.48 -15.50 19.12
C LEU B 329 17.70 -16.99 19.07
N ASN B 330 18.13 -17.57 20.19
CA ASN B 330 18.22 -19.01 20.26
C ASN B 330 17.70 -19.55 21.59
N PRO B 331 16.39 -19.89 21.61
CA PRO B 331 15.63 -20.47 22.72
C PRO B 331 16.25 -21.75 23.29
N LEU B 332 17.20 -22.36 22.58
CA LEU B 332 17.80 -23.61 23.05
C LEU B 332 19.05 -23.36 23.88
N LEU B 333 19.48 -22.11 23.97
CA LEU B 333 20.66 -21.74 24.76
C LEU B 333 20.25 -21.21 26.12
N GLY B 334 21.01 -21.58 27.15
CA GLY B 334 20.80 -21.06 28.50
C GLY B 334 19.58 -21.62 29.21
N SER B 335 19.34 -21.15 30.42
CA SER B 335 18.23 -21.63 31.24
C SER B 335 16.87 -21.10 30.78
N GLN B 336 15.81 -21.61 31.40
CA GLN B 336 14.47 -21.14 31.07
C GLN B 336 14.36 -19.64 31.33
N GLU B 337 14.86 -19.21 32.48
CA GLU B 337 14.83 -17.80 32.83
C GLU B 337 15.70 -16.98 31.86
N ASP B 338 16.79 -17.58 31.39
CA ASP B 338 17.61 -16.97 30.35
C ASP B 338 16.78 -16.76 29.11
N VAL B 339 15.98 -17.77 28.77
CA VAL B 339 15.19 -17.69 27.56
C VAL B 339 14.06 -16.69 27.76
N LEU B 340 13.50 -16.61 28.97
CA LEU B 340 12.48 -15.61 29.23
C LEU B 340 13.06 -14.21 29.16
N LYS B 341 14.26 -14.00 29.71
CA LYS B 341 14.87 -12.67 29.63
C LYS B 341 15.12 -12.24 28.18
N THR B 342 15.66 -13.15 27.37
CA THR B 342 15.96 -12.83 25.98
C THR B 342 14.66 -12.52 25.22
N GLN B 343 13.67 -13.41 25.35
CA GLN B 343 12.35 -13.21 24.74
C GLN B 343 11.76 -11.83 25.06
N SER B 344 11.73 -11.52 26.35
CA SER B 344 11.25 -10.24 26.84
C SER B 344 11.99 -9.06 26.23
N SER B 345 13.32 -9.11 26.20
CA SER B 345 14.10 -8.03 25.60
C SER B 345 13.76 -7.85 24.12
N ALA B 346 13.56 -8.96 23.42
CA ALA B 346 13.22 -8.89 22.02
C ALA B 346 11.86 -8.20 21.84
N VAL B 347 10.92 -8.50 22.71
CA VAL B 347 9.57 -7.99 22.54
C VAL B 347 9.56 -6.48 22.76
N HIS B 348 10.24 -6.03 23.82
CA HIS B 348 10.31 -4.60 24.10
C HIS B 348 11.01 -3.85 22.93
N ILE B 349 12.06 -4.45 22.39
CA ILE B 349 12.82 -3.91 21.24
C ILE B 349 11.92 -3.80 20.01
N LEU B 350 11.22 -4.87 19.67
CA LEU B 350 10.35 -4.84 18.51
C LEU B 350 9.19 -3.84 18.71
N ARG B 351 8.58 -3.83 19.89
CA ARG B 351 7.53 -2.86 20.15
C ARG B 351 8.05 -1.45 19.95
N ALA B 352 9.27 -1.17 20.40
CA ALA B 352 9.85 0.16 20.19
C ALA B 352 9.95 0.51 18.70
N CYS B 353 10.28 -0.50 17.88
CA CYS B 353 10.44 -0.28 16.46
C CYS B 353 9.14 0.16 15.83
N LEU B 354 8.03 -0.34 16.35
CA LEU B 354 6.72 -0.02 15.78
C LEU B 354 6.10 1.24 16.38
N GLY B 355 6.80 1.89 17.30
CA GLY B 355 6.35 3.19 17.75
C GLY B 355 5.85 3.25 19.17
N HIS B 356 6.10 2.22 19.95
CA HIS B 356 5.66 2.21 21.34
C HIS B 356 6.42 3.23 22.17
N CYS B 357 5.66 4.01 22.92
CA CYS B 357 6.20 5.08 23.73
C CYS B 357 6.23 4.68 25.21
N ARG B 358 7.41 4.66 25.80
CA ARG B 358 7.50 4.37 27.22
C ARG B 358 6.81 5.48 28.04
N SER B 359 6.59 6.63 27.44
CA SER B 359 5.97 7.74 28.16
C SER B 359 4.43 7.70 28.10
N GLY B 360 3.88 6.59 27.63
CA GLY B 360 2.43 6.39 27.65
C GLY B 360 1.69 6.59 26.34
N HIS B 361 0.55 5.93 26.21
CA HIS B 361 -0.32 6.10 25.04
C HIS B 361 -1.71 6.54 25.49
N LEU B 362 -2.29 7.49 24.75
CA LEU B 362 -3.66 7.95 25.03
C LEU B 362 -4.66 6.91 24.54
N PRO B 363 -5.76 6.73 25.29
CA PRO B 363 -6.75 5.71 24.91
C PRO B 363 -7.51 6.15 23.68
N PHE B 364 -8.02 5.19 22.90
CA PHE B 364 -8.69 5.55 21.65
C PHE B 364 -10.09 6.08 21.94
N LYS B 365 -10.63 5.70 23.10
CA LYS B 365 -11.90 6.23 23.58
C LYS B 365 -11.78 6.52 25.07
N VAL B 366 -12.06 7.76 25.46
CA VAL B 366 -11.86 8.18 26.84
C VAL B 366 -13.10 7.94 27.67
N ARG B 367 -12.93 7.19 28.75
CA ARG B 367 -14.04 6.77 29.58
C ARG B 367 -14.39 7.81 30.65
N ASN B 368 -15.67 8.15 30.70
CA ASN B 368 -16.17 9.07 31.71
C ASN B 368 -17.31 8.44 32.50
N LEU B 369 -17.33 8.74 33.80
CA LEU B 369 -18.21 8.04 34.73
C LEU B 369 -19.68 8.34 34.48
N THR B 370 -20.01 9.55 34.09
CA THR B 370 -21.41 9.90 33.95
C THR B 370 -22.02 9.27 32.70
N ASP B 371 -21.17 8.86 31.76
CA ASP B 371 -21.64 8.09 30.63
C ASP B 371 -22.29 6.80 31.12
N GLN B 372 -21.62 6.14 32.05
CA GLN B 372 -22.14 4.88 32.57
C GLN B 372 -23.25 5.10 33.60
N GLY B 373 -23.63 6.36 33.78
CA GLY B 373 -24.66 6.71 34.74
C GLY B 373 -24.33 6.25 36.15
N ILE B 374 -23.18 6.68 36.66
CA ILE B 374 -22.75 6.27 37.98
C ILE B 374 -22.46 7.46 38.88
N MET B 375 -23.03 7.43 40.07
CA MET B 375 -22.78 8.44 41.07
C MET B 375 -21.28 8.59 41.37
N SER B 376 -20.67 9.68 40.90
CA SER B 376 -19.29 9.96 41.25
C SER B 376 -19.24 10.46 42.68
N ARG B 377 -18.09 10.30 43.34
CA ARG B 377 -17.96 10.79 44.71
C ARG B 377 -18.12 12.31 44.74
N ALA B 378 -17.64 12.97 43.70
CA ALA B 378 -17.73 14.42 43.61
C ALA B 378 -19.20 14.84 43.58
N ALA B 379 -19.96 14.20 42.69
CA ALA B 379 -21.39 14.44 42.58
C ALA B 379 -22.08 14.26 43.94
N HIS B 380 -21.85 13.09 44.53
CA HIS B 380 -22.53 12.74 45.78
C HIS B 380 -22.36 13.79 46.89
N MET B 381 -21.19 14.41 46.95
CA MET B 381 -20.86 15.23 48.12
C MET B 381 -21.38 16.66 48.01
N GLN B 382 -21.56 17.19 46.81
CA GLN B 382 -22.15 18.52 46.72
C GLN B 382 -23.66 18.42 46.68
N THR B 383 -24.19 17.77 47.71
CA THR B 383 -25.61 17.74 48.03
C THR B 383 -25.77 18.00 49.52
N PRO C 38 -14.17 33.76 -17.96
CA PRO C 38 -13.30 32.90 -17.16
C PRO C 38 -14.00 31.64 -16.61
N LYS C 39 -15.00 31.14 -17.33
CA LYS C 39 -15.82 30.02 -16.85
C LYS C 39 -15.45 28.70 -17.52
N LEU C 40 -15.31 27.63 -16.75
CA LEU C 40 -14.90 26.35 -17.32
C LEU C 40 -16.07 25.39 -17.39
N LEU C 41 -16.13 24.59 -18.45
CA LEU C 41 -17.16 23.56 -18.58
C LEU C 41 -16.91 22.44 -17.57
N TYR C 42 -15.64 22.07 -17.42
CA TYR C 42 -15.20 21.06 -16.47
C TYR C 42 -14.15 21.70 -15.56
N THR C 43 -14.41 21.68 -14.25
CA THR C 43 -13.46 22.26 -13.30
C THR C 43 -12.61 21.20 -12.61
N SER C 44 -13.08 19.96 -12.56
CA SER C 44 -12.19 18.90 -12.12
C SER C 44 -12.38 17.60 -12.90
N ALA C 45 -11.36 16.74 -12.88
CA ALA C 45 -11.40 15.50 -13.66
C ALA C 45 -10.78 14.35 -12.88
N ASN C 46 -11.19 13.13 -13.23
CA ASN C 46 -10.51 11.94 -12.72
C ASN C 46 -9.58 11.30 -13.76
N PHE C 47 -8.48 10.75 -13.28
CA PHE C 47 -7.48 10.08 -14.12
C PHE C 47 -7.38 8.62 -13.71
N LEU C 48 -7.41 7.74 -14.70
CA LEU C 48 -7.36 6.30 -14.43
C LEU C 48 -6.51 5.58 -15.48
N GLY C 49 -5.48 4.88 -15.02
CA GLY C 49 -4.68 4.07 -15.89
C GLY C 49 -5.20 2.64 -15.98
N ILE C 50 -5.17 2.06 -17.18
CA ILE C 50 -5.53 0.64 -17.38
C ILE C 50 -4.53 -0.01 -18.32
N PRO C 51 -3.58 -0.77 -17.78
CA PRO C 51 -2.47 -1.27 -18.61
C PRO C 51 -2.75 -2.63 -19.24
N THR C 52 -3.89 -2.77 -19.91
CA THR C 52 -4.18 -3.98 -20.67
C THR C 52 -3.10 -4.23 -21.74
N ASN C 53 -2.63 -5.48 -21.81
CA ASN C 53 -1.65 -5.89 -22.83
C ASN C 53 -1.96 -7.30 -23.36
N ARG C 54 -3.12 -7.84 -22.98
CA ARG C 54 -3.52 -9.18 -23.41
C ARG C 54 -4.59 -9.14 -24.50
N GLY C 55 -4.81 -7.97 -25.10
CA GLY C 55 -5.74 -7.87 -26.20
C GLY C 55 -5.02 -7.90 -27.53
N GLN C 56 -3.69 -7.80 -27.48
CA GLN C 56 -2.87 -7.82 -28.69
C GLN C 56 -1.45 -8.29 -28.32
N PRO C 57 -0.70 -8.85 -29.30
CA PRO C 57 0.54 -9.58 -28.96
C PRO C 57 1.77 -8.73 -28.68
N LYS C 58 1.83 -7.48 -29.13
CA LYS C 58 3.05 -6.71 -28.92
C LYS C 58 3.05 -6.19 -27.49
N ILE C 59 4.20 -6.32 -26.84
CA ILE C 59 4.32 -5.98 -25.45
C ILE C 59 4.63 -4.49 -25.37
N GLY C 60 4.01 -3.79 -24.43
CA GLY C 60 4.34 -2.39 -24.23
C GLY C 60 3.19 -1.46 -23.92
N THR C 61 1.98 -1.87 -24.30
CA THR C 61 0.81 -1.04 -24.05
C THR C 61 0.50 -0.99 -22.55
N TYR C 62 1.18 -1.84 -21.76
CA TYR C 62 1.04 -1.76 -20.31
C TYR C 62 1.77 -0.53 -19.79
N GLN C 63 2.67 0.01 -20.61
CA GLN C 63 3.42 1.19 -20.22
C GLN C 63 2.69 2.48 -20.61
N GLY C 64 1.60 2.33 -21.36
CA GLY C 64 0.79 3.46 -21.78
C GLY C 64 0.48 4.47 -20.69
N PRO C 65 -0.18 4.04 -19.61
CA PRO C 65 -0.52 5.00 -18.54
C PRO C 65 0.70 5.80 -18.03
N GLU C 66 1.81 5.11 -17.78
CA GLU C 66 3.04 5.74 -17.30
C GLU C 66 3.63 6.75 -18.28
N LEU C 67 3.40 6.51 -19.57
CA LEU C 67 3.84 7.44 -20.59
C LEU C 67 3.17 8.78 -20.40
N ILE C 68 1.95 8.78 -19.88
CA ILE C 68 1.20 10.00 -19.71
C ILE C 68 1.47 10.62 -18.34
N ARG C 69 1.61 9.78 -17.32
CA ARG C 69 2.05 10.25 -16.00
C ARG C 69 3.43 10.90 -16.08
N LYS C 70 4.37 10.29 -16.80
CA LYS C 70 5.74 10.82 -16.82
C LYS C 70 5.84 12.09 -17.68
N SER C 71 4.79 12.38 -18.44
CA SER C 71 4.74 13.61 -19.23
C SER C 71 4.26 14.76 -18.35
N ASN C 72 4.22 15.97 -18.91
CA ASN C 72 3.74 17.14 -18.18
C ASN C 72 2.24 17.37 -18.36
N PHE C 73 1.51 16.32 -18.69
CA PHE C 73 0.06 16.38 -18.83
C PHE C 73 -0.67 16.91 -17.59
N PHE C 74 -0.37 16.34 -16.42
CA PHE C 74 -0.98 16.79 -15.19
C PHE C 74 -0.77 18.28 -14.92
N GLN C 75 0.46 18.74 -15.13
CA GLN C 75 0.80 20.13 -14.89
C GLN C 75 0.06 21.08 -15.84
N LEU C 76 0.05 20.73 -17.12
CA LEU C 76 -0.62 21.55 -18.12
C LEU C 76 -2.13 21.61 -17.81
N VAL C 77 -2.67 20.53 -17.27
CA VAL C 77 -4.06 20.49 -16.84
C VAL C 77 -4.27 21.38 -15.60
N ALA C 78 -3.34 21.29 -14.65
CA ALA C 78 -3.39 22.15 -13.48
C ALA C 78 -3.44 23.62 -13.88
N GLU C 79 -2.56 24.01 -14.79
CA GLU C 79 -2.40 25.40 -15.17
C GLU C 79 -3.60 25.98 -15.90
N ASP C 80 -4.43 25.12 -16.48
CA ASP C 80 -5.63 25.59 -17.16
C ASP C 80 -6.75 25.69 -16.12
N GLY C 81 -6.40 25.34 -14.88
CA GLY C 81 -7.31 25.50 -13.75
C GLY C 81 -8.27 24.35 -13.54
N ILE C 82 -7.88 23.16 -13.97
CA ILE C 82 -8.67 21.96 -13.74
C ILE C 82 -8.00 21.19 -12.61
N GLN C 83 -8.79 20.66 -11.68
CA GLN C 83 -8.21 19.85 -10.62
C GLN C 83 -8.31 18.36 -10.96
N LEU C 84 -7.15 17.75 -11.22
CA LEU C 84 -7.10 16.38 -11.71
C LEU C 84 -6.76 15.43 -10.60
N THR C 85 -7.64 14.45 -10.36
CA THR C 85 -7.40 13.47 -9.31
C THR C 85 -6.93 12.12 -9.87
N ASP C 86 -5.69 11.76 -9.57
CA ASP C 86 -5.16 10.47 -9.99
C ASP C 86 -5.83 9.34 -9.20
N CYS C 87 -6.75 8.62 -9.82
CA CYS C 87 -7.44 7.51 -9.15
C CYS C 87 -6.72 6.17 -9.36
N GLY C 88 -5.43 6.23 -9.70
CA GLY C 88 -4.62 5.04 -9.75
C GLY C 88 -4.69 4.22 -11.04
N ASP C 89 -4.32 2.95 -10.93
CA ASP C 89 -4.41 1.99 -12.02
C ASP C 89 -5.31 0.81 -11.65
N ILE C 90 -6.02 0.29 -12.64
CA ILE C 90 -6.63 -1.03 -12.50
C ILE C 90 -5.55 -2.09 -12.79
N ILE C 91 -5.61 -3.21 -12.08
CA ILE C 91 -4.67 -4.30 -12.35
C ILE C 91 -5.35 -5.38 -13.16
N PRO C 92 -4.94 -5.52 -14.44
CA PRO C 92 -5.62 -6.50 -15.29
C PRO C 92 -5.37 -7.92 -14.79
N VAL C 93 -6.29 -8.83 -15.11
CA VAL C 93 -6.07 -10.23 -14.84
C VAL C 93 -5.29 -10.84 -16.02
N GLU C 94 -4.09 -11.34 -15.76
CA GLU C 94 -3.31 -11.98 -16.82
C GLU C 94 -2.98 -13.42 -16.47
N LEU C 95 -3.90 -14.32 -16.81
CA LEU C 95 -3.72 -15.76 -16.66
C LEU C 95 -2.58 -16.33 -17.52
N ASN C 96 -2.14 -17.56 -17.22
CA ASN C 96 -1.12 -18.18 -18.07
C ASN C 96 -1.77 -19.12 -19.09
N GLU C 97 -0.98 -19.58 -20.06
CA GLU C 97 -1.51 -20.40 -21.17
C GLU C 97 -2.35 -21.57 -20.73
N ALA C 98 -1.87 -22.28 -19.72
CA ALA C 98 -2.57 -23.48 -19.25
C ALA C 98 -3.99 -23.11 -18.77
N GLU C 99 -4.10 -21.96 -18.12
CA GLU C 99 -5.38 -21.49 -17.58
C GLU C 99 -6.26 -20.84 -18.63
N ASP C 100 -5.64 -20.33 -19.69
CA ASP C 100 -6.35 -19.49 -20.64
C ASP C 100 -6.08 -19.90 -22.08
N PRO C 101 -6.52 -21.09 -22.47
CA PRO C 101 -6.27 -21.53 -23.84
C PRO C 101 -7.24 -20.90 -24.84
N GLN C 102 -6.91 -20.95 -26.12
CA GLN C 102 -7.80 -20.49 -27.16
C GLN C 102 -9.20 -21.07 -27.04
N ARG C 103 -10.21 -20.22 -27.21
CA ARG C 103 -11.59 -20.65 -27.29
C ARG C 103 -12.23 -19.85 -28.39
N PHE C 104 -12.93 -20.54 -29.31
CA PHE C 104 -13.56 -19.92 -30.48
C PHE C 104 -12.63 -18.92 -31.17
N GLY C 105 -11.34 -19.23 -31.26
CA GLY C 105 -10.39 -18.37 -31.94
C GLY C 105 -9.75 -17.30 -31.08
N MET C 106 -10.40 -16.99 -29.95
CA MET C 106 -9.96 -15.89 -29.10
C MET C 106 -8.66 -16.21 -28.37
N LYS C 107 -7.74 -15.25 -28.36
CA LYS C 107 -6.53 -15.39 -27.56
C LYS C 107 -6.71 -14.63 -26.25
N TRP C 108 -6.49 -15.34 -25.14
CA TRP C 108 -6.60 -14.80 -23.78
C TRP C 108 -8.01 -14.32 -23.38
N SER C 109 -9.03 -15.07 -23.79
CA SER C 109 -10.43 -14.68 -23.59
C SER C 109 -10.89 -14.70 -22.13
N ARG C 110 -10.28 -15.54 -21.30
CA ARG C 110 -10.65 -15.59 -19.89
C ARG C 110 -9.98 -14.45 -19.13
N SER C 111 -8.72 -14.16 -19.45
CA SER C 111 -8.09 -12.91 -18.99
C SER C 111 -8.96 -11.72 -19.38
N PHE C 112 -9.57 -11.79 -20.55
CA PHE C 112 -10.40 -10.71 -21.06
C PHE C 112 -11.67 -10.56 -20.23
N SER C 113 -12.39 -11.65 -20.03
CA SER C 113 -13.68 -11.57 -19.37
C SER C 113 -13.51 -11.07 -17.95
N LEU C 114 -12.52 -11.62 -17.25
CA LEU C 114 -12.24 -11.23 -15.87
C LEU C 114 -11.72 -9.79 -15.76
N THR C 115 -10.95 -9.35 -16.76
CA THR C 115 -10.45 -7.98 -16.71
C THR C 115 -11.60 -7.02 -17.00
N THR C 116 -12.47 -7.42 -17.91
CA THR C 116 -13.63 -6.61 -18.24
C THR C 116 -14.48 -6.32 -17.02
N LEU C 117 -14.87 -7.38 -16.32
CA LEU C 117 -15.71 -7.24 -15.14
C LEU C 117 -15.04 -6.37 -14.09
N ARG C 118 -13.73 -6.49 -13.98
CA ARG C 118 -13.00 -5.75 -12.97
C ARG C 118 -12.93 -4.27 -13.34
N ILE C 119 -12.70 -4.00 -14.63
CA ILE C 119 -12.71 -2.64 -15.14
C ILE C 119 -14.08 -2.02 -14.94
N ALA C 120 -15.11 -2.73 -15.37
CA ALA C 120 -16.48 -2.22 -15.29
C ALA C 120 -16.81 -1.76 -13.89
N GLU C 121 -16.38 -2.50 -12.88
CA GLU C 121 -16.85 -2.20 -11.53
C GLU C 121 -16.18 -0.94 -10.99
N ARG C 122 -14.89 -0.78 -11.26
CA ARG C 122 -14.18 0.41 -10.86
C ARG C 122 -14.68 1.65 -11.59
N VAL C 123 -15.01 1.49 -12.87
CA VAL C 123 -15.45 2.64 -13.64
C VAL C 123 -16.85 3.04 -13.20
N GLU C 124 -17.70 2.05 -12.97
CA GLU C 124 -19.03 2.30 -12.43
C GLU C 124 -18.97 3.09 -11.11
N GLU C 125 -18.10 2.62 -10.21
CA GLU C 125 -17.87 3.27 -8.93
C GLU C 125 -17.48 4.72 -9.13
N LEU C 126 -16.46 4.96 -9.94
CA LEU C 126 -15.95 6.30 -10.20
C LEU C 126 -17.03 7.23 -10.78
N MET C 127 -17.80 6.74 -11.75
CA MET C 127 -18.83 7.58 -12.37
C MET C 127 -19.95 7.92 -11.40
N LYS C 128 -20.12 7.13 -10.34
CA LYS C 128 -21.20 7.37 -9.39
C LYS C 128 -20.77 8.25 -8.22
N GLN C 129 -19.46 8.32 -7.97
CA GLN C 129 -18.96 9.10 -6.84
C GLN C 129 -19.08 10.59 -7.12
N SER C 142 -20.33 18.23 -13.24
CA SER C 142 -19.96 17.28 -14.29
C SER C 142 -18.46 16.95 -14.28
N THR C 143 -18.10 15.77 -13.79
CA THR C 143 -16.68 15.40 -13.66
C THR C 143 -16.24 14.33 -14.67
N PRO C 144 -15.55 14.76 -15.73
CA PRO C 144 -15.14 13.79 -16.75
C PRO C 144 -14.08 12.84 -16.22
N LEU C 145 -14.10 11.60 -16.75
CA LEU C 145 -13.10 10.62 -16.40
C LEU C 145 -12.15 10.35 -17.58
N VAL C 146 -10.88 10.67 -17.38
CA VAL C 146 -9.81 10.42 -18.36
C VAL C 146 -9.16 9.08 -18.11
N ILE C 147 -9.22 8.19 -19.10
CA ILE C 147 -8.69 6.85 -19.00
C ILE C 147 -7.55 6.61 -19.97
N VAL C 148 -6.39 6.17 -19.49
CA VAL C 148 -5.30 5.84 -20.40
C VAL C 148 -5.00 4.33 -20.40
N GLY C 149 -5.11 3.73 -21.59
CA GLY C 149 -4.71 2.35 -21.79
C GLY C 149 -3.23 2.22 -22.09
N GLY C 150 -2.76 1.01 -22.37
CA GLY C 150 -3.64 -0.14 -22.49
C GLY C 150 -4.09 -0.33 -23.92
N ASP C 151 -4.26 -1.58 -24.33
CA ASP C 151 -4.76 -1.82 -25.67
C ASP C 151 -6.27 -1.67 -25.61
N HIS C 152 -6.89 -1.61 -26.79
CA HIS C 152 -8.26 -1.14 -26.88
C HIS C 152 -9.27 -2.14 -26.32
N SER C 153 -8.80 -3.33 -25.95
CA SER C 153 -9.71 -4.35 -25.36
C SER C 153 -10.35 -3.90 -24.04
N MET C 154 -9.76 -2.91 -23.39
CA MET C 154 -10.33 -2.36 -22.16
C MET C 154 -11.73 -1.75 -22.37
N ALA C 155 -12.03 -1.37 -23.61
CA ALA C 155 -13.24 -0.63 -23.90
C ALA C 155 -14.51 -1.40 -23.54
N THR C 156 -14.45 -2.74 -23.59
CA THR C 156 -15.64 -3.52 -23.19
C THR C 156 -15.92 -3.23 -21.71
N GLY C 157 -14.87 -3.22 -20.91
CA GLY C 157 -15.02 -2.96 -19.50
C GLY C 157 -15.43 -1.52 -19.21
N THR C 158 -14.70 -0.58 -19.79
CA THR C 158 -14.94 0.82 -19.46
C THR C 158 -16.36 1.25 -19.87
N ILE C 159 -16.78 0.83 -21.07
CA ILE C 159 -18.09 1.20 -21.57
C ILE C 159 -19.19 0.54 -20.75
N LEU C 160 -18.96 -0.71 -20.36
CA LEU C 160 -19.94 -1.45 -19.58
C LEU C 160 -20.10 -0.78 -18.22
N GLY C 161 -18.97 -0.45 -17.59
CA GLY C 161 -18.99 0.19 -16.29
C GLY C 161 -19.69 1.52 -16.40
N HIS C 162 -19.27 2.30 -17.40
CA HIS C 162 -19.81 3.63 -17.65
C HIS C 162 -21.32 3.58 -17.83
N ALA C 163 -21.79 2.63 -18.63
CA ALA C 163 -23.20 2.50 -18.95
C ALA C 163 -24.02 2.09 -17.74
N GLU C 164 -23.36 1.55 -16.72
CA GLU C 164 -24.08 1.17 -15.51
C GLU C 164 -24.38 2.41 -14.68
N ALA C 165 -23.61 3.47 -14.90
CA ALA C 165 -23.84 4.73 -14.20
C ALA C 165 -24.58 5.71 -15.08
N LYS C 166 -24.50 5.54 -16.40
CA LYS C 166 -25.15 6.47 -17.33
C LYS C 166 -25.71 5.71 -18.50
N PRO C 167 -26.86 5.04 -18.30
CA PRO C 167 -27.31 4.03 -19.27
C PRO C 167 -27.69 4.59 -20.63
N ASP C 168 -27.94 5.90 -20.70
CA ASP C 168 -28.41 6.51 -21.94
C ASP C 168 -27.27 7.07 -22.81
N LEU C 169 -26.03 6.67 -22.54
CA LEU C 169 -24.87 7.25 -23.18
C LEU C 169 -24.76 6.99 -24.68
N CYS C 170 -24.00 7.83 -25.36
CA CYS C 170 -23.60 7.55 -26.74
C CYS C 170 -22.09 7.29 -26.75
N VAL C 171 -21.63 6.60 -27.80
CA VAL C 171 -20.21 6.27 -27.95
C VAL C 171 -19.66 6.81 -29.27
N LEU C 172 -18.58 7.60 -29.18
CA LEU C 172 -17.85 8.07 -30.35
C LEU C 172 -16.51 7.36 -30.42
N TRP C 173 -16.35 6.55 -31.46
CA TRP C 173 -15.21 5.67 -31.62
C TRP C 173 -14.27 6.27 -32.66
N ILE C 174 -13.12 6.76 -32.20
CA ILE C 174 -12.15 7.41 -33.07
C ILE C 174 -10.98 6.44 -33.26
N ASP C 175 -10.80 5.97 -34.50
CA ASP C 175 -10.02 4.77 -34.76
C ASP C 175 -9.85 4.51 -36.26
N ALA C 176 -8.70 3.95 -36.65
CA ALA C 176 -8.53 3.45 -38.00
C ALA C 176 -9.29 2.13 -38.19
N HIS C 177 -9.58 1.45 -37.07
CA HIS C 177 -10.18 0.12 -37.07
C HIS C 177 -11.57 0.08 -36.42
N GLY C 178 -12.39 -0.90 -36.83
CA GLY C 178 -13.76 -0.99 -36.35
C GLY C 178 -13.92 -1.58 -34.96
N ASP C 179 -12.96 -2.44 -34.58
CA ASP C 179 -12.92 -3.08 -33.27
C ASP C 179 -14.25 -3.70 -32.89
N ILE C 180 -14.92 -4.27 -33.90
CA ILE C 180 -16.29 -4.77 -33.70
C ILE C 180 -16.41 -6.19 -34.28
N ASN C 181 -15.28 -6.87 -34.45
CA ASN C 181 -15.30 -8.25 -34.94
C ASN C 181 -16.01 -9.14 -33.94
N THR C 182 -16.89 -10.00 -34.43
CA THR C 182 -17.44 -11.07 -33.61
C THR C 182 -16.43 -12.21 -33.66
N PRO C 183 -16.24 -12.91 -32.53
CA PRO C 183 -15.16 -13.90 -32.33
C PRO C 183 -14.90 -14.86 -33.51
N LEU C 184 -15.95 -15.43 -34.09
CA LEU C 184 -15.74 -16.42 -35.16
C LEU C 184 -15.29 -15.80 -36.48
N ASN C 185 -15.33 -14.47 -36.57
CA ASN C 185 -14.92 -13.80 -37.80
C ASN C 185 -13.56 -13.14 -37.66
N SER C 186 -12.97 -13.27 -36.48
CA SER C 186 -11.69 -12.66 -36.22
C SER C 186 -10.58 -13.50 -36.79
N ALA C 187 -9.94 -13.00 -37.84
CA ALA C 187 -8.74 -13.65 -38.36
C ALA C 187 -7.57 -13.61 -37.37
N SER C 188 -7.53 -12.60 -36.50
CA SER C 188 -6.37 -12.41 -35.60
C SER C 188 -6.52 -13.14 -34.27
N GLY C 189 -7.74 -13.25 -33.77
CA GLY C 189 -7.97 -13.76 -32.43
C GLY C 189 -7.56 -12.75 -31.37
N ASN C 190 -7.20 -11.55 -31.83
CA ASN C 190 -6.76 -10.50 -30.94
C ASN C 190 -7.96 -9.75 -30.36
N MET C 191 -8.09 -9.82 -29.03
CA MET C 191 -9.25 -9.25 -28.35
C MET C 191 -9.43 -7.75 -28.60
N HIS C 192 -8.36 -7.02 -28.88
CA HIS C 192 -8.50 -5.58 -29.10
C HIS C 192 -9.20 -5.23 -30.42
N GLY C 193 -9.68 -6.24 -31.14
CA GLY C 193 -10.38 -6.05 -32.40
C GLY C 193 -11.84 -6.48 -32.32
N MET C 194 -12.25 -6.86 -31.13
CA MET C 194 -13.61 -7.32 -30.84
C MET C 194 -14.37 -6.57 -29.76
N PRO C 195 -13.80 -5.51 -29.13
CA PRO C 195 -14.43 -5.13 -27.87
C PRO C 195 -15.84 -4.57 -28.02
N LEU C 196 -16.17 -3.99 -29.16
CA LEU C 196 -17.53 -3.47 -29.35
C LEU C 196 -18.55 -4.58 -29.57
N SER C 197 -18.12 -5.73 -30.10
CA SER C 197 -19.07 -6.77 -30.50
C SER C 197 -19.86 -7.32 -29.30
N PHE C 198 -19.22 -7.47 -28.15
CA PHE C 198 -19.89 -7.99 -26.97
C PHE C 198 -20.90 -6.99 -26.38
N LEU C 199 -20.76 -5.72 -26.76
CA LEU C 199 -21.58 -4.64 -26.22
C LEU C 199 -22.83 -4.28 -27.06
N VAL C 200 -22.81 -4.62 -28.34
CA VAL C 200 -23.90 -4.25 -29.24
C VAL C 200 -25.01 -5.30 -29.24
N LYS C 201 -26.15 -4.92 -28.68
CA LYS C 201 -27.33 -5.77 -28.57
C LYS C 201 -27.67 -6.51 -29.87
N GLU C 202 -27.58 -5.78 -30.98
CA GLU C 202 -27.89 -6.32 -32.30
C GLU C 202 -26.99 -7.49 -32.71
N LEU C 203 -25.77 -7.53 -32.19
CA LEU C 203 -24.82 -8.57 -32.59
C LEU C 203 -24.80 -9.80 -31.66
N GLN C 204 -25.73 -9.87 -30.71
CA GLN C 204 -25.63 -10.90 -29.68
C GLN C 204 -25.87 -12.33 -30.20
N ASP C 205 -26.62 -12.47 -31.28
CA ASP C 205 -26.77 -13.78 -31.91
C ASP C 205 -25.48 -14.20 -32.67
N GLN C 206 -24.44 -13.36 -32.66
CA GLN C 206 -23.16 -13.74 -33.27
C GLN C 206 -22.07 -13.91 -32.23
N ILE C 207 -22.42 -13.77 -30.95
CA ILE C 207 -21.46 -14.02 -29.88
C ILE C 207 -21.65 -15.42 -29.32
N PRO C 208 -20.58 -16.22 -29.31
CA PRO C 208 -20.62 -17.59 -28.79
C PRO C 208 -20.83 -17.61 -27.30
N TRP C 209 -21.70 -18.48 -26.81
CA TRP C 209 -21.92 -18.55 -25.37
C TRP C 209 -20.69 -19.08 -24.65
N LEU C 210 -20.30 -18.38 -23.60
CA LEU C 210 -19.28 -18.84 -22.69
C LEU C 210 -19.72 -18.42 -21.30
N ASP C 211 -19.71 -19.35 -20.36
CA ASP C 211 -20.25 -19.07 -19.03
C ASP C 211 -19.61 -17.82 -18.39
N ASP C 212 -18.29 -17.69 -18.48
CA ASP C 212 -17.62 -16.54 -17.91
C ASP C 212 -17.88 -15.26 -18.69
N PHE C 213 -18.66 -15.32 -19.76
CA PHE C 213 -19.01 -14.11 -20.50
C PHE C 213 -20.42 -13.63 -20.18
N GLU C 214 -21.01 -14.21 -19.13
CA GLU C 214 -22.42 -13.98 -18.82
C GLU C 214 -22.66 -12.61 -18.19
N GLY C 215 -21.75 -12.19 -17.32
CA GLY C 215 -21.86 -10.89 -16.71
C GLY C 215 -21.49 -9.75 -17.63
N ILE C 216 -21.08 -10.06 -18.86
CA ILE C 216 -20.79 -9.03 -19.84
C ILE C 216 -22.04 -8.75 -20.65
N LYS C 217 -22.83 -7.77 -20.17
CA LYS C 217 -24.15 -7.48 -20.73
C LYS C 217 -24.05 -6.49 -21.87
N PRO C 218 -24.63 -6.83 -23.02
CA PRO C 218 -24.71 -5.92 -24.16
C PRO C 218 -25.52 -4.68 -23.80
N CYS C 219 -24.87 -3.53 -23.74
CA CYS C 219 -25.52 -2.33 -23.19
C CYS C 219 -25.61 -1.18 -24.19
N LEU C 220 -25.22 -1.40 -25.45
CA LEU C 220 -25.35 -0.38 -26.49
C LEU C 220 -26.25 -0.85 -27.62
N ASN C 221 -27.02 0.08 -28.16
CA ASN C 221 -27.67 -0.14 -29.45
C ASN C 221 -26.74 0.33 -30.53
N ALA C 222 -26.77 -0.38 -31.66
CA ALA C 222 -26.03 0.01 -32.84
C ALA C 222 -26.22 1.51 -33.12
N SER C 223 -27.38 2.02 -32.78
CA SER C 223 -27.74 3.41 -33.07
C SER C 223 -27.10 4.44 -32.14
N ASN C 224 -26.40 3.97 -31.11
CA ASN C 224 -25.74 4.88 -30.16
C ASN C 224 -24.25 5.06 -30.42
N ILE C 225 -23.73 4.36 -31.44
CA ILE C 225 -22.31 4.44 -31.80
C ILE C 225 -22.08 5.20 -33.11
N ALA C 226 -21.06 6.05 -33.12
CA ALA C 226 -20.58 6.65 -34.37
C ALA C 226 -19.08 6.51 -34.45
N TYR C 227 -18.58 6.10 -35.63
CA TYR C 227 -17.14 5.99 -35.91
C TYR C 227 -16.58 7.20 -36.65
N ILE C 228 -15.39 7.66 -36.26
CA ILE C 228 -14.64 8.62 -37.07
C ILE C 228 -13.21 8.14 -37.28
N GLY C 229 -12.76 8.10 -38.54
CA GLY C 229 -11.36 7.84 -38.84
C GLY C 229 -11.04 6.51 -39.49
N LEU C 230 -12.06 5.67 -39.66
CA LEU C 230 -11.87 4.32 -40.23
C LEU C 230 -11.09 4.32 -41.55
N ARG C 231 -10.17 3.37 -41.69
CA ARG C 231 -9.46 3.20 -42.96
C ARG C 231 -8.93 1.78 -43.17
N ASP C 232 -9.32 0.87 -42.28
CA ASP C 232 -8.85 -0.50 -42.35
C ASP C 232 -9.86 -1.47 -41.69
N LEU C 233 -11.07 -1.51 -42.22
CA LEU C 233 -12.09 -2.40 -41.71
C LEU C 233 -11.92 -3.80 -42.26
N ASP C 234 -12.14 -4.81 -41.44
CA ASP C 234 -12.28 -6.16 -41.96
C ASP C 234 -13.64 -6.31 -42.69
N ALA C 235 -13.72 -7.24 -43.63
CA ALA C 235 -14.91 -7.42 -44.46
C ALA C 235 -16.18 -7.63 -43.64
N HIS C 236 -16.09 -8.40 -42.57
CA HIS C 236 -17.26 -8.69 -41.76
C HIS C 236 -17.65 -7.55 -40.83
N GLU C 237 -16.71 -6.68 -40.50
CA GLU C 237 -17.05 -5.45 -39.79
C GLU C 237 -17.85 -4.51 -40.70
N THR C 238 -17.47 -4.49 -41.96
CA THR C 238 -18.17 -3.68 -42.94
C THR C 238 -19.61 -4.17 -43.10
N HIS C 239 -19.77 -5.48 -43.23
CA HIS C 239 -21.11 -6.06 -43.34
C HIS C 239 -21.98 -5.71 -42.14
N ASP C 240 -21.43 -5.85 -40.94
CA ASP C 240 -22.24 -5.62 -39.74
C ASP C 240 -22.56 -4.15 -39.54
N ILE C 241 -21.60 -3.28 -39.80
CA ILE C 241 -21.80 -1.86 -39.58
C ILE C 241 -22.92 -1.34 -40.47
N ARG C 242 -22.92 -1.74 -41.74
CA ARG C 242 -23.95 -1.33 -42.67
C ARG C 242 -25.29 -2.01 -42.38
N LYS C 243 -25.26 -3.30 -42.10
CA LYS C 243 -26.47 -4.06 -41.80
C LYS C 243 -27.24 -3.45 -40.62
N HIS C 244 -26.52 -3.06 -39.57
CA HIS C 244 -27.21 -2.59 -38.39
C HIS C 244 -27.23 -1.06 -38.31
N GLY C 245 -26.88 -0.41 -39.41
CA GLY C 245 -26.93 1.03 -39.53
C GLY C 245 -26.15 1.79 -38.46
N ILE C 246 -25.01 1.27 -38.03
CA ILE C 246 -24.11 2.05 -37.19
C ILE C 246 -23.57 3.23 -38.01
N ALA C 247 -23.69 4.43 -37.45
CA ALA C 247 -23.11 5.64 -38.04
C ALA C 247 -21.60 5.50 -38.16
N TYR C 248 -21.05 5.84 -39.33
CA TYR C 248 -19.61 5.83 -39.46
C TYR C 248 -19.07 6.82 -40.50
N PHE C 249 -17.89 7.36 -40.22
CA PHE C 249 -17.27 8.31 -41.13
C PHE C 249 -15.80 7.94 -41.30
N THR C 250 -15.49 7.35 -42.46
CA THR C 250 -14.15 6.89 -42.82
C THR C 250 -13.26 8.07 -43.28
N MET C 251 -11.99 7.83 -43.54
CA MET C 251 -11.09 8.90 -44.01
C MET C 251 -11.50 9.39 -45.39
N LEU C 252 -12.13 8.53 -46.18
CA LEU C 252 -12.71 8.98 -47.44
C LEU C 252 -13.81 10.03 -47.15
N ASP C 253 -14.65 9.77 -46.14
CA ASP C 253 -15.64 10.76 -45.72
C ASP C 253 -14.99 12.03 -45.17
N VAL C 254 -13.92 11.88 -44.41
CA VAL C 254 -13.17 13.02 -43.93
C VAL C 254 -12.61 13.82 -45.12
N ASP C 255 -12.13 13.12 -46.15
CA ASP C 255 -11.56 13.80 -47.31
C ASP C 255 -12.64 14.58 -48.08
N ARG C 256 -13.77 13.93 -48.37
CA ARG C 256 -14.85 14.55 -49.13
CA ARG C 256 -14.86 14.54 -49.12
C ARG C 256 -15.59 15.63 -48.33
N MET C 257 -15.91 15.34 -47.08
CA MET C 257 -16.76 16.23 -46.30
C MET C 257 -16.02 17.27 -45.47
N GLY C 258 -14.77 16.96 -45.10
CA GLY C 258 -14.06 17.81 -44.17
C GLY C 258 -14.38 17.41 -42.75
N ILE C 259 -13.41 17.58 -41.84
CA ILE C 259 -13.58 17.14 -40.47
C ILE C 259 -14.73 17.90 -39.78
N GLU C 260 -14.92 19.18 -40.12
CA GLU C 260 -15.97 19.95 -39.45
C GLU C 260 -17.35 19.34 -39.71
N ALA C 261 -17.62 18.95 -40.94
CA ALA C 261 -18.91 18.36 -41.26
C ALA C 261 -19.05 16.99 -40.59
N VAL C 262 -17.98 16.18 -40.66
CA VAL C 262 -17.97 14.87 -40.03
C VAL C 262 -18.31 14.92 -38.55
N ILE C 263 -17.74 15.86 -37.82
CA ILE C 263 -18.02 15.98 -36.40
C ILE C 263 -19.48 16.38 -36.16
N LYS C 264 -19.95 17.32 -36.95
CA LYS C 264 -21.32 17.79 -36.85
C LYS C 264 -22.26 16.61 -37.05
N GLU C 265 -21.96 15.79 -38.06
CA GLU C 265 -22.82 14.69 -38.46
C GLU C 265 -22.73 13.46 -37.52
N ALA C 266 -21.56 13.25 -36.93
CA ALA C 266 -21.41 12.19 -35.96
C ALA C 266 -22.28 12.54 -34.74
N LEU C 267 -22.12 13.75 -34.21
CA LEU C 267 -22.87 14.19 -33.05
C LEU C 267 -24.37 14.16 -33.35
N LEU C 268 -24.74 14.57 -34.56
CA LEU C 268 -26.14 14.54 -34.96
C LEU C 268 -26.73 13.12 -34.98
N ALA C 269 -25.96 12.14 -35.42
CA ALA C 269 -26.47 10.77 -35.53
C ALA C 269 -26.69 10.07 -34.17
N VAL C 270 -25.89 10.38 -33.15
CA VAL C 270 -25.99 9.65 -31.89
C VAL C 270 -26.30 10.54 -30.68
N ASN C 271 -26.21 11.85 -30.83
CA ASN C 271 -26.56 12.74 -29.73
C ASN C 271 -27.18 14.05 -30.20
N PRO C 272 -28.30 13.96 -30.96
CA PRO C 272 -28.84 15.10 -31.73
C PRO C 272 -29.14 16.37 -30.93
N ARG C 273 -29.41 16.25 -29.63
CA ARG C 273 -29.76 17.43 -28.86
C ARG C 273 -28.89 17.55 -27.61
N LEU C 274 -27.74 16.89 -27.65
CA LEU C 274 -26.77 16.95 -26.55
C LEU C 274 -27.37 16.49 -25.23
N GLU C 275 -28.27 15.51 -25.31
CA GLU C 275 -28.93 15.01 -24.12
C GLU C 275 -28.14 13.89 -23.47
N LYS C 276 -27.52 13.04 -24.29
CA LYS C 276 -26.81 11.88 -23.79
C LYS C 276 -25.38 12.19 -23.32
N ALA C 277 -24.95 11.52 -22.25
CA ALA C 277 -23.54 11.57 -21.84
C ALA C 277 -22.67 10.91 -22.93
N ILE C 278 -21.44 11.38 -23.10
CA ILE C 278 -20.59 10.89 -24.19
C ILE C 278 -19.39 10.06 -23.72
N HIS C 279 -19.28 8.84 -24.24
CA HIS C 279 -18.10 7.99 -24.07
C HIS C 279 -17.20 8.16 -25.29
N LEU C 280 -16.11 8.89 -25.12
CA LEU C 280 -15.20 9.14 -26.23
C LEU C 280 -14.06 8.14 -26.19
N SER C 281 -14.05 7.20 -27.13
CA SER C 281 -13.03 6.17 -27.17
C SER C 281 -12.00 6.46 -28.27
N PHE C 282 -10.86 6.98 -27.87
CA PHE C 282 -9.86 7.45 -28.81
C PHE C 282 -8.69 6.49 -28.95
N ASP C 283 -8.67 5.73 -30.05
CA ASP C 283 -7.50 4.95 -30.41
C ASP C 283 -6.44 5.87 -31.02
N ILE C 284 -5.32 6.01 -30.34
CA ILE C 284 -4.22 6.81 -30.84
C ILE C 284 -3.86 6.50 -32.30
N ASP C 285 -4.19 5.29 -32.79
CA ASP C 285 -3.78 4.95 -34.14
C ASP C 285 -4.76 5.52 -35.18
N ALA C 286 -5.79 6.21 -34.69
CA ALA C 286 -6.63 6.99 -35.59
C ALA C 286 -5.76 8.08 -36.21
N LEU C 287 -4.79 8.58 -35.44
CA LEU C 287 -3.86 9.59 -35.94
C LEU C 287 -2.90 8.98 -36.95
N ASP C 288 -2.47 9.80 -37.90
CA ASP C 288 -1.47 9.38 -38.86
C ASP C 288 -0.20 8.90 -38.13
N PRO C 289 0.45 7.85 -38.67
CA PRO C 289 1.73 7.39 -38.13
C PRO C 289 2.84 8.47 -38.09
N LEU C 290 2.78 9.48 -38.96
CA LEU C 290 3.76 10.58 -38.87
C LEU C 290 3.68 11.35 -37.56
N VAL C 291 2.59 11.21 -36.83
CA VAL C 291 2.34 12.01 -35.64
C VAL C 291 2.16 11.10 -34.41
N ALA C 292 1.75 9.86 -34.65
CA ALA C 292 1.63 8.86 -33.61
C ALA C 292 2.23 7.51 -34.03
N PRO C 293 3.55 7.46 -34.28
CA PRO C 293 4.16 6.22 -34.78
C PRO C 293 4.19 5.09 -33.75
N SER C 294 4.27 5.37 -32.46
CA SER C 294 4.49 4.30 -31.47
C SER C 294 3.20 3.58 -31.06
N THR C 295 2.68 2.77 -31.96
CA THR C 295 1.45 2.05 -31.71
C THR C 295 1.49 0.76 -32.55
N GLY C 296 0.79 -0.27 -32.09
CA GLY C 296 0.97 -1.62 -32.63
C GLY C 296 0.46 -1.90 -34.03
N THR C 297 -0.63 -1.26 -34.43
CA THR C 297 -1.15 -1.47 -35.77
C THR C 297 -1.34 -0.13 -36.48
N ALA C 298 -0.24 0.50 -36.89
CA ALA C 298 -0.31 1.79 -37.54
C ALA C 298 -0.78 1.65 -38.99
N VAL C 299 -1.64 2.57 -39.40
CA VAL C 299 -2.15 2.57 -40.76
C VAL C 299 -1.94 3.94 -41.40
N PRO C 300 -1.25 4.00 -42.55
CA PRO C 300 -0.98 5.26 -43.25
C PRO C 300 -2.24 6.06 -43.57
N GLY C 301 -2.09 7.36 -43.82
CA GLY C 301 -3.21 8.21 -44.25
C GLY C 301 -4.22 8.50 -43.15
N GLY C 302 -3.74 8.82 -41.95
CA GLY C 302 -4.64 9.03 -40.82
C GLY C 302 -5.13 10.46 -40.63
N LEU C 303 -5.81 10.68 -39.51
CA LEU C 303 -6.15 12.03 -39.05
C LEU C 303 -4.91 12.83 -38.78
N THR C 304 -4.91 14.11 -39.14
CA THR C 304 -3.84 15.00 -38.72
C THR C 304 -4.05 15.25 -37.23
N LEU C 305 -3.04 15.79 -36.55
CA LEU C 305 -3.23 16.17 -35.16
C LEU C 305 -4.37 17.19 -35.07
N ARG C 306 -4.33 18.17 -35.97
CA ARG C 306 -5.35 19.22 -36.02
C ARG C 306 -6.76 18.65 -36.16
N GLU C 307 -6.95 17.68 -37.05
CA GLU C 307 -8.28 17.06 -37.18
C GLU C 307 -8.70 16.30 -35.90
N GLY C 308 -7.74 15.62 -35.27
CA GLY C 308 -8.02 14.92 -34.04
C GLY C 308 -8.29 15.92 -32.93
N LEU C 309 -7.56 17.03 -32.96
CA LEU C 309 -7.78 18.09 -31.99
C LEU C 309 -9.18 18.67 -32.14
N ARG C 310 -9.64 18.81 -33.38
CA ARG C 310 -10.95 19.39 -33.63
C ARG C 310 -12.06 18.50 -33.08
N ILE C 311 -11.93 17.19 -33.25
CA ILE C 311 -12.91 16.25 -32.71
C ILE C 311 -13.04 16.41 -31.21
N CYS C 312 -11.91 16.52 -30.54
CA CYS C 312 -11.90 16.59 -29.09
C CYS C 312 -12.44 17.94 -28.60
N GLU C 313 -12.09 18.99 -29.33
CA GLU C 313 -12.53 20.34 -28.98
C GLU C 313 -14.05 20.41 -29.04
N GLU C 314 -14.64 19.77 -30.05
CA GLU C 314 -16.10 19.81 -30.18
C GLU C 314 -16.76 18.91 -29.15
N VAL C 315 -16.21 17.70 -28.96
CA VAL C 315 -16.80 16.78 -28.00
C VAL C 315 -16.82 17.47 -26.64
N SER C 316 -15.67 17.99 -26.22
CA SER C 316 -15.55 18.77 -25.00
C SER C 316 -16.58 19.88 -24.88
N ALA C 317 -16.65 20.72 -25.92
CA ALA C 317 -17.48 21.92 -25.87
C ALA C 317 -18.97 21.61 -25.72
N THR C 318 -19.39 20.39 -26.00
CA THR C 318 -20.80 20.04 -25.78
C THR C 318 -21.14 20.12 -24.30
N GLY C 319 -20.14 19.92 -23.44
CA GLY C 319 -20.39 19.82 -22.01
C GLY C 319 -20.89 18.44 -21.58
N LYS C 320 -20.97 17.51 -22.54
CA LYS C 320 -21.43 16.17 -22.22
C LYS C 320 -20.30 15.13 -22.17
N LEU C 321 -19.04 15.58 -22.13
CA LEU C 321 -17.94 14.63 -22.10
C LEU C 321 -17.93 13.90 -20.76
N SER C 322 -18.36 12.66 -20.78
CA SER C 322 -18.48 11.87 -19.57
C SER C 322 -17.23 11.03 -19.29
N VAL C 323 -16.76 10.30 -20.32
CA VAL C 323 -15.51 9.54 -20.29
C VAL C 323 -14.73 9.75 -21.60
N VAL C 324 -13.42 9.90 -21.49
CA VAL C 324 -12.55 9.80 -22.64
C VAL C 324 -11.47 8.79 -22.32
N GLU C 325 -11.24 7.86 -23.24
CA GLU C 325 -10.18 6.87 -23.04
C GLU C 325 -9.24 6.95 -24.23
N LEU C 326 -7.96 6.86 -23.97
CA LEU C 326 -6.94 6.88 -25.00
C LEU C 326 -6.27 5.54 -25.02
N ALA C 327 -6.32 4.87 -26.16
CA ALA C 327 -5.88 3.47 -26.22
C ALA C 327 -4.77 3.25 -27.24
N GLU C 328 -4.03 2.16 -27.04
CA GLU C 328 -3.00 1.63 -27.96
C GLU C 328 -1.67 2.39 -27.97
N LEU C 329 -1.46 3.30 -27.03
CA LEU C 329 -0.11 3.84 -26.82
C LEU C 329 0.85 2.67 -26.57
N ASN C 330 1.95 2.60 -27.31
CA ASN C 330 2.95 1.60 -27.00
C ASN C 330 4.36 2.15 -27.01
N PRO C 331 4.89 2.46 -25.83
CA PRO C 331 6.19 3.13 -25.72
C PRO C 331 7.41 2.24 -26.05
N LEU C 332 7.18 0.94 -26.29
CA LEU C 332 8.27 0.04 -26.64
C LEU C 332 8.38 -0.13 -28.14
N LEU C 333 7.54 0.58 -28.88
CA LEU C 333 7.62 0.56 -30.34
C LEU C 333 8.23 1.86 -30.83
N GLY C 334 9.05 1.76 -31.86
CA GLY C 334 9.68 2.92 -32.45
C GLY C 334 10.91 3.43 -31.73
N SER C 335 11.49 4.48 -32.29
CA SER C 335 12.64 5.13 -31.71
C SER C 335 12.22 5.98 -30.53
N GLN C 336 13.21 6.54 -29.84
CA GLN C 336 12.92 7.41 -28.72
C GLN C 336 12.22 8.66 -29.20
N GLU C 337 12.59 9.11 -30.40
CA GLU C 337 11.92 10.25 -30.98
C GLU C 337 10.44 9.91 -31.28
N ASP C 338 10.23 8.70 -31.81
CA ASP C 338 8.90 8.22 -32.11
C ASP C 338 8.03 8.21 -30.86
N VAL C 339 8.63 7.86 -29.71
CA VAL C 339 7.88 7.82 -28.45
C VAL C 339 7.50 9.23 -27.98
N LEU C 340 8.46 10.13 -28.08
CA LEU C 340 8.20 11.55 -27.80
C LEU C 340 7.11 12.14 -28.71
N LYS C 341 7.16 11.82 -30.00
CA LYS C 341 6.12 12.31 -30.91
C LYS C 341 4.75 11.78 -30.48
N THR C 342 4.69 10.48 -30.20
CA THR C 342 3.45 9.85 -29.79
C THR C 342 2.96 10.36 -28.45
N GLN C 343 3.85 10.47 -27.47
CA GLN C 343 3.48 10.98 -26.15
C GLN C 343 2.89 12.39 -26.23
N SER C 344 3.53 13.23 -27.03
CA SER C 344 3.11 14.59 -27.23
C SER C 344 1.72 14.67 -27.86
N SER C 345 1.51 13.91 -28.93
CA SER C 345 0.20 13.90 -29.58
C SER C 345 -0.89 13.50 -28.60
N ALA C 346 -0.58 12.59 -27.70
CA ALA C 346 -1.55 12.12 -26.73
C ALA C 346 -1.88 13.21 -25.71
N VAL C 347 -0.86 13.95 -25.29
CA VAL C 347 -1.08 14.99 -24.31
C VAL C 347 -1.93 16.13 -24.91
N HIS C 348 -1.62 16.52 -26.14
CA HIS C 348 -2.42 17.55 -26.81
C HIS C 348 -3.87 17.08 -26.98
N ILE C 349 -4.03 15.84 -27.40
CA ILE C 349 -5.35 15.25 -27.58
C ILE C 349 -6.14 15.25 -26.27
N LEU C 350 -5.49 14.86 -25.17
CA LEU C 350 -6.18 14.75 -23.90
C LEU C 350 -6.46 16.12 -23.34
N ARG C 351 -5.49 17.02 -23.47
CA ARG C 351 -5.69 18.41 -23.05
C ARG C 351 -6.93 19.04 -23.67
N ALA C 352 -7.11 18.86 -24.98
CA ALA C 352 -8.28 19.36 -25.69
C ALA C 352 -9.56 18.73 -25.14
N CYS C 353 -9.52 17.44 -24.79
CA CYS C 353 -10.72 16.79 -24.29
C CYS C 353 -11.20 17.47 -23.02
N LEU C 354 -10.25 17.89 -22.19
CA LEU C 354 -10.59 18.49 -20.91
C LEU C 354 -10.99 19.97 -21.03
N GLY C 355 -10.77 20.57 -22.20
CA GLY C 355 -11.28 21.91 -22.48
C GLY C 355 -10.24 22.96 -22.88
N HIS C 356 -9.02 22.49 -23.14
CA HIS C 356 -7.95 23.40 -23.54
C HIS C 356 -8.17 23.99 -24.94
N CYS C 357 -8.16 25.32 -25.01
CA CYS C 357 -8.47 26.06 -26.23
CA CYS C 357 -8.44 25.98 -26.27
C CYS C 357 -7.20 26.60 -26.91
N ARG C 358 -6.99 26.23 -28.17
CA ARG C 358 -5.83 26.69 -28.93
C ARG C 358 -5.89 28.19 -29.24
N SER C 359 -7.06 28.78 -29.06
CA SER C 359 -7.20 30.21 -29.29
C SER C 359 -6.88 31.00 -28.03
N GLY C 360 -6.35 30.30 -27.03
CA GLY C 360 -5.90 30.97 -25.81
C GLY C 360 -6.92 31.01 -24.68
N HIS C 361 -6.40 31.17 -23.47
CA HIS C 361 -7.22 31.32 -22.27
C HIS C 361 -6.93 32.65 -21.59
N LEU C 362 -7.95 33.20 -20.94
CA LEU C 362 -7.81 34.40 -20.16
C LEU C 362 -7.22 34.00 -18.82
N PRO C 363 -6.48 34.91 -18.17
CA PRO C 363 -5.90 34.57 -16.86
C PRO C 363 -6.99 34.51 -15.81
N PHE C 364 -6.74 33.80 -14.72
CA PHE C 364 -7.72 33.75 -13.63
C PHE C 364 -7.67 35.04 -12.81
N LYS C 365 -6.63 35.81 -13.03
CA LYS C 365 -6.36 37.02 -12.28
C LYS C 365 -5.57 37.96 -13.19
N VAL C 366 -6.23 39.03 -13.64
CA VAL C 366 -5.63 39.96 -14.58
C VAL C 366 -4.56 40.80 -13.89
N ARG C 367 -3.37 40.78 -14.44
CA ARG C 367 -2.27 41.49 -13.82
C ARG C 367 -2.10 42.85 -14.46
N ASN C 368 -1.85 43.84 -13.61
CA ASN C 368 -1.57 45.18 -14.07
C ASN C 368 -0.33 45.72 -13.41
N LEU C 369 0.51 46.38 -14.19
CA LEU C 369 1.74 46.97 -13.70
C LEU C 369 1.52 47.89 -12.48
N THR C 370 0.40 48.61 -12.45
CA THR C 370 0.09 49.47 -11.30
C THR C 370 -0.11 48.68 -10.00
N ASP C 371 -0.43 47.39 -10.11
CA ASP C 371 -0.53 46.52 -8.94
C ASP C 371 0.78 46.44 -8.15
N GLN C 372 1.89 46.61 -8.85
CA GLN C 372 3.19 46.51 -8.20
C GLN C 372 3.76 47.89 -7.83
N GLY C 373 3.02 48.95 -8.15
CA GLY C 373 3.49 50.29 -7.88
C GLY C 373 4.64 50.73 -8.78
N ILE C 374 4.88 49.97 -9.84
CA ILE C 374 6.00 50.24 -10.73
C ILE C 374 5.73 51.39 -11.69
N MET C 375 6.76 52.18 -11.94
CA MET C 375 6.72 53.29 -12.90
C MET C 375 6.69 52.84 -14.38
N SER C 376 5.60 53.15 -15.08
CA SER C 376 5.49 52.74 -16.49
C SER C 376 6.19 53.73 -17.42
N ARG C 377 6.50 53.28 -18.64
CA ARG C 377 7.10 54.15 -19.64
C ARG C 377 6.16 55.31 -19.95
N ALA C 378 4.87 54.98 -20.00
CA ALA C 378 3.81 55.97 -20.21
C ALA C 378 3.85 57.05 -19.12
N ALA C 379 3.66 56.62 -17.87
CA ALA C 379 3.69 57.51 -16.71
C ALA C 379 4.93 58.39 -16.66
N HIS C 380 6.09 57.78 -16.85
CA HIS C 380 7.35 58.51 -16.82
C HIS C 380 7.42 59.60 -17.90
N MET C 381 6.84 59.32 -19.06
CA MET C 381 6.94 60.24 -20.19
C MET C 381 5.99 61.43 -20.06
N GLN C 382 4.84 61.21 -19.44
CA GLN C 382 3.89 62.31 -19.22
C GLN C 382 4.17 63.07 -17.90
N THR C 383 5.45 63.36 -17.65
CA THR C 383 5.86 64.25 -16.55
C THR C 383 7.13 65.02 -16.93
N LEU D 40 -45.48 -34.42 -1.99
CA LEU D 40 -44.04 -34.60 -1.76
C LEU D 40 -43.57 -33.86 -0.50
N LEU D 41 -42.69 -34.50 0.26
CA LEU D 41 -42.05 -33.85 1.42
C LEU D 41 -41.04 -32.78 1.00
N TYR D 42 -40.21 -33.10 0.02
CA TYR D 42 -39.21 -32.16 -0.46
C TYR D 42 -39.42 -31.87 -1.94
N THR D 43 -39.84 -30.64 -2.24
CA THR D 43 -40.16 -30.26 -3.61
C THR D 43 -38.95 -29.62 -4.30
N SER D 44 -37.91 -29.33 -3.53
CA SER D 44 -36.68 -28.75 -4.08
C SER D 44 -35.43 -29.23 -3.33
N ALA D 45 -34.36 -29.52 -4.07
CA ALA D 45 -33.12 -29.96 -3.43
C ALA D 45 -31.88 -29.19 -3.94
N ASN D 46 -30.84 -29.17 -3.12
CA ASN D 46 -29.55 -28.56 -3.47
C ASN D 46 -28.43 -29.59 -3.57
N PHE D 47 -27.67 -29.51 -4.65
CA PHE D 47 -26.61 -30.47 -4.91
C PHE D 47 -25.24 -29.81 -4.77
N LEU D 48 -24.33 -30.43 -4.02
CA LEU D 48 -23.00 -29.86 -3.84
C LEU D 48 -21.93 -30.96 -3.82
N GLY D 49 -20.96 -30.87 -4.73
CA GLY D 49 -19.83 -31.77 -4.71
C GLY D 49 -18.67 -31.27 -3.86
N ILE D 50 -17.99 -32.18 -3.18
CA ILE D 50 -16.78 -31.84 -2.43
C ILE D 50 -15.70 -32.89 -2.68
N PRO D 51 -14.82 -32.64 -3.67
CA PRO D 51 -13.83 -33.62 -4.16
C PRO D 51 -12.62 -33.76 -3.25
N THR D 52 -12.86 -34.01 -1.96
CA THR D 52 -11.79 -34.20 -1.00
C THR D 52 -10.97 -35.46 -1.32
N ASN D 53 -9.64 -35.35 -1.19
CA ASN D 53 -8.78 -36.52 -1.41
C ASN D 53 -7.61 -36.55 -0.41
N ARG D 54 -7.36 -35.42 0.26
CA ARG D 54 -6.23 -35.35 1.20
C ARG D 54 -6.59 -35.85 2.59
N GLY D 55 -7.55 -36.76 2.66
CA GLY D 55 -7.93 -37.36 3.93
C GLY D 55 -7.52 -38.82 3.96
N GLN D 56 -7.13 -39.35 2.80
CA GLN D 56 -6.78 -40.75 2.68
C GLN D 56 -5.86 -40.97 1.47
N PRO D 57 -4.95 -41.97 1.56
CA PRO D 57 -3.93 -42.29 0.54
C PRO D 57 -4.46 -42.58 -0.89
N LYS D 58 -5.49 -43.40 -1.05
CA LYS D 58 -5.98 -43.76 -2.40
C LYS D 58 -6.44 -42.55 -3.23
N ILE D 59 -5.87 -42.39 -4.41
CA ILE D 59 -6.28 -41.33 -5.34
C ILE D 59 -7.58 -41.71 -6.04
N GLY D 60 -8.51 -40.77 -6.13
CA GLY D 60 -9.75 -41.00 -6.87
C GLY D 60 -11.04 -40.53 -6.23
N THR D 61 -11.03 -40.30 -4.93
CA THR D 61 -12.25 -39.84 -4.25
C THR D 61 -12.66 -38.45 -4.76
N TYR D 62 -11.70 -37.71 -5.33
CA TYR D 62 -12.02 -36.39 -5.89
C TYR D 62 -12.93 -36.52 -7.13
N GLN D 63 -12.96 -37.68 -7.75
CA GLN D 63 -13.81 -37.89 -8.91
C GLN D 63 -15.22 -38.33 -8.49
N GLY D 64 -15.46 -38.34 -7.18
CA GLY D 64 -16.74 -38.70 -6.61
C GLY D 64 -17.92 -37.88 -7.12
N PRO D 65 -17.85 -36.54 -6.96
CA PRO D 65 -18.92 -35.67 -7.46
C PRO D 65 -19.28 -35.94 -8.93
N GLU D 66 -18.27 -36.14 -9.78
CA GLU D 66 -18.49 -36.32 -11.20
C GLU D 66 -19.17 -37.64 -11.55
N LEU D 67 -18.80 -38.69 -10.82
CA LEU D 67 -19.43 -40.00 -10.97
C LEU D 67 -20.96 -39.90 -10.87
N ILE D 68 -21.43 -38.97 -10.04
CA ILE D 68 -22.87 -38.80 -9.83
C ILE D 68 -23.50 -37.87 -10.87
N ARG D 69 -22.78 -36.81 -11.25
CA ARG D 69 -23.24 -35.91 -12.31
C ARG D 69 -23.26 -36.60 -13.70
N LYS D 70 -22.34 -37.54 -13.89
CA LYS D 70 -22.30 -38.38 -15.10
C LYS D 70 -23.55 -39.25 -15.18
N SER D 71 -23.97 -39.78 -14.04
CA SER D 71 -25.11 -40.67 -13.95
C SER D 71 -26.42 -39.98 -14.32
N ASN D 72 -27.50 -40.77 -14.39
CA ASN D 72 -28.82 -40.22 -14.65
C ASN D 72 -29.55 -39.82 -13.34
N PHE D 73 -28.79 -39.68 -12.26
CA PHE D 73 -29.30 -39.18 -10.98
C PHE D 73 -30.14 -37.91 -11.11
N PHE D 74 -29.56 -36.88 -11.73
CA PHE D 74 -30.25 -35.60 -11.88
C PHE D 74 -31.56 -35.71 -12.65
N GLN D 75 -31.59 -36.55 -13.68
CA GLN D 75 -32.79 -36.70 -14.49
C GLN D 75 -33.88 -37.49 -13.76
N LEU D 76 -33.46 -38.47 -12.95
CA LEU D 76 -34.42 -39.30 -12.20
C LEU D 76 -35.08 -38.51 -11.06
N VAL D 77 -34.27 -37.71 -10.36
CA VAL D 77 -34.76 -36.79 -9.33
C VAL D 77 -35.74 -35.79 -9.93
N ALA D 78 -35.43 -35.33 -11.14
CA ALA D 78 -36.28 -34.39 -11.87
C ALA D 78 -37.64 -34.99 -12.22
N GLU D 79 -37.67 -36.29 -12.50
CA GLU D 79 -38.89 -36.96 -12.91
C GLU D 79 -39.74 -37.36 -11.71
N ASP D 80 -39.13 -37.31 -10.53
CA ASP D 80 -39.87 -37.50 -9.27
C ASP D 80 -40.50 -36.17 -8.84
N GLY D 81 -40.37 -35.14 -9.68
CA GLY D 81 -40.99 -33.84 -9.45
C GLY D 81 -40.20 -32.92 -8.55
N ILE D 82 -38.91 -33.19 -8.39
CA ILE D 82 -38.05 -32.42 -7.50
C ILE D 82 -37.16 -31.44 -8.26
N GLN D 83 -37.12 -30.20 -7.78
CA GLN D 83 -36.30 -29.17 -8.40
C GLN D 83 -34.90 -29.21 -7.81
N LEU D 84 -33.98 -29.86 -8.51
CA LEU D 84 -32.63 -30.05 -8.00
C LEU D 84 -31.65 -29.06 -8.62
N THR D 85 -31.29 -28.03 -7.86
CA THR D 85 -30.35 -27.03 -8.35
C THR D 85 -28.91 -27.37 -7.96
N ASP D 86 -28.06 -27.56 -8.97
CA ASP D 86 -26.63 -27.81 -8.80
C ASP D 86 -25.90 -26.55 -8.29
N CYS D 87 -25.24 -26.67 -7.13
CA CYS D 87 -24.51 -25.55 -6.52
C CYS D 87 -23.00 -25.64 -6.78
N GLY D 88 -22.63 -26.36 -7.83
CA GLY D 88 -21.22 -26.55 -8.17
C GLY D 88 -20.46 -27.40 -7.16
N ASP D 89 -19.15 -27.18 -7.10
CA ASP D 89 -18.27 -27.91 -6.18
C ASP D 89 -17.61 -26.97 -5.17
N ILE D 90 -16.86 -27.57 -4.25
CA ILE D 90 -16.02 -26.83 -3.33
C ILE D 90 -14.55 -27.14 -3.64
N ILE D 91 -13.71 -26.11 -3.70
CA ILE D 91 -12.30 -26.32 -4.07
C ILE D 91 -11.44 -26.52 -2.82
N PRO D 92 -11.07 -27.79 -2.54
CA PRO D 92 -10.35 -28.14 -1.32
C PRO D 92 -8.95 -27.54 -1.30
N VAL D 93 -8.47 -27.17 -0.12
CA VAL D 93 -7.10 -26.70 0.00
C VAL D 93 -6.16 -27.91 -0.01
N GLU D 94 -5.28 -27.94 -1.00
CA GLU D 94 -4.33 -29.04 -1.12
C GLU D 94 -2.88 -28.52 -1.13
N LEU D 95 -2.39 -28.19 0.06
CA LEU D 95 -1.01 -27.71 0.23
C LEU D 95 0.02 -28.80 -0.12
N ASN D 96 1.26 -28.39 -0.35
CA ASN D 96 2.33 -29.35 -0.63
C ASN D 96 2.96 -29.86 0.68
N GLU D 97 3.83 -30.86 0.57
CA GLU D 97 4.41 -31.48 1.75
C GLU D 97 5.18 -30.49 2.61
N ALA D 98 5.86 -29.53 1.96
CA ALA D 98 6.69 -28.55 2.68
C ALA D 98 5.84 -27.63 3.55
N GLU D 99 4.71 -27.19 3.01
CA GLU D 99 3.74 -26.39 3.76
C GLU D 99 3.00 -27.22 4.83
N ASP D 100 2.78 -28.50 4.54
CA ASP D 100 1.92 -29.34 5.38
C ASP D 100 2.59 -30.62 5.90
N PRO D 101 3.60 -30.47 6.79
CA PRO D 101 4.23 -31.67 7.34
C PRO D 101 3.30 -32.40 8.30
N GLN D 102 3.72 -33.56 8.79
CA GLN D 102 2.87 -34.32 9.66
C GLN D 102 3.01 -33.80 11.11
N ARG D 103 1.86 -33.48 11.71
CA ARG D 103 1.79 -33.06 13.10
C ARG D 103 0.97 -34.05 13.95
N PHE D 104 1.56 -34.51 15.05
CA PHE D 104 0.92 -35.49 15.92
C PHE D 104 0.51 -36.75 15.17
N GLY D 105 1.25 -37.06 14.11
CA GLY D 105 0.96 -38.20 13.25
C GLY D 105 -0.02 -37.89 12.13
N MET D 106 -0.64 -36.71 12.19
CA MET D 106 -1.67 -36.34 11.21
C MET D 106 -1.11 -35.93 9.85
N LYS D 107 -1.56 -36.65 8.82
CA LYS D 107 -1.18 -36.36 7.44
C LYS D 107 -2.12 -35.33 6.81
N TRP D 108 -1.53 -34.33 6.18
CA TRP D 108 -2.27 -33.23 5.55
C TRP D 108 -3.15 -32.50 6.55
N SER D 109 -2.66 -32.36 7.78
CA SER D 109 -3.43 -31.75 8.85
C SER D 109 -3.82 -30.29 8.58
N ARG D 110 -2.93 -29.50 7.99
CA ARG D 110 -3.22 -28.08 7.72
C ARG D 110 -4.12 -27.92 6.49
N SER D 111 -3.97 -28.81 5.52
CA SER D 111 -4.88 -28.82 4.37
C SER D 111 -6.29 -29.14 4.86
N PHE D 112 -6.38 -30.08 5.81
CA PHE D 112 -7.64 -30.44 6.44
C PHE D 112 -8.31 -29.23 7.08
N SER D 113 -7.55 -28.50 7.91
CA SER D 113 -8.09 -27.42 8.72
C SER D 113 -8.57 -26.26 7.85
N LEU D 114 -7.83 -25.93 6.81
CA LEU D 114 -8.25 -24.88 5.87
C LEU D 114 -9.42 -25.36 5.00
N THR D 115 -9.42 -26.64 4.65
CA THR D 115 -10.50 -27.20 3.85
C THR D 115 -11.80 -27.23 4.65
N THR D 116 -11.70 -27.65 5.92
CA THR D 116 -12.83 -27.69 6.84
C THR D 116 -13.60 -26.35 6.89
N LEU D 117 -12.88 -25.25 7.07
CA LEU D 117 -13.50 -23.92 7.15
C LEU D 117 -14.09 -23.47 5.81
N ARG D 118 -13.45 -23.82 4.70
CA ARG D 118 -13.97 -23.46 3.38
C ARG D 118 -15.28 -24.21 3.08
N ILE D 119 -15.40 -25.41 3.63
CA ILE D 119 -16.62 -26.21 3.49
C ILE D 119 -17.72 -25.65 4.40
N ALA D 120 -17.37 -25.39 5.66
CA ALA D 120 -18.33 -24.96 6.67
C ALA D 120 -19.01 -23.66 6.26
N GLU D 121 -18.22 -22.71 5.77
CA GLU D 121 -18.75 -21.42 5.35
C GLU D 121 -19.68 -21.57 4.15
N ARG D 122 -19.31 -22.45 3.22
CA ARG D 122 -20.14 -22.71 2.04
C ARG D 122 -21.43 -23.46 2.40
N VAL D 123 -21.34 -24.42 3.32
CA VAL D 123 -22.50 -25.20 3.72
C VAL D 123 -23.45 -24.32 4.55
N GLU D 124 -22.89 -23.57 5.49
CA GLU D 124 -23.68 -22.69 6.33
C GLU D 124 -24.55 -21.74 5.52
N GLU D 125 -23.99 -21.18 4.45
CA GLU D 125 -24.70 -20.18 3.65
C GLU D 125 -25.86 -20.79 2.85
N LEU D 126 -25.64 -22.00 2.32
CA LEU D 126 -26.67 -22.71 1.58
C LEU D 126 -27.82 -23.11 2.51
N MET D 127 -27.49 -23.45 3.75
CA MET D 127 -28.50 -23.77 4.77
C MET D 127 -29.26 -22.50 5.21
N LYS D 128 -28.53 -21.40 5.37
CA LYS D 128 -29.16 -20.08 5.52
C LYS D 128 -30.05 -19.81 4.31
N SER D 142 -39.40 -28.01 2.84
CA SER D 142 -38.07 -27.41 2.93
C SER D 142 -37.06 -28.11 2.00
N THR D 143 -35.80 -27.65 2.04
CA THR D 143 -34.81 -28.00 1.01
C THR D 143 -33.59 -28.73 1.56
N PRO D 144 -33.46 -30.04 1.25
CA PRO D 144 -32.26 -30.78 1.66
C PRO D 144 -31.02 -30.41 0.82
N LEU D 145 -29.85 -30.45 1.45
CA LEU D 145 -28.58 -30.27 0.75
C LEU D 145 -27.92 -31.63 0.50
N VAL D 146 -27.87 -32.06 -0.75
CA VAL D 146 -27.25 -33.33 -1.12
C VAL D 146 -25.78 -33.17 -1.48
N ILE D 147 -24.89 -33.60 -0.59
CA ILE D 147 -23.46 -33.49 -0.81
C ILE D 147 -22.86 -34.81 -1.28
N VAL D 148 -22.02 -34.73 -2.32
CA VAL D 148 -21.26 -35.89 -2.77
C VAL D 148 -19.76 -35.63 -2.61
N GLY D 149 -19.08 -36.50 -1.86
CA GLY D 149 -17.63 -36.44 -1.77
C GLY D 149 -17.00 -37.25 -2.90
N GLY D 150 -15.68 -37.45 -2.84
CA GLY D 150 -14.85 -36.95 -1.77
C GLY D 150 -14.76 -37.97 -0.65
N ASP D 151 -13.61 -38.03 0.01
CA ASP D 151 -13.45 -38.91 1.17
C ASP D 151 -14.16 -38.27 2.38
N HIS D 152 -14.32 -39.04 3.46
CA HIS D 152 -15.24 -38.66 4.54
C HIS D 152 -14.69 -37.59 5.48
N SER D 153 -13.43 -37.23 5.33
CA SER D 153 -12.84 -36.15 6.13
C SER D 153 -13.54 -34.80 5.88
N MET D 154 -14.37 -34.75 4.84
CA MET D 154 -15.18 -33.55 4.55
C MET D 154 -16.26 -33.35 5.61
N ALA D 155 -16.56 -34.41 6.36
CA ALA D 155 -17.64 -34.40 7.33
C ALA D 155 -17.47 -33.30 8.39
N THR D 156 -16.24 -33.09 8.85
CA THR D 156 -15.96 -32.08 9.87
C THR D 156 -16.46 -30.71 9.45
N GLY D 157 -16.29 -30.38 8.17
CA GLY D 157 -16.69 -29.08 7.66
C GLY D 157 -18.17 -28.97 7.35
N THR D 158 -18.73 -30.03 6.77
CA THR D 158 -20.16 -30.05 6.43
C THR D 158 -21.03 -29.99 7.68
N ILE D 159 -20.71 -30.80 8.68
CA ILE D 159 -21.48 -30.77 9.92
C ILE D 159 -21.28 -29.42 10.61
N LEU D 160 -20.04 -28.91 10.60
CA LEU D 160 -19.73 -27.66 11.29
C LEU D 160 -20.55 -26.50 10.74
N GLY D 161 -20.66 -26.46 9.42
CA GLY D 161 -21.37 -25.39 8.75
C GLY D 161 -22.87 -25.60 8.88
N HIS D 162 -23.26 -26.87 8.87
CA HIS D 162 -24.66 -27.27 9.06
C HIS D 162 -25.12 -26.88 10.45
N ALA D 163 -24.26 -27.13 11.43
CA ALA D 163 -24.57 -26.89 12.84
C ALA D 163 -24.56 -25.42 13.21
N GLU D 164 -24.27 -24.55 12.27
CA GLU D 164 -24.28 -23.12 12.59
C GLU D 164 -25.53 -22.49 12.01
N ALA D 165 -26.16 -23.18 11.07
CA ALA D 165 -27.45 -22.77 10.57
C ALA D 165 -28.54 -23.45 11.39
N LYS D 166 -28.27 -24.68 11.83
CA LYS D 166 -29.22 -25.48 12.61
C LYS D 166 -28.51 -26.18 13.78
N PRO D 167 -28.27 -25.44 14.88
CA PRO D 167 -27.41 -25.87 16.00
C PRO D 167 -27.86 -27.14 16.70
N ASP D 168 -29.16 -27.45 16.70
CA ASP D 168 -29.68 -28.61 17.42
C ASP D 168 -30.00 -29.80 16.51
N LEU D 169 -29.21 -29.96 15.45
CA LEU D 169 -29.34 -31.12 14.57
C LEU D 169 -28.84 -32.40 15.23
N CYS D 170 -29.20 -33.54 14.65
CA CYS D 170 -28.65 -34.82 15.06
C CYS D 170 -27.91 -35.47 13.88
N VAL D 171 -27.02 -36.42 14.18
CA VAL D 171 -26.24 -37.07 13.13
C VAL D 171 -26.49 -38.58 13.08
N LEU D 172 -26.94 -39.04 11.92
CA LEU D 172 -26.98 -40.47 11.65
C LEU D 172 -25.82 -40.82 10.73
N TRP D 173 -24.84 -41.51 11.30
CA TRP D 173 -23.60 -41.88 10.61
C TRP D 173 -23.65 -43.32 10.12
N ILE D 174 -23.98 -43.50 8.84
CA ILE D 174 -24.05 -44.83 8.23
C ILE D 174 -22.68 -45.25 7.70
N ASP D 175 -22.08 -46.29 8.28
CA ASP D 175 -20.67 -46.53 8.03
C ASP D 175 -20.17 -47.89 8.56
N ALA D 176 -19.21 -48.48 7.84
CA ALA D 176 -18.45 -49.62 8.35
C ALA D 176 -17.46 -49.20 9.45
N HIS D 177 -17.03 -47.94 9.40
CA HIS D 177 -16.02 -47.43 10.34
C HIS D 177 -16.60 -46.35 11.23
N GLY D 178 -16.00 -46.19 12.41
CA GLY D 178 -16.43 -45.21 13.39
C GLY D 178 -16.04 -43.78 13.09
N ASP D 179 -14.88 -43.60 12.43
CA ASP D 179 -14.41 -42.27 12.00
C ASP D 179 -14.38 -41.27 13.14
N ILE D 180 -14.02 -41.74 14.34
CA ILE D 180 -14.05 -40.86 15.51
C ILE D 180 -12.73 -40.92 16.30
N ASN D 181 -11.70 -41.53 15.69
CA ASN D 181 -10.35 -41.57 16.27
C ASN D 181 -9.83 -40.21 16.69
N THR D 182 -9.08 -40.16 17.80
CA THR D 182 -8.40 -38.93 18.19
C THR D 182 -7.00 -38.93 17.56
N PRO D 183 -6.45 -37.74 17.26
CA PRO D 183 -5.19 -37.62 16.53
C PRO D 183 -4.08 -38.57 17.03
N LEU D 184 -3.87 -38.61 18.35
CA LEU D 184 -2.83 -39.48 18.92
C LEU D 184 -3.21 -40.95 18.99
N ASN D 185 -4.49 -41.26 18.77
CA ASN D 185 -4.97 -42.65 18.85
C ASN D 185 -5.07 -43.31 17.47
N SER D 186 -4.73 -42.56 16.42
CA SER D 186 -4.78 -43.03 15.04
C SER D 186 -3.49 -43.74 14.64
N ALA D 187 -3.60 -44.90 14.02
CA ALA D 187 -2.42 -45.63 13.54
C ALA D 187 -2.17 -45.38 12.06
N SER D 188 -3.14 -44.78 11.38
CA SER D 188 -3.00 -44.48 9.96
C SER D 188 -2.64 -43.01 9.75
N GLY D 189 -3.01 -42.17 10.71
CA GLY D 189 -2.86 -40.74 10.54
C GLY D 189 -3.74 -40.18 9.43
N ASN D 190 -4.60 -41.03 8.87
CA ASN D 190 -5.51 -40.59 7.81
C ASN D 190 -6.69 -39.83 8.39
N MET D 191 -6.91 -38.62 7.88
CA MET D 191 -7.87 -37.69 8.45
C MET D 191 -9.33 -38.09 8.20
N HIS D 192 -9.55 -38.90 7.17
CA HIS D 192 -10.90 -39.38 6.85
C HIS D 192 -11.42 -40.35 7.94
N GLY D 193 -10.52 -40.79 8.82
CA GLY D 193 -10.86 -41.68 9.91
C GLY D 193 -10.92 -41.01 11.27
N MET D 194 -10.97 -39.68 11.28
CA MET D 194 -11.22 -38.94 12.52
C MET D 194 -12.03 -37.63 12.38
N PRO D 195 -13.02 -37.57 11.44
CA PRO D 195 -13.70 -36.26 11.35
C PRO D 195 -14.59 -35.91 12.56
N LEU D 196 -15.09 -36.92 13.27
CA LEU D 196 -16.05 -36.67 14.35
C LEU D 196 -15.40 -36.17 15.65
N SER D 197 -14.20 -36.66 15.95
CA SER D 197 -13.49 -36.34 17.20
C SER D 197 -13.34 -34.84 17.44
N PHE D 198 -13.19 -34.08 16.36
CA PHE D 198 -13.13 -32.62 16.44
C PHE D 198 -14.48 -31.97 16.69
N LEU D 199 -15.57 -32.74 16.55
CA LEU D 199 -16.92 -32.17 16.68
C LEU D 199 -17.60 -32.53 18.01
N VAL D 200 -17.19 -33.65 18.58
CA VAL D 200 -17.76 -34.14 19.84
C VAL D 200 -17.17 -33.41 21.05
N LYS D 201 -18.02 -32.61 21.70
CA LYS D 201 -17.63 -31.81 22.88
C LYS D 201 -16.94 -32.67 23.95
N GLU D 202 -17.44 -33.89 24.14
CA GLU D 202 -16.92 -34.81 25.17
C GLU D 202 -15.53 -35.37 24.82
N LEU D 203 -14.99 -34.99 23.66
CA LEU D 203 -13.71 -35.53 23.20
C LEU D 203 -12.60 -34.47 23.13
N GLN D 204 -12.84 -33.29 23.69
CA GLN D 204 -11.93 -32.17 23.48
C GLN D 204 -10.69 -32.17 24.38
N ASP D 205 -10.71 -32.97 25.45
CA ASP D 205 -9.50 -33.12 26.24
C ASP D 205 -8.58 -34.18 25.63
N GLN D 206 -8.92 -34.63 24.43
CA GLN D 206 -8.12 -35.64 23.72
C GLN D 206 -7.73 -35.14 22.32
N ILE D 207 -8.01 -33.86 22.06
CA ILE D 207 -7.58 -33.19 20.84
C ILE D 207 -6.43 -32.22 21.13
N PRO D 208 -5.24 -32.49 20.57
CA PRO D 208 -4.07 -31.61 20.71
C PRO D 208 -4.31 -30.23 20.11
N TRP D 209 -3.98 -29.16 20.83
CA TRP D 209 -4.25 -27.80 20.34
C TRP D 209 -3.32 -27.38 19.21
N LEU D 210 -3.93 -26.98 18.09
CA LEU D 210 -3.23 -26.39 16.95
C LEU D 210 -3.90 -25.08 16.56
N ASP D 211 -3.10 -24.03 16.37
CA ASP D 211 -3.62 -22.68 16.19
C ASP D 211 -4.51 -22.53 14.98
N ASP D 212 -4.27 -23.37 13.97
CA ASP D 212 -5.11 -23.39 12.77
C ASP D 212 -6.37 -24.23 12.97
N PHE D 213 -6.45 -24.91 14.13
CA PHE D 213 -7.62 -25.70 14.48
C PHE D 213 -8.55 -24.91 15.38
N GLU D 214 -8.16 -23.67 15.65
CA GLU D 214 -8.96 -22.70 16.38
C GLU D 214 -10.38 -22.62 15.82
N GLY D 215 -10.49 -22.54 14.50
CA GLY D 215 -11.76 -22.28 13.84
C GLY D 215 -12.76 -23.42 13.91
N ILE D 216 -12.28 -24.62 14.22
CA ILE D 216 -13.15 -25.78 14.30
C ILE D 216 -13.78 -25.91 15.70
N LYS D 217 -14.96 -25.33 15.84
CA LYS D 217 -15.73 -25.38 17.08
C LYS D 217 -16.43 -26.73 17.24
N PRO D 218 -16.26 -27.37 18.42
CA PRO D 218 -16.99 -28.62 18.68
C PRO D 218 -18.49 -28.34 18.84
N CYS D 219 -19.29 -28.78 17.89
CA CYS D 219 -20.69 -28.37 17.83
C CYS D 219 -21.67 -29.53 18.02
N LEU D 220 -21.16 -30.68 18.44
CA LEU D 220 -22.02 -31.84 18.67
C LEU D 220 -21.89 -32.31 20.10
N ASN D 221 -22.94 -32.99 20.59
CA ASN D 221 -22.84 -33.74 21.83
C ASN D 221 -22.84 -35.22 21.50
N ALA D 222 -22.27 -36.04 22.39
CA ALA D 222 -22.18 -37.48 22.14
C ALA D 222 -23.57 -38.09 22.05
N SER D 223 -24.53 -37.41 22.65
CA SER D 223 -25.92 -37.85 22.67
C SER D 223 -26.65 -37.53 21.37
N ASN D 224 -25.99 -36.83 20.46
CA ASN D 224 -26.64 -36.42 19.23
C ASN D 224 -26.27 -37.26 18.01
N ILE D 225 -25.31 -38.17 18.17
CA ILE D 225 -24.86 -39.05 17.07
C ILE D 225 -25.40 -40.48 17.22
N ALA D 226 -25.69 -41.11 16.08
CA ALA D 226 -26.07 -42.52 16.03
C ALA D 226 -25.42 -43.25 14.85
N TYR D 227 -24.73 -44.36 15.15
CA TYR D 227 -24.08 -45.19 14.13
C TYR D 227 -24.95 -46.34 13.62
N ILE D 228 -24.94 -46.58 12.31
CA ILE D 228 -25.51 -47.82 11.73
C ILE D 228 -24.56 -48.45 10.69
N GLY D 229 -24.19 -49.72 10.91
CA GLY D 229 -23.42 -50.48 9.93
C GLY D 229 -22.00 -50.85 10.35
N LEU D 230 -21.61 -50.47 11.55
CA LEU D 230 -20.24 -50.68 12.02
C LEU D 230 -19.84 -52.16 12.00
N ARG D 231 -18.56 -52.40 11.65
CA ARG D 231 -17.96 -53.76 11.63
C ARG D 231 -16.42 -53.71 11.68
N ASP D 232 -15.85 -52.51 11.75
CA ASP D 232 -14.39 -52.34 11.69
C ASP D 232 -13.92 -51.19 12.58
N LEU D 233 -14.46 -51.14 13.80
CA LEU D 233 -14.07 -50.16 14.82
C LEU D 233 -12.64 -50.40 15.32
N ASP D 234 -11.84 -49.33 15.44
CA ASP D 234 -10.55 -49.41 16.14
C ASP D 234 -10.82 -49.48 17.64
N ALA D 235 -9.90 -50.07 18.40
CA ALA D 235 -10.09 -50.29 19.83
C ALA D 235 -10.38 -48.99 20.61
N HIS D 236 -9.71 -47.92 20.23
CA HIS D 236 -9.86 -46.67 20.94
C HIS D 236 -11.17 -45.98 20.58
N GLU D 237 -11.69 -46.28 19.40
CA GLU D 237 -13.00 -45.77 19.02
C GLU D 237 -14.10 -46.45 19.85
N THR D 238 -13.95 -47.76 20.07
CA THR D 238 -14.88 -48.54 20.87
C THR D 238 -14.91 -48.07 22.33
N HIS D 239 -13.75 -47.76 22.88
CA HIS D 239 -13.66 -47.19 24.23
C HIS D 239 -14.41 -45.86 24.33
N ASP D 240 -14.08 -44.92 23.44
CA ASP D 240 -14.69 -43.60 23.48
C ASP D 240 -16.19 -43.64 23.20
N ILE D 241 -16.60 -44.46 22.23
CA ILE D 241 -18.02 -44.61 21.89
C ILE D 241 -18.83 -45.11 23.08
N ARG D 242 -18.35 -46.18 23.72
CA ARG D 242 -19.02 -46.71 24.89
C ARG D 242 -18.94 -45.74 26.08
N LYS D 243 -17.74 -45.25 26.37
CA LYS D 243 -17.50 -44.36 27.51
C LYS D 243 -18.44 -43.15 27.52
N HIS D 244 -18.65 -42.54 26.36
CA HIS D 244 -19.50 -41.36 26.28
C HIS D 244 -20.89 -41.66 25.75
N GLY D 245 -21.28 -42.93 25.83
CA GLY D 245 -22.62 -43.38 25.52
C GLY D 245 -23.19 -42.89 24.20
N ILE D 246 -22.47 -43.18 23.11
CA ILE D 246 -22.97 -42.83 21.78
C ILE D 246 -23.80 -43.99 21.25
N ALA D 247 -25.00 -43.69 20.78
CA ALA D 247 -25.87 -44.71 20.20
C ALA D 247 -25.21 -45.36 18.99
N TYR D 248 -24.96 -46.66 19.04
CA TYR D 248 -24.35 -47.32 17.89
C TYR D 248 -24.96 -48.68 17.62
N PHE D 249 -25.14 -48.96 16.32
CA PHE D 249 -25.73 -50.22 15.88
C PHE D 249 -24.85 -50.84 14.81
N THR D 250 -24.12 -51.87 15.19
CA THR D 250 -23.23 -52.59 14.29
C THR D 250 -23.96 -53.61 13.41
N MET D 251 -23.23 -54.29 12.54
CA MET D 251 -23.83 -55.32 11.70
C MET D 251 -24.32 -56.50 12.55
N LEU D 252 -23.68 -56.71 13.71
CA LEU D 252 -24.15 -57.72 14.65
C LEU D 252 -25.52 -57.31 15.22
N ASP D 253 -25.70 -56.02 15.49
CA ASP D 253 -26.99 -55.52 15.96
C ASP D 253 -28.01 -55.63 14.83
N VAL D 254 -27.59 -55.28 13.61
CA VAL D 254 -28.48 -55.38 12.45
C VAL D 254 -28.87 -56.83 12.17
N ASP D 255 -27.96 -57.77 12.43
CA ASP D 255 -28.24 -59.20 12.29
C ASP D 255 -29.24 -59.74 13.33
N ARG D 256 -29.04 -59.37 14.59
CA ARG D 256 -29.89 -59.86 15.67
CA ARG D 256 -29.89 -59.87 15.66
C ARG D 256 -31.22 -59.11 15.74
N MET D 257 -31.21 -57.81 15.43
CA MET D 257 -32.43 -56.99 15.55
C MET D 257 -33.22 -56.79 14.26
N GLY D 258 -32.54 -56.86 13.10
CA GLY D 258 -33.14 -56.49 11.82
C GLY D 258 -33.04 -54.99 11.57
N ILE D 259 -32.87 -54.59 10.31
CA ILE D 259 -32.59 -53.18 9.98
C ILE D 259 -33.78 -52.28 10.32
N GLU D 260 -34.99 -52.83 10.29
CA GLU D 260 -36.20 -52.07 10.60
C GLU D 260 -36.17 -51.58 12.03
N ALA D 261 -35.92 -52.50 12.96
CA ALA D 261 -35.82 -52.18 14.39
C ALA D 261 -34.62 -51.28 14.68
N VAL D 262 -33.53 -51.49 13.97
CA VAL D 262 -32.33 -50.69 14.17
C VAL D 262 -32.57 -49.23 13.79
N ILE D 263 -33.19 -49.00 12.63
CA ILE D 263 -33.56 -47.65 12.23
C ILE D 263 -34.43 -46.97 13.28
N LYS D 264 -35.44 -47.71 13.75
CA LYS D 264 -36.38 -47.20 14.74
C LYS D 264 -35.69 -46.90 16.07
N GLU D 265 -34.72 -47.72 16.45
CA GLU D 265 -34.01 -47.53 17.70
C GLU D 265 -33.04 -46.36 17.59
N ALA D 266 -32.48 -46.18 16.39
CA ALA D 266 -31.48 -45.15 16.15
C ALA D 266 -32.12 -43.76 16.12
N LEU D 267 -33.25 -43.65 15.43
CA LEU D 267 -34.02 -42.41 15.38
C LEU D 267 -34.54 -42.04 16.77
N LEU D 268 -35.07 -43.03 17.48
CA LEU D 268 -35.51 -42.87 18.87
C LEU D 268 -34.40 -42.30 19.75
N ALA D 269 -33.20 -42.86 19.62
CA ALA D 269 -32.04 -42.48 20.45
C ALA D 269 -31.52 -41.03 20.26
N VAL D 270 -31.60 -40.49 19.04
CA VAL D 270 -31.06 -39.15 18.80
C VAL D 270 -32.09 -38.16 18.23
N ASN D 271 -33.26 -38.65 17.84
CA ASN D 271 -34.31 -37.75 17.39
C ASN D 271 -35.69 -38.28 17.84
N PRO D 272 -35.90 -38.32 19.16
CA PRO D 272 -37.03 -38.98 19.82
C PRO D 272 -38.40 -38.64 19.25
N ARG D 273 -38.66 -37.37 18.99
CA ARG D 273 -39.96 -36.93 18.51
C ARG D 273 -39.89 -36.24 17.15
N LEU D 274 -38.85 -36.53 16.38
CA LEU D 274 -38.63 -35.89 15.09
C LEU D 274 -38.59 -34.37 15.21
N GLU D 275 -38.00 -33.88 16.30
CA GLU D 275 -37.87 -32.44 16.56
C GLU D 275 -36.65 -31.83 15.86
N LYS D 276 -35.56 -32.61 15.76
CA LYS D 276 -34.28 -32.12 15.23
C LYS D 276 -34.09 -32.30 13.72
N ALA D 277 -33.44 -31.33 13.08
CA ALA D 277 -32.86 -31.49 11.74
C ALA D 277 -31.92 -32.69 11.71
N ILE D 278 -31.91 -33.44 10.62
CA ILE D 278 -31.06 -34.63 10.52
C ILE D 278 -29.91 -34.46 9.55
N HIS D 279 -28.68 -34.69 10.04
CA HIS D 279 -27.51 -34.79 9.18
C HIS D 279 -27.21 -36.26 8.90
N LEU D 280 -27.60 -36.73 7.73
CA LEU D 280 -27.34 -38.12 7.34
C LEU D 280 -26.02 -38.23 6.58
N SER D 281 -25.03 -38.83 7.25
CA SER D 281 -23.69 -38.99 6.70
C SER D 281 -23.51 -40.43 6.21
N PHE D 282 -23.64 -40.66 4.90
CA PHE D 282 -23.62 -42.01 4.34
C PHE D 282 -22.31 -42.36 3.63
N ASP D 283 -21.39 -43.04 4.31
CA ASP D 283 -20.22 -43.61 3.65
C ASP D 283 -20.66 -44.78 2.78
N ILE D 284 -20.26 -44.75 1.51
CA ILE D 284 -20.64 -45.81 0.58
C ILE D 284 -20.14 -47.19 1.02
N ASP D 285 -19.04 -47.24 1.79
CA ASP D 285 -18.47 -48.54 2.18
C ASP D 285 -19.24 -49.19 3.34
N ALA D 286 -20.30 -48.52 3.81
CA ALA D 286 -21.28 -49.15 4.71
C ALA D 286 -22.04 -50.25 3.97
N LEU D 287 -22.25 -50.07 2.68
CA LEU D 287 -22.82 -51.11 1.82
C LEU D 287 -21.82 -52.26 1.70
N ASP D 288 -22.32 -53.46 1.42
CA ASP D 288 -21.45 -54.60 1.22
C ASP D 288 -20.65 -54.40 -0.08
N PRO D 289 -19.37 -54.79 -0.10
CA PRO D 289 -18.50 -54.68 -1.28
C PRO D 289 -19.14 -55.22 -2.58
N LEU D 290 -20.02 -56.22 -2.46
CA LEU D 290 -20.71 -56.82 -3.60
C LEU D 290 -21.59 -55.84 -4.38
N VAL D 291 -21.94 -54.72 -3.75
CA VAL D 291 -22.76 -53.73 -4.44
C VAL D 291 -22.10 -52.36 -4.43
N ALA D 292 -21.03 -52.22 -3.65
CA ALA D 292 -20.27 -50.96 -3.55
C ALA D 292 -18.74 -51.17 -3.52
N PRO D 293 -18.17 -51.77 -4.59
CA PRO D 293 -16.75 -52.15 -4.50
C PRO D 293 -15.75 -51.01 -4.72
N SER D 294 -16.12 -50.00 -5.49
CA SER D 294 -15.18 -48.93 -5.81
C SER D 294 -15.03 -47.97 -4.63
N THR D 295 -14.29 -48.41 -3.62
CA THR D 295 -14.13 -47.60 -2.41
C THR D 295 -12.89 -48.03 -1.61
N GLY D 296 -12.25 -47.06 -0.97
CA GLY D 296 -10.93 -47.23 -0.41
C GLY D 296 -10.75 -48.31 0.64
N THR D 297 -11.67 -48.32 1.62
CA THR D 297 -11.66 -49.33 2.68
C THR D 297 -12.93 -50.19 2.62
N ALA D 298 -12.92 -51.21 1.77
CA ALA D 298 -14.02 -52.15 1.68
C ALA D 298 -13.93 -53.21 2.78
N VAL D 299 -15.07 -53.53 3.38
CA VAL D 299 -15.16 -54.56 4.43
C VAL D 299 -16.30 -55.55 4.12
N PRO D 300 -15.98 -56.84 4.02
CA PRO D 300 -16.97 -57.89 3.78
C PRO D 300 -18.07 -57.90 4.84
N GLY D 301 -19.29 -58.26 4.45
CA GLY D 301 -20.37 -58.41 5.42
C GLY D 301 -21.10 -57.14 5.77
N GLY D 302 -21.38 -56.32 4.77
CA GLY D 302 -22.05 -55.05 4.98
C GLY D 302 -23.53 -55.03 4.70
N LEU D 303 -24.12 -53.85 4.83
CA LEU D 303 -25.52 -53.66 4.50
C LEU D 303 -25.81 -54.09 3.08
N THR D 304 -26.93 -54.74 2.87
CA THR D 304 -27.42 -54.97 1.53
C THR D 304 -27.86 -53.62 1.00
N LEU D 305 -28.03 -53.52 -0.33
CA LEU D 305 -28.52 -52.28 -0.89
C LEU D 305 -29.92 -51.99 -0.33
N ARG D 306 -30.70 -53.05 -0.17
CA ARG D 306 -32.07 -52.92 0.38
C ARG D 306 -32.09 -52.36 1.81
N GLU D 307 -31.27 -52.92 2.70
CA GLU D 307 -31.05 -52.34 4.03
C GLU D 307 -30.65 -50.86 3.95
N GLY D 308 -29.62 -50.57 3.15
CA GLY D 308 -29.21 -49.19 2.89
C GLY D 308 -30.35 -48.30 2.42
N LEU D 309 -31.20 -48.82 1.52
CA LEU D 309 -32.37 -48.09 1.04
C LEU D 309 -33.39 -47.80 2.15
N ARG D 310 -33.71 -48.83 2.96
CA ARG D 310 -34.64 -48.68 4.08
C ARG D 310 -34.19 -47.60 5.06
N ILE D 311 -32.89 -47.49 5.27
CA ILE D 311 -32.34 -46.44 6.12
C ILE D 311 -32.71 -45.06 5.56
N CYS D 312 -32.49 -44.88 4.26
CA CYS D 312 -32.71 -43.59 3.60
C CYS D 312 -34.20 -43.27 3.38
N GLU D 313 -35.02 -44.29 3.16
CA GLU D 313 -36.46 -44.11 3.02
C GLU D 313 -37.06 -43.61 4.33
N GLU D 314 -36.61 -44.19 5.44
CA GLU D 314 -37.09 -43.84 6.77
C GLU D 314 -36.69 -42.42 7.18
N VAL D 315 -35.39 -42.13 7.13
CA VAL D 315 -34.87 -40.78 7.41
C VAL D 315 -35.55 -39.72 6.52
N SER D 316 -35.79 -40.06 5.25
CA SER D 316 -36.50 -39.17 4.35
C SER D 316 -37.92 -38.93 4.84
N ALA D 317 -38.67 -40.01 5.07
CA ALA D 317 -40.07 -39.95 5.42
C ALA D 317 -40.36 -39.16 6.70
N THR D 318 -39.35 -38.94 7.55
CA THR D 318 -39.51 -38.12 8.75
C THR D 318 -39.77 -36.64 8.44
N GLY D 319 -39.37 -36.19 7.25
CA GLY D 319 -39.46 -34.79 6.90
C GLY D 319 -38.31 -33.91 7.41
N LYS D 320 -37.47 -34.48 8.28
CA LYS D 320 -36.37 -33.71 8.88
C LYS D 320 -35.01 -33.95 8.22
N LEU D 321 -35.00 -34.47 7.00
CA LEU D 321 -33.72 -34.63 6.29
C LEU D 321 -33.24 -33.26 5.82
N SER D 322 -32.18 -32.78 6.48
CA SER D 322 -31.65 -31.44 6.24
C SER D 322 -30.42 -31.48 5.32
N VAL D 323 -29.46 -32.34 5.65
CA VAL D 323 -28.27 -32.57 4.83
C VAL D 323 -28.01 -34.08 4.73
N VAL D 324 -27.80 -34.57 3.50
CA VAL D 324 -27.35 -35.95 3.31
C VAL D 324 -26.06 -35.98 2.49
N GLU D 325 -24.97 -36.42 3.10
CA GLU D 325 -23.70 -36.52 2.36
C GLU D 325 -23.31 -37.97 2.07
N LEU D 326 -22.89 -38.20 0.82
CA LEU D 326 -22.44 -39.51 0.35
C LEU D 326 -20.93 -39.51 0.09
N ALA D 327 -20.18 -40.18 0.96
CA ALA D 327 -18.71 -40.12 0.98
C ALA D 327 -18.02 -41.41 0.53
N GLU D 328 -16.78 -41.25 0.04
CA GLU D 328 -15.83 -42.31 -0.29
C GLU D 328 -16.15 -43.10 -1.59
N LEU D 329 -16.92 -42.49 -2.48
CA LEU D 329 -16.94 -42.97 -3.85
C LEU D 329 -15.53 -42.80 -4.42
N ASN D 330 -14.97 -43.88 -4.93
CA ASN D 330 -13.68 -43.79 -5.59
C ASN D 330 -13.68 -44.57 -6.92
N PRO D 331 -14.07 -43.90 -8.00
CA PRO D 331 -14.22 -44.54 -9.31
C PRO D 331 -12.88 -44.87 -10.00
N LEU D 332 -11.76 -44.54 -9.36
CA LEU D 332 -10.45 -45.01 -9.83
C LEU D 332 -10.10 -46.38 -9.23
N LEU D 333 -11.04 -46.97 -8.51
CA LEU D 333 -10.81 -48.28 -7.89
C LEU D 333 -11.66 -49.37 -8.55
N GLY D 334 -11.11 -50.59 -8.60
CA GLY D 334 -11.84 -51.72 -9.18
C GLY D 334 -12.05 -51.63 -10.68
N SER D 335 -12.81 -52.57 -11.23
CA SER D 335 -13.02 -52.61 -12.67
C SER D 335 -14.03 -51.57 -13.14
N GLN D 336 -14.33 -51.62 -14.43
CA GLN D 336 -15.34 -50.75 -15.00
C GLN D 336 -16.73 -51.14 -14.51
N GLU D 337 -17.00 -52.44 -14.43
CA GLU D 337 -18.27 -52.92 -13.93
C GLU D 337 -18.39 -52.62 -12.43
N ASP D 338 -17.26 -52.67 -11.74
CA ASP D 338 -17.25 -52.35 -10.31
C ASP D 338 -17.69 -50.90 -10.09
N VAL D 339 -17.22 -50.00 -10.94
CA VAL D 339 -17.57 -48.59 -10.84
C VAL D 339 -19.04 -48.37 -11.21
N LEU D 340 -19.53 -49.06 -12.23
CA LEU D 340 -20.95 -49.00 -12.62
C LEU D 340 -21.87 -49.40 -11.46
N LYS D 341 -21.56 -50.53 -10.81
CA LYS D 341 -22.27 -50.98 -9.62
C LYS D 341 -22.27 -49.93 -8.49
N THR D 342 -21.07 -49.47 -8.12
CA THR D 342 -20.94 -48.46 -7.08
C THR D 342 -21.73 -47.20 -7.45
N GLN D 343 -21.74 -46.86 -8.74
CA GLN D 343 -22.50 -45.70 -9.24
C GLN D 343 -24.00 -45.96 -9.14
N SER D 344 -24.39 -47.16 -9.56
CA SER D 344 -25.77 -47.60 -9.44
C SER D 344 -26.27 -47.53 -7.99
N SER D 345 -25.53 -48.17 -7.09
CA SER D 345 -25.89 -48.20 -5.67
C SER D 345 -25.95 -46.79 -5.07
N ALA D 346 -24.94 -45.97 -5.37
CA ALA D 346 -24.92 -44.58 -4.94
C ALA D 346 -26.15 -43.79 -5.38
N VAL D 347 -26.64 -44.05 -6.60
CA VAL D 347 -27.75 -43.26 -7.15
C VAL D 347 -29.10 -43.71 -6.58
N HIS D 348 -29.24 -45.00 -6.29
CA HIS D 348 -30.45 -45.50 -5.65
C HIS D 348 -30.52 -45.01 -4.20
N ILE D 349 -29.38 -45.05 -3.49
CA ILE D 349 -29.30 -44.52 -2.12
C ILE D 349 -29.73 -43.05 -2.05
N LEU D 350 -29.12 -42.20 -2.88
CA LEU D 350 -29.46 -40.78 -2.93
C LEU D 350 -30.92 -40.51 -3.36
N ARG D 351 -31.43 -41.25 -4.33
CA ARG D 351 -32.82 -41.07 -4.75
C ARG D 351 -33.79 -41.28 -3.58
N ALA D 352 -33.59 -42.36 -2.83
CA ALA D 352 -34.42 -42.66 -1.67
C ALA D 352 -34.37 -41.51 -0.65
N CYS D 353 -33.19 -40.95 -0.44
CA CYS D 353 -33.03 -39.82 0.47
C CYS D 353 -33.93 -38.65 0.11
N LEU D 354 -34.09 -38.40 -1.17
CA LEU D 354 -34.90 -37.28 -1.62
C LEU D 354 -36.39 -37.66 -1.65
N GLY D 355 -36.67 -38.94 -1.41
CA GLY D 355 -38.04 -39.42 -1.29
C GLY D 355 -38.60 -40.32 -2.39
N HIS D 356 -37.74 -41.01 -3.13
CA HIS D 356 -38.26 -41.92 -4.14
C HIS D 356 -38.82 -43.17 -3.46
N CYS D 357 -39.97 -43.61 -3.95
CA CYS D 357 -40.67 -44.76 -3.39
C CYS D 357 -40.58 -45.95 -4.34
N ARG D 358 -40.10 -47.08 -3.82
CA ARG D 358 -40.00 -48.32 -4.59
C ARG D 358 -41.36 -48.92 -4.87
N SER D 359 -42.39 -48.37 -4.22
CA SER D 359 -43.76 -48.89 -4.30
C SER D 359 -44.62 -48.11 -5.29
N GLY D 360 -44.00 -47.20 -6.02
CA GLY D 360 -44.67 -46.46 -7.07
C GLY D 360 -44.99 -45.02 -6.71
N HIS D 361 -45.08 -44.18 -7.74
CA HIS D 361 -45.55 -42.81 -7.61
C HIS D 361 -46.74 -42.59 -8.53
N LEU D 362 -47.60 -41.63 -8.17
CA LEU D 362 -48.76 -41.34 -8.99
C LEU D 362 -48.45 -40.27 -10.03
N PRO D 363 -49.06 -40.37 -11.23
CA PRO D 363 -48.81 -39.38 -12.30
C PRO D 363 -49.19 -37.95 -11.91
N PHE D 364 -48.48 -36.96 -12.45
CA PHE D 364 -48.85 -35.56 -12.23
C PHE D 364 -50.12 -35.24 -12.99
N LYS D 365 -50.35 -35.96 -14.08
CA LYS D 365 -51.57 -35.87 -14.86
C LYS D 365 -51.98 -37.27 -15.30
N VAL D 366 -53.21 -37.65 -14.99
CA VAL D 366 -53.71 -38.98 -15.34
C VAL D 366 -54.20 -39.00 -16.79
N ARG D 367 -53.55 -39.83 -17.60
CA ARG D 367 -53.78 -39.79 -19.04
C ARG D 367 -54.98 -40.64 -19.48
N ASN D 368 -56.07 -39.94 -19.76
CA ASN D 368 -57.27 -40.51 -20.33
C ASN D 368 -57.01 -41.09 -21.72
N LEU D 369 -57.79 -42.09 -22.14
CA LEU D 369 -57.72 -42.55 -23.53
C LEU D 369 -58.63 -41.67 -24.39
N THR D 370 -59.71 -41.16 -23.79
CA THR D 370 -60.52 -40.12 -24.45
C THR D 370 -59.89 -38.75 -24.26
MN MN E . 10.62 41.23 14.88
MN MN F . 12.65 42.01 17.30
C1 GOL G . -2.04 56.73 11.61
O1 GOL G . -2.14 55.45 11.02
C2 GOL G . -0.59 57.18 11.53
O2 GOL G . -0.53 58.39 10.83
C3 GOL G . -0.04 57.35 12.93
O3 GOL G . 1.37 57.27 12.85
C1 GOL H . 11.28 57.21 2.76
O1 GOL H . 12.15 56.23 2.22
C2 GOL H . 10.03 56.42 3.04
O2 GOL H . 9.68 55.85 1.79
C3 GOL H . 10.44 55.28 3.98
O3 GOL H . 9.29 54.76 4.61
N NNH I . 6.42 44.01 21.17
CA NNH I . 6.65 45.42 20.88
C NNH I . 5.51 46.02 20.05
O NNH I . 5.81 47.23 19.51
CB NNH I . 7.94 45.73 20.13
CG NNH I . 8.09 44.90 18.85
ND NNH I . 9.29 45.36 18.20
CE NNH I . 10.23 44.57 17.43
NH1 NNH I . 9.89 43.14 17.28
NH2 NNH I . 11.28 45.14 16.92
OH1 NNH I . 10.68 42.31 16.59
OXT NNH I . 4.38 45.58 19.83
MN MN J . 25.07 -10.49 13.62
MN MN K . 26.34 -10.49 16.59
C1 GOL L . 29.93 -27.62 4.84
O1 GOL L . 29.31 -26.68 4.00
C2 GOL L . 28.88 -28.53 5.44
O2 GOL L . 28.92 -29.83 4.84
C3 GOL L . 29.12 -28.57 6.94
O3 GOL L . 30.42 -28.08 7.19
C1 GOL M . 16.58 -28.36 12.56
O1 GOL M . 15.23 -28.72 12.78
C2 GOL M . 16.71 -27.72 11.16
O2 GOL M . 15.47 -27.83 10.49
C3 GOL M . 17.08 -26.25 11.32
O3 GOL M . 18.43 -26.07 10.95
N NNH N . 33.21 -12.53 13.26
CA NNH N . 32.72 -13.84 13.62
C NNH N . 32.48 -14.70 12.37
O NNH N . 32.76 -14.44 11.19
CB NNH N . 31.47 -13.89 14.51
CG NNH N . 30.18 -13.37 13.86
ND NNH N . 29.10 -13.81 14.72
CE NNH N . 27.83 -13.20 15.02
NH1 NNH N . 27.53 -11.90 14.37
NH2 NNH N . 27.01 -13.77 15.84
OH1 NNH N . 26.35 -11.31 14.64
OXT NNH N . 31.89 -15.90 12.62
MN MN O . -8.79 0.37 -31.54
MN MN P . -6.99 1.01 -34.07
C1 GOL Q . -4.37 -18.07 -26.35
O1 GOL Q . -5.35 -17.93 -25.34
C2 GOL Q . -3.01 -18.19 -25.68
O2 GOL Q . -2.95 -19.40 -24.95
C3 GOL Q . -1.92 -18.21 -26.76
O3 GOL Q . -2.25 -17.27 -27.77
C1 GOL R . 4.17 -7.17 -18.92
O1 GOL R . 4.67 -6.91 -17.63
C2 GOL R . 2.82 -7.85 -18.76
O2 GOL R . 2.32 -7.59 -17.46
C3 GOL R . 1.86 -7.26 -19.80
O3 GOL R . 0.91 -8.25 -20.13
N NNH S . -9.61 -5.80 -36.99
CA NNH S . -8.28 -6.29 -36.70
C NNH S . -8.43 -7.40 -35.67
O NNH S . -9.47 -7.89 -35.22
CB NNH S . -7.26 -5.26 -36.20
CG NNH S . -7.79 -4.40 -35.05
ND NNH S . -6.67 -3.66 -34.48
CE NNH S . -6.64 -2.41 -33.76
NH1 NNH S . -7.95 -1.73 -33.54
NH2 NNH S . -5.53 -1.91 -33.33
OH1 NNH S . -7.97 -0.56 -32.87
OXT NNH S . -7.26 -7.92 -35.20
MN MN T . -16.33 -42.96 6.64
MN MN U . -16.07 -46.25 5.99
N NNH V . -10.76 -45.84 11.53
CA NNH V . -9.76 -46.15 10.54
C NNH V . -8.74 -45.01 10.49
O NNH V . -8.46 -44.19 11.37
CB NNH V . -10.23 -46.48 9.09
CG NNH V . -11.24 -45.48 8.54
ND NNH V . -11.46 -45.62 7.11
CE NNH V . -12.67 -45.28 6.38
NH1 NNH V . -13.77 -44.75 7.26
NH2 NNH V . -12.76 -45.45 5.09
OH1 NNH V . -14.97 -44.39 6.78
OXT NNH V . -8.06 -44.89 9.32
#